data_6LEK
#
_entry.id   6LEK
#
_entity_poly.entity_id   1
_entity_poly.type   'polypeptide(L)'
_entity_poly.pdbx_seq_one_letter_code
;MAHEEDGVCNSNAPCYHCDANGENCSCNCELFDCEAKKPDGSYAHPCRRCDANNICKCSCTAIPCNEDHPCHHCHEEDDG
DTHCHCSCEHSHDHHDDDTHGECTKKAPCWRCEYNADLKHDVCGCECSKLPCNDEHPCYRKEGGVVSCDCKTITCNEDHP
CYHSYEEDGVTKSDCDCEHSPGPSEHHHHHH
;
_entity_poly.pdbx_strand_id   A
#
# COMPACT_ATOMS: atom_id res chain seq x y z
N MET A 1 -13.13 10.54 0.45
CA MET A 1 -14.47 10.57 1.02
C MET A 1 -14.42 10.94 2.51
N ALA A 2 -15.56 10.85 3.18
CA ALA A 2 -15.64 11.18 4.59
C ALA A 2 -16.44 10.13 5.36
N HIS A 3 -15.94 9.74 6.51
CA HIS A 3 -16.62 8.74 7.35
C HIS A 3 -16.16 8.84 8.79
N GLU A 4 -17.12 8.79 9.72
CA GLU A 4 -16.82 8.88 11.14
C GLU A 4 -15.95 7.71 11.59
N GLU A 5 -14.77 8.04 12.11
CA GLU A 5 -13.84 7.01 12.58
C GLU A 5 -12.89 7.58 13.63
N ASP A 6 -12.10 6.70 14.24
CA ASP A 6 -11.16 7.11 15.27
C ASP A 6 -10.14 8.10 14.71
N GLY A 7 -9.22 8.55 15.57
CA GLY A 7 -8.21 9.49 15.13
C GLY A 7 -8.80 10.70 14.44
N VAL A 8 -7.93 11.54 13.88
CA VAL A 8 -8.37 12.74 13.17
C VAL A 8 -8.16 12.60 11.67
N CYS A 9 -9.15 12.04 10.99
CA CYS A 9 -9.07 11.85 9.54
C CYS A 9 -10.43 11.56 8.96
N ASN A 10 -10.77 12.23 7.86
CA ASN A 10 -12.05 12.04 7.19
C ASN A 10 -13.17 11.88 8.23
N SER A 11 -13.07 12.62 9.32
CA SER A 11 -14.07 12.55 10.39
C SER A 11 -15.45 12.91 9.84
N ASN A 12 -15.71 14.20 9.73
CA ASN A 12 -16.99 14.68 9.23
C ASN A 12 -16.82 15.97 8.44
N ALA A 13 -15.70 16.09 7.75
CA ALA A 13 -15.41 17.27 6.94
C ALA A 13 -14.06 17.16 6.27
N PRO A 14 -13.00 17.05 7.07
CA PRO A 14 -11.62 16.93 6.56
C PRO A 14 -11.37 15.59 5.89
N CYS A 15 -12.09 15.32 4.80
CA CYS A 15 -11.94 14.08 4.06
C CYS A 15 -10.49 13.85 3.68
N TYR A 16 -9.80 13.00 4.44
CA TYR A 16 -8.40 12.70 4.18
C TYR A 16 -8.08 11.26 4.55
N HIS A 17 -7.96 10.40 3.54
CA HIS A 17 -7.64 8.99 3.76
C HIS A 17 -6.14 8.76 3.79
N CYS A 18 -5.73 7.57 4.22
CA CYS A 18 -4.31 7.23 4.30
C CYS A 18 -4.04 5.90 3.60
N ASP A 19 -3.12 5.93 2.63
CA ASP A 19 -2.76 4.72 1.89
C ASP A 19 -3.06 3.47 2.70
N ALA A 20 -2.00 2.75 3.08
CA ALA A 20 -2.15 1.53 3.86
C ALA A 20 -2.72 1.83 5.25
N ASN A 21 -2.27 2.94 5.84
CA ASN A 21 -2.75 3.33 7.16
C ASN A 21 -4.26 3.53 7.15
N GLY A 22 -4.76 4.28 6.17
CA GLY A 22 -6.20 4.51 6.08
C GLY A 22 -6.99 3.24 5.88
N GLU A 23 -6.54 2.42 4.94
CA GLU A 23 -7.22 1.16 4.65
C GLU A 23 -7.08 0.17 5.81
N ASN A 24 -6.12 0.46 6.68
CA ASN A 24 -5.87 -0.41 7.85
C ASN A 24 -6.62 0.11 9.07
N CYS A 25 -6.85 1.41 9.13
CA CYS A 25 -7.55 2.02 10.24
C CYS A 25 -9.00 2.34 9.86
N SER A 26 -9.18 3.01 8.73
CA SER A 26 -10.50 3.38 8.26
C SER A 26 -10.56 3.40 6.74
N CYS A 27 -11.29 2.46 6.16
CA CYS A 27 -11.42 2.38 4.70
C CYS A 27 -12.73 3.00 4.24
N ASN A 28 -12.68 4.28 3.86
CA ASN A 28 -13.86 5.00 3.40
C ASN A 28 -13.47 6.32 2.75
N CYS A 29 -12.30 6.35 2.12
CA CYS A 29 -11.82 7.55 1.45
C CYS A 29 -10.50 7.28 0.73
N GLU A 30 -9.98 8.30 0.07
CA GLU A 30 -8.72 8.18 -0.66
C GLU A 30 -8.07 9.55 -0.87
N LEU A 31 -7.07 9.84 -0.06
CA LEU A 31 -6.36 11.11 -0.16
C LEU A 31 -5.02 11.05 0.58
N PHE A 32 -4.26 12.14 0.51
CA PHE A 32 -2.97 12.20 1.17
C PHE A 32 -3.11 12.67 2.62
N ASP A 33 -2.90 11.73 3.55
CA ASP A 33 -3.00 12.05 4.97
C ASP A 33 -1.68 11.80 5.68
N CYS A 34 -1.32 12.70 6.58
CA CYS A 34 -0.07 12.58 7.33
C CYS A 34 0.09 13.73 8.33
N GLU A 35 0.20 13.40 9.61
CA GLU A 35 0.35 14.40 10.65
C GLU A 35 0.52 13.75 12.02
N ALA A 36 1.35 14.36 12.85
CA ALA A 36 1.60 13.84 14.20
C ALA A 36 0.39 14.03 15.10
N LYS A 37 0.17 13.06 15.99
CA LYS A 37 -0.96 13.13 16.91
C LYS A 37 -0.78 12.13 18.05
N LYS A 38 -0.50 12.66 19.24
CA LYS A 38 -0.30 11.83 20.42
C LYS A 38 -0.32 12.67 21.70
N PRO A 39 -1.45 12.66 22.40
CA PRO A 39 -1.62 13.41 23.64
C PRO A 39 -0.80 12.84 24.79
N ASP A 40 -1.07 11.58 25.13
CA ASP A 40 -0.34 10.92 26.21
C ASP A 40 -0.90 9.51 26.45
N GLY A 41 -1.31 8.85 25.38
CA GLY A 41 -1.86 7.51 25.49
C GLY A 41 -1.57 6.66 24.27
N SER A 42 -1.68 7.26 23.09
CA SER A 42 -1.43 6.54 21.84
C SER A 42 -0.59 7.39 20.89
N TYR A 43 -0.31 6.85 19.71
CA TYR A 43 0.49 7.55 18.72
C TYR A 43 -0.21 7.52 17.35
N ALA A 44 -0.17 8.65 16.65
CA ALA A 44 -0.79 8.75 15.33
C ALA A 44 -0.05 9.76 14.46
N HIS A 45 1.05 9.32 13.86
CA HIS A 45 1.85 10.18 13.00
C HIS A 45 2.23 9.46 11.71
N PRO A 46 1.28 8.68 11.16
CA PRO A 46 1.50 7.91 9.93
C PRO A 46 1.60 8.82 8.70
N CYS A 47 1.62 8.20 7.53
CA CYS A 47 1.71 8.95 6.27
C CYS A 47 1.39 8.07 5.08
N ARG A 48 0.99 8.67 3.97
CA ARG A 48 0.65 7.94 2.76
C ARG A 48 1.80 7.04 2.34
N ARG A 49 2.86 7.03 3.13
CA ARG A 49 4.04 6.21 2.84
C ARG A 49 5.19 6.54 3.77
N CYS A 50 5.09 6.07 5.01
CA CYS A 50 6.12 6.33 6.01
C CYS A 50 6.10 5.27 7.11
N ASP A 51 6.94 5.45 8.12
CA ASP A 51 7.01 4.50 9.23
C ASP A 51 6.55 5.17 10.53
N ALA A 52 5.26 5.08 10.81
CA ALA A 52 4.70 5.67 12.02
C ALA A 52 3.75 4.70 12.71
N ASN A 53 2.86 5.24 13.54
CA ASN A 53 1.89 4.42 14.25
C ASN A 53 0.59 5.19 14.47
N ASN A 54 -0.54 4.55 14.15
CA ASN A 54 -1.84 5.16 14.31
C ASN A 54 -2.39 4.92 15.72
N ILE A 55 -3.45 5.64 16.07
CA ILE A 55 -4.07 5.50 17.38
C ILE A 55 -5.36 4.69 17.29
N CYS A 56 -5.22 3.37 17.42
CA CYS A 56 -6.38 2.48 17.36
C CYS A 56 -6.70 1.92 18.74
N LYS A 57 -7.71 2.49 19.39
CA LYS A 57 -8.12 2.06 20.72
C LYS A 57 -6.99 1.29 21.41
N CYS A 58 -6.12 2.03 22.10
CA CYS A 58 -4.99 1.42 22.80
C CYS A 58 -4.25 0.44 21.90
N SER A 59 -4.29 0.69 20.60
CA SER A 59 -3.63 -0.18 19.63
C SER A 59 -2.97 0.64 18.52
N CYS A 60 -1.65 0.73 18.55
CA CYS A 60 -0.90 1.48 17.55
C CYS A 60 -0.68 0.64 16.30
N THR A 61 -0.97 1.22 15.15
CA THR A 61 -0.79 0.53 13.87
C THR A 61 0.64 0.62 13.39
N ALA A 62 1.03 -0.29 12.49
CA ALA A 62 2.39 -0.30 11.95
C ALA A 62 2.38 0.08 10.48
N ILE A 63 2.94 1.25 10.17
CA ILE A 63 3.00 1.72 8.80
C ILE A 63 4.29 1.28 8.11
N PRO A 64 4.50 1.73 6.87
CA PRO A 64 5.69 1.39 6.08
C PRO A 64 6.95 2.05 6.63
N CYS A 65 7.68 2.72 5.76
CA CYS A 65 8.92 3.39 6.16
C CYS A 65 8.87 4.87 5.80
N ASN A 66 9.17 5.72 6.76
CA ASN A 66 9.16 7.17 6.55
C ASN A 66 10.40 7.61 5.79
N GLU A 67 11.51 6.92 6.02
CA GLU A 67 12.77 7.24 5.34
C GLU A 67 13.64 6.00 5.20
N ASP A 68 13.82 5.28 6.30
CA ASP A 68 14.63 4.07 6.31
C ASP A 68 14.14 3.08 7.36
N HIS A 69 12.99 2.47 7.08
CA HIS A 69 12.40 1.50 8.00
C HIS A 69 11.92 0.26 7.25
N PRO A 70 12.33 -0.92 7.75
CA PRO A 70 11.96 -2.21 7.14
C PRO A 70 10.48 -2.52 7.32
N CYS A 71 9.66 -2.06 6.38
CA CYS A 71 8.21 -2.29 6.44
C CYS A 71 7.65 -2.56 5.04
N HIS A 72 6.52 -3.25 5.00
CA HIS A 72 5.88 -3.58 3.73
C HIS A 72 4.57 -2.81 3.56
N HIS A 73 4.68 -1.49 3.42
CA HIS A 73 3.51 -0.64 3.26
C HIS A 73 3.81 0.53 2.34
N CYS A 74 2.79 1.33 2.05
CA CYS A 74 2.95 2.49 1.19
C CYS A 74 4.41 2.94 1.13
N HIS A 75 5.12 2.49 0.11
CA HIS A 75 6.53 2.83 -0.06
C HIS A 75 6.69 4.33 -0.29
N GLU A 76 7.88 4.85 0.02
CA GLU A 76 8.16 6.27 -0.15
C GLU A 76 9.42 6.47 -0.98
N GLU A 77 9.25 6.66 -2.29
CA GLU A 77 10.37 6.87 -3.19
C GLU A 77 11.27 5.64 -3.22
N ASP A 78 12.13 5.51 -2.22
CA ASP A 78 13.05 4.39 -2.13
C ASP A 78 12.91 3.68 -0.79
N ASP A 79 11.68 3.50 -0.33
CA ASP A 79 11.41 2.84 0.94
C ASP A 79 12.43 1.74 1.19
N GLY A 80 13.11 1.82 2.34
CA GLY A 80 14.10 0.83 2.69
C GLY A 80 15.48 1.45 2.89
N ASP A 81 16.42 0.63 3.35
CA ASP A 81 17.78 1.10 3.59
C ASP A 81 18.74 0.53 2.54
N THR A 82 20.04 0.69 2.77
CA THR A 82 21.05 0.20 1.86
C THR A 82 20.73 -1.22 1.40
N HIS A 83 20.82 -2.17 2.32
CA HIS A 83 20.55 -3.57 2.00
C HIS A 83 19.27 -3.70 1.18
N CYS A 84 18.21 -3.04 1.63
CA CYS A 84 16.93 -3.09 0.93
C CYS A 84 17.10 -2.73 -0.54
N HIS A 85 17.93 -1.72 -0.81
CA HIS A 85 18.19 -1.28 -2.18
C HIS A 85 18.91 -2.36 -2.97
N CYS A 86 19.77 -3.12 -2.30
CA CYS A 86 20.52 -4.19 -2.94
C CYS A 86 19.62 -5.39 -3.22
N SER A 87 18.64 -5.60 -2.35
CA SER A 87 17.72 -6.72 -2.50
C SER A 87 16.66 -6.41 -3.55
N CYS A 88 16.41 -5.13 -3.77
CA CYS A 88 15.42 -4.69 -4.75
C CYS A 88 15.99 -4.74 -6.17
N GLU A 89 17.25 -4.35 -6.30
CA GLU A 89 17.92 -4.35 -7.61
C GLU A 89 18.06 -5.77 -8.14
N HIS A 90 18.24 -6.73 -7.23
CA HIS A 90 18.40 -8.12 -7.62
C HIS A 90 17.04 -8.83 -7.63
N SER A 91 16.12 -8.37 -6.81
CA SER A 91 14.79 -8.95 -6.72
C SER A 91 13.91 -8.48 -7.87
N HIS A 92 14.08 -7.22 -8.26
CA HIS A 92 13.31 -6.64 -9.35
C HIS A 92 13.76 -7.20 -10.70
N ASP A 93 15.05 -7.52 -10.78
CA ASP A 93 15.62 -8.07 -12.02
C ASP A 93 15.16 -9.50 -12.25
N HIS A 94 14.85 -10.20 -11.16
CA HIS A 94 14.40 -11.58 -11.24
C HIS A 94 12.87 -11.66 -11.18
N HIS A 95 12.26 -10.63 -10.61
CA HIS A 95 10.80 -10.58 -10.50
C HIS A 95 10.26 -9.27 -11.04
N ASP A 96 10.81 -8.81 -12.16
CA ASP A 96 10.38 -7.55 -12.77
C ASP A 96 8.86 -7.50 -12.87
N ASP A 97 8.22 -8.66 -12.85
CA ASP A 97 6.77 -8.74 -12.93
C ASP A 97 6.12 -8.21 -11.67
N ASP A 98 6.94 -7.76 -10.73
CA ASP A 98 6.44 -7.23 -9.46
C ASP A 98 6.65 -5.72 -9.39
N THR A 99 6.28 -5.02 -10.47
CA THR A 99 6.42 -3.57 -10.53
C THR A 99 5.22 -2.87 -9.92
N HIS A 100 4.51 -3.57 -9.03
CA HIS A 100 3.33 -3.01 -8.38
C HIS A 100 2.77 -3.99 -7.36
N GLY A 101 1.76 -3.54 -6.60
CA GLY A 101 1.15 -4.38 -5.60
C GLY A 101 0.12 -5.33 -6.19
N GLU A 102 0.55 -6.54 -6.52
CA GLU A 102 -0.34 -7.54 -7.10
C GLU A 102 0.06 -8.95 -6.66
N CYS A 103 -0.86 -9.89 -6.79
CA CYS A 103 -0.61 -11.27 -6.41
C CYS A 103 -1.84 -12.13 -6.64
N THR A 104 -1.66 -13.25 -7.34
CA THR A 104 -2.76 -14.16 -7.63
C THR A 104 -2.25 -15.52 -8.07
N LYS A 105 -0.97 -15.78 -7.79
CA LYS A 105 -0.35 -17.05 -8.15
C LYS A 105 -0.16 -17.93 -6.93
N LYS A 106 0.42 -19.12 -7.13
CA LYS A 106 0.66 -20.05 -6.04
C LYS A 106 1.70 -19.49 -5.07
N ALA A 107 2.11 -18.25 -5.30
CA ALA A 107 3.10 -17.60 -4.46
C ALA A 107 2.45 -16.52 -3.59
N PRO A 108 3.25 -15.93 -2.68
CA PRO A 108 2.77 -14.89 -1.78
C PRO A 108 2.48 -13.58 -2.50
N CYS A 109 2.11 -12.55 -1.75
CA CYS A 109 1.80 -11.25 -2.32
C CYS A 109 3.08 -10.47 -2.60
N TRP A 110 3.06 -9.67 -3.67
CA TRP A 110 4.21 -8.86 -4.06
C TRP A 110 3.82 -7.40 -4.22
N ARG A 111 4.81 -6.52 -4.12
CA ARG A 111 4.57 -5.09 -4.26
C ARG A 111 5.75 -4.40 -4.95
N CYS A 112 5.50 -3.25 -5.55
CA CYS A 112 6.53 -2.49 -6.24
C CYS A 112 7.55 -1.94 -5.24
N GLU A 113 8.76 -2.48 -5.29
CA GLU A 113 9.83 -2.05 -4.39
C GLU A 113 11.16 -1.93 -5.14
N TYR A 114 11.65 -0.70 -5.28
CA TYR A 114 12.91 -0.46 -5.97
C TYR A 114 13.29 1.01 -5.89
N ASN A 115 14.56 1.30 -6.17
CA ASN A 115 15.07 2.67 -6.14
C ASN A 115 15.98 2.95 -7.32
N ALA A 116 15.53 3.82 -8.22
CA ALA A 116 16.31 4.17 -9.41
C ALA A 116 15.86 5.51 -9.97
N ASP A 117 16.60 6.00 -10.97
CA ASP A 117 16.27 7.28 -11.59
C ASP A 117 15.57 7.06 -12.92
N LEU A 118 14.26 7.30 -12.94
CA LEU A 118 13.46 7.12 -14.15
C LEU A 118 12.00 7.49 -13.90
N LYS A 119 11.20 7.46 -14.96
CA LYS A 119 9.78 7.79 -14.85
C LYS A 119 8.98 6.56 -14.44
N HIS A 120 8.46 6.59 -13.20
CA HIS A 120 7.67 5.48 -12.68
C HIS A 120 6.51 5.99 -11.84
N ASP A 121 5.86 5.08 -11.11
CA ASP A 121 4.74 5.44 -10.25
C ASP A 121 4.85 4.75 -8.90
N VAL A 122 3.99 5.15 -7.97
CA VAL A 122 3.99 4.57 -6.64
C VAL A 122 3.64 3.09 -6.68
N CYS A 123 4.00 2.36 -5.62
CA CYS A 123 3.73 0.93 -5.54
C CYS A 123 2.26 0.67 -5.20
N GLY A 124 1.91 -0.60 -5.08
CA GLY A 124 0.55 -0.96 -4.76
C GLY A 124 0.16 -0.57 -3.35
N CYS A 125 1.07 -0.76 -2.40
CA CYS A 125 0.82 -0.43 -1.01
C CYS A 125 0.58 1.07 -0.84
N GLU A 126 0.93 1.84 -1.87
CA GLU A 126 0.77 3.28 -1.84
C GLU A 126 -0.51 3.70 -2.57
N CYS A 127 -1.35 2.72 -2.89
CA CYS A 127 -2.59 2.99 -3.60
C CYS A 127 -3.73 3.23 -2.61
N SER A 128 -4.86 3.71 -3.13
CA SER A 128 -6.02 3.98 -2.29
C SER A 128 -7.06 2.87 -2.40
N LYS A 129 -8.21 3.08 -1.80
CA LYS A 129 -9.28 2.09 -1.82
C LYS A 129 -9.86 1.95 -3.23
N LEU A 130 -9.02 1.52 -4.16
CA LEU A 130 -9.45 1.34 -5.55
C LEU A 130 -10.52 0.26 -5.65
N PRO A 131 -11.23 0.24 -6.80
CA PRO A 131 -12.30 -0.75 -7.04
C PRO A 131 -11.74 -2.15 -7.25
N CYS A 132 -10.43 -2.25 -7.43
CA CYS A 132 -9.77 -3.53 -7.64
C CYS A 132 -8.56 -3.68 -6.74
N ASN A 133 -8.75 -3.40 -5.45
CA ASN A 133 -7.66 -3.50 -4.47
C ASN A 133 -8.15 -4.15 -3.18
N ASP A 134 -7.52 -5.26 -2.82
CA ASP A 134 -7.89 -5.99 -1.60
C ASP A 134 -6.73 -5.98 -0.60
N GLU A 135 -6.04 -7.12 -0.50
CA GLU A 135 -4.92 -7.24 0.43
C GLU A 135 -4.57 -8.71 0.66
N HIS A 136 -3.42 -9.12 0.16
CA HIS A 136 -2.97 -10.50 0.32
C HIS A 136 -1.68 -10.56 1.14
N PRO A 137 -1.33 -11.76 1.59
CA PRO A 137 -0.12 -11.99 2.39
C PRO A 137 1.16 -11.81 1.59
N CYS A 138 1.82 -10.68 1.77
CA CYS A 138 3.06 -10.39 1.06
C CYS A 138 4.24 -11.09 1.72
N TYR A 139 5.30 -11.33 0.94
CA TYR A 139 6.49 -11.99 1.45
C TYR A 139 7.72 -11.11 1.26
N ARG A 140 8.17 -10.51 2.35
CA ARG A 140 9.34 -9.64 2.32
C ARG A 140 10.25 -9.89 3.52
N LYS A 141 10.51 -8.83 4.29
CA LYS A 141 11.35 -8.94 5.47
C LYS A 141 10.54 -9.38 6.68
N GLU A 142 9.36 -9.92 6.43
CA GLU A 142 8.49 -10.38 7.51
C GLU A 142 7.10 -10.73 6.97
N GLY A 143 6.66 -11.96 7.21
CA GLY A 143 5.36 -12.39 6.75
C GLY A 143 4.25 -11.46 7.22
N GLY A 144 3.46 -10.97 6.28
CA GLY A 144 2.37 -10.08 6.61
C GLY A 144 1.40 -9.88 5.46
N VAL A 145 0.34 -9.11 5.70
CA VAL A 145 -0.66 -8.84 4.67
C VAL A 145 -0.66 -7.38 4.26
N VAL A 146 -0.68 -7.13 2.96
CA VAL A 146 -0.68 -5.77 2.43
C VAL A 146 -1.72 -5.61 1.32
N SER A 147 -2.17 -4.38 1.12
CA SER A 147 -3.16 -4.08 0.09
C SER A 147 -2.70 -4.59 -1.27
N CYS A 148 -3.62 -5.15 -2.04
CA CYS A 148 -3.31 -5.67 -3.37
C CYS A 148 -4.21 -5.03 -4.42
N ASP A 149 -3.60 -4.23 -5.29
CA ASP A 149 -4.34 -3.55 -6.34
C ASP A 149 -4.22 -4.32 -7.67
N CYS A 150 -4.91 -3.83 -8.69
CA CYS A 150 -4.88 -4.47 -10.00
C CYS A 150 -3.77 -3.88 -10.87
N LYS A 151 -2.97 -4.76 -11.46
CA LYS A 151 -1.87 -4.32 -12.32
C LYS A 151 -1.13 -5.53 -12.90
N THR A 152 -0.12 -6.01 -12.17
CA THR A 152 0.67 -7.15 -12.61
C THR A 152 -0.02 -8.46 -12.24
N ILE A 153 -1.32 -8.40 -11.99
CA ILE A 153 -2.09 -9.58 -11.63
C ILE A 153 -1.73 -10.76 -12.52
N THR A 154 -2.04 -11.97 -12.05
CA THR A 154 -1.75 -13.18 -12.81
C THR A 154 -2.69 -13.32 -13.99
N CYS A 155 -2.35 -14.22 -14.92
CA CYS A 155 -3.18 -14.44 -16.10
C CYS A 155 -4.18 -15.57 -15.86
N ASN A 156 -5.41 -15.36 -16.30
CA ASN A 156 -6.46 -16.36 -16.12
C ASN A 156 -6.51 -17.31 -17.33
N GLU A 157 -5.56 -18.24 -17.38
CA GLU A 157 -5.50 -19.21 -18.46
C GLU A 157 -5.26 -20.62 -17.92
N ASP A 158 -4.27 -21.30 -18.49
CA ASP A 158 -3.94 -22.66 -18.07
C ASP A 158 -3.19 -22.65 -16.74
N HIS A 159 -3.05 -21.46 -16.15
CA HIS A 159 -2.36 -21.32 -14.88
C HIS A 159 -2.13 -19.84 -14.55
N PRO A 160 -2.07 -19.53 -13.26
CA PRO A 160 -1.85 -18.16 -12.78
C PRO A 160 -0.43 -17.68 -13.06
N CYS A 161 -0.32 -16.61 -13.84
CA CYS A 161 0.98 -16.04 -14.18
C CYS A 161 0.86 -14.53 -14.41
N TYR A 162 1.63 -13.77 -13.65
CA TYR A 162 1.62 -12.31 -13.76
C TYR A 162 1.54 -11.88 -15.22
N HIS A 163 0.75 -10.85 -15.50
CA HIS A 163 0.59 -10.34 -16.85
C HIS A 163 1.91 -9.82 -17.40
N SER A 164 2.43 -8.75 -16.80
CA SER A 164 3.68 -8.15 -17.23
C SER A 164 4.32 -7.34 -16.09
N TYR A 165 5.07 -6.31 -16.46
CA TYR A 165 5.73 -5.46 -15.48
C TYR A 165 5.34 -4.00 -15.68
N GLU A 166 4.71 -3.41 -14.67
CA GLU A 166 4.29 -2.02 -14.74
C GLU A 166 3.82 -1.53 -13.37
N GLU A 167 4.06 -0.24 -13.10
CA GLU A 167 3.66 0.35 -11.83
C GLU A 167 2.55 1.38 -12.03
N ASP A 168 1.30 0.92 -11.98
CA ASP A 168 0.15 1.79 -12.15
C ASP A 168 -1.05 1.26 -11.37
N GLY A 169 -1.58 2.10 -10.48
CA GLY A 169 -2.73 1.70 -9.68
C GLY A 169 -3.98 1.51 -10.52
N VAL A 170 -4.75 0.48 -10.20
CA VAL A 170 -5.97 0.19 -10.93
C VAL A 170 -6.94 1.36 -10.88
N THR A 171 -7.54 1.68 -12.02
CA THR A 171 -8.49 2.79 -12.10
C THR A 171 -9.76 2.37 -12.84
N LYS A 172 -10.87 2.99 -12.48
CA LYS A 172 -12.15 2.69 -13.11
C LYS A 172 -12.56 3.80 -14.07
N SER A 173 -13.71 3.63 -14.72
CA SER A 173 -14.22 4.62 -15.66
C SER A 173 -15.73 4.76 -15.55
N ASP A 174 -16.25 4.56 -14.35
CA ASP A 174 -17.68 4.67 -14.10
C ASP A 174 -18.00 5.77 -13.10
N CYS A 175 -17.42 5.64 -11.90
CA CYS A 175 -17.65 6.63 -10.85
C CYS A 175 -19.13 6.93 -10.68
N ASP A 176 -19.96 5.92 -10.93
CA ASP A 176 -21.40 6.09 -10.80
C ASP A 176 -21.98 5.10 -9.79
N CYS A 177 -21.11 4.54 -8.96
CA CYS A 177 -21.53 3.58 -7.95
C CYS A 177 -20.55 3.55 -6.77
N GLU A 178 -20.90 2.79 -5.74
CA GLU A 178 -20.05 2.68 -4.57
C GLU A 178 -18.88 1.73 -4.82
N HIS A 179 -17.78 2.28 -5.32
CA HIS A 179 -16.59 1.48 -5.62
C HIS A 179 -15.76 1.26 -4.35
N SER A 180 -16.24 0.40 -3.47
CA SER A 180 -15.54 0.12 -2.22
C SER A 180 -15.78 -1.33 -1.79
N PRO A 181 -15.24 -2.28 -2.57
CA PRO A 181 -15.38 -3.71 -2.29
C PRO A 181 -14.59 -4.14 -1.06
N GLY A 182 -14.59 -5.43 -0.78
CA GLY A 182 -13.87 -5.95 0.37
C GLY A 182 -12.85 -7.01 -0.01
N PRO A 183 -11.77 -7.11 0.78
CA PRO A 183 -10.70 -8.09 0.54
C PRO A 183 -11.15 -9.51 0.80
N SER A 184 -10.19 -10.43 0.82
CA SER A 184 -10.49 -11.84 1.06
C SER A 184 -9.75 -12.36 2.29
N GLU A 185 -8.54 -11.86 2.50
CA GLU A 185 -7.73 -12.27 3.64
C GLU A 185 -7.72 -11.18 4.72
N MET A 1 -13.01 6.69 -0.03
CA MET A 1 -13.64 6.22 -1.25
C MET A 1 -13.66 7.31 -2.31
N ALA A 2 -13.82 8.55 -1.87
CA ALA A 2 -13.84 9.69 -2.79
C ALA A 2 -13.83 11.01 -2.03
N HIS A 3 -12.94 11.92 -2.43
CA HIS A 3 -12.82 13.22 -1.79
C HIS A 3 -13.82 14.20 -2.37
N GLU A 4 -14.65 14.78 -1.50
CA GLU A 4 -15.65 15.74 -1.93
C GLU A 4 -16.06 16.67 -0.78
N GLU A 5 -16.43 17.89 -1.12
CA GLU A 5 -16.83 18.87 -0.12
C GLU A 5 -18.20 18.53 0.47
N ASP A 6 -18.26 18.39 1.79
CA ASP A 6 -19.50 18.06 2.47
C ASP A 6 -19.35 18.20 3.98
N GLY A 7 -20.38 17.79 4.71
CA GLY A 7 -20.34 17.88 6.16
C GLY A 7 -20.34 16.51 6.83
N VAL A 8 -20.51 15.46 6.02
CA VAL A 8 -20.54 14.10 6.54
C VAL A 8 -19.28 13.34 6.15
N CYS A 9 -18.33 13.27 7.07
CA CYS A 9 -17.07 12.57 6.81
C CYS A 9 -16.41 12.16 8.13
N ASN A 10 -15.70 11.04 8.10
CA ASN A 10 -15.02 10.53 9.29
C ASN A 10 -13.51 10.54 9.09
N SER A 11 -13.08 10.37 7.83
CA SER A 11 -11.66 10.36 7.51
C SER A 11 -11.22 11.70 6.94
N ASN A 12 -11.42 11.88 5.63
CA ASN A 12 -11.04 13.12 4.97
C ASN A 12 -12.21 13.69 4.16
N ALA A 13 -13.22 12.85 3.93
CA ALA A 13 -14.40 13.27 3.18
C ALA A 13 -15.41 12.13 3.07
N PRO A 14 -14.98 11.00 2.47
CA PRO A 14 -15.84 9.82 2.30
C PRO A 14 -16.14 9.12 3.62
N CYS A 15 -16.75 7.95 3.54
CA CYS A 15 -17.10 7.18 4.73
C CYS A 15 -15.90 7.09 5.67
N TYR A 16 -14.98 6.18 5.38
CA TYR A 16 -13.80 6.00 6.21
C TYR A 16 -12.69 5.30 5.43
N HIS A 17 -11.65 6.06 5.09
CA HIS A 17 -10.52 5.53 4.33
C HIS A 17 -9.26 5.52 5.18
N CYS A 18 -8.17 5.02 4.61
CA CYS A 18 -6.89 4.96 5.32
C CYS A 18 -6.03 6.17 4.99
N ASP A 19 -5.26 6.63 5.97
CA ASP A 19 -4.38 7.78 5.78
C ASP A 19 -3.16 7.40 4.96
N ALA A 20 -2.40 6.42 5.45
CA ALA A 20 -1.20 5.96 4.75
C ALA A 20 -1.36 6.11 3.25
N ASN A 21 -2.56 5.81 2.75
CA ASN A 21 -2.83 5.90 1.32
C ASN A 21 -3.85 6.99 1.02
N GLY A 22 -4.50 7.49 2.07
CA GLY A 22 -5.49 8.54 1.92
C GLY A 22 -4.87 9.85 1.48
N GLU A 23 -3.54 9.91 1.47
CA GLU A 23 -2.84 11.12 1.07
C GLU A 23 -1.50 10.78 0.42
N ASN A 24 -0.93 9.64 0.81
CA ASN A 24 0.35 9.20 0.26
C ASN A 24 0.14 8.40 -1.02
N CYS A 25 -1.12 8.07 -1.31
CA CYS A 25 -1.46 7.30 -2.51
C CYS A 25 -2.66 7.90 -3.21
N SER A 26 -3.78 8.00 -2.50
CA SER A 26 -5.00 8.55 -3.06
C SER A 26 -6.01 8.87 -1.97
N CYS A 27 -6.59 10.07 -2.03
CA CYS A 27 -7.58 10.49 -1.04
C CYS A 27 -8.91 9.79 -1.27
N ASN A 28 -8.90 8.46 -1.24
CA ASN A 28 -10.10 7.67 -1.45
C ASN A 28 -9.84 6.20 -1.15
N CYS A 29 -10.29 5.75 0.02
CA CYS A 29 -10.11 4.36 0.42
C CYS A 29 -11.16 3.96 1.45
N GLU A 30 -10.98 2.78 2.05
CA GLU A 30 -11.92 2.28 3.05
C GLU A 30 -11.17 1.63 4.22
N LEU A 31 -10.97 2.40 5.28
CA LEU A 31 -10.28 1.91 6.46
C LEU A 31 -10.51 2.82 7.65
N PHE A 32 -10.79 2.24 8.81
CA PHE A 32 -11.03 3.01 10.03
C PHE A 32 -10.24 2.43 11.20
N ASP A 33 -8.93 2.59 11.15
CA ASP A 33 -8.05 2.09 12.21
C ASP A 33 -6.84 2.99 12.39
N CYS A 34 -6.93 3.93 13.32
CA CYS A 34 -5.84 4.85 13.59
C CYS A 34 -5.88 5.34 15.04
N GLU A 35 -4.94 6.21 15.40
CA GLU A 35 -4.86 6.74 16.75
C GLU A 35 -3.90 7.92 16.82
N ALA A 36 -4.42 9.08 17.20
CA ALA A 36 -3.60 10.29 17.31
C ALA A 36 -2.38 10.05 18.18
N LYS A 37 -1.22 10.47 17.71
CA LYS A 37 0.02 10.31 18.45
C LYS A 37 1.14 11.15 17.83
N LYS A 38 2.31 11.11 18.46
CA LYS A 38 3.46 11.86 17.98
C LYS A 38 4.76 11.15 18.33
N PRO A 39 5.23 10.27 17.42
CA PRO A 39 6.46 9.51 17.62
C PRO A 39 7.70 10.40 17.54
N ASP A 40 7.50 11.67 17.20
CA ASP A 40 8.60 12.61 17.09
C ASP A 40 8.09 14.05 17.07
N GLY A 41 8.80 14.95 17.74
CA GLY A 41 8.39 16.34 17.79
C GLY A 41 7.60 16.74 16.56
N SER A 42 6.40 16.18 16.41
CA SER A 42 5.55 16.50 15.27
C SER A 42 4.28 15.66 15.31
N TYR A 43 3.32 16.02 14.46
CA TYR A 43 2.04 15.32 14.39
C TYR A 43 2.15 14.09 13.50
N ALA A 44 1.50 13.00 13.91
CA ALA A 44 1.52 11.75 13.14
C ALA A 44 0.48 10.78 13.66
N HIS A 45 -0.44 10.38 12.79
CA HIS A 45 -1.49 9.44 13.16
C HIS A 45 -2.39 9.12 11.96
N PRO A 46 -1.80 8.43 10.96
CA PRO A 46 -2.53 8.05 9.74
C PRO A 46 -3.57 6.97 10.01
N CYS A 47 -3.22 5.73 9.74
CA CYS A 47 -4.13 4.61 9.95
C CYS A 47 -3.37 3.29 10.01
N ARG A 48 -4.10 2.19 10.15
CA ARG A 48 -3.50 0.86 10.22
C ARG A 48 -2.13 0.86 9.55
N ARG A 49 -2.10 0.99 8.23
CA ARG A 49 -0.86 1.01 7.49
C ARG A 49 0.21 1.82 8.21
N CYS A 50 1.30 1.16 8.59
CA CYS A 50 2.39 1.82 9.29
C CYS A 50 2.86 3.05 8.52
N ASP A 51 2.62 4.22 9.09
CA ASP A 51 3.02 5.48 8.45
C ASP A 51 2.64 6.67 9.32
N ALA A 52 2.71 7.87 8.74
CA ALA A 52 2.37 9.09 9.46
C ALA A 52 2.62 10.32 8.59
N ASN A 53 2.09 11.46 9.02
CA ASN A 53 2.25 12.71 8.29
C ASN A 53 3.38 13.55 8.88
N ASN A 54 4.59 13.35 8.38
CA ASN A 54 5.75 14.08 8.87
C ASN A 54 5.49 15.59 8.81
N ILE A 55 5.14 16.16 9.96
CA ILE A 55 4.86 17.59 10.05
C ILE A 55 5.76 18.25 11.09
N CYS A 56 6.94 18.68 10.64
CA CYS A 56 7.90 19.33 11.54
C CYS A 56 7.45 20.75 11.85
N LYS A 57 6.76 20.91 12.98
CA LYS A 57 6.27 22.22 13.41
C LYS A 57 6.49 23.26 12.33
N CYS A 58 6.23 22.87 11.08
CA CYS A 58 6.40 23.78 9.95
C CYS A 58 5.44 23.41 8.81
N SER A 59 5.60 22.20 8.28
CA SER A 59 4.77 21.72 7.19
C SER A 59 4.54 20.22 7.29
N CYS A 60 3.27 19.81 7.21
CA CYS A 60 2.92 18.39 7.29
C CYS A 60 3.10 17.71 5.94
N THR A 61 3.61 16.48 5.96
CA THR A 61 3.83 15.72 4.74
C THR A 61 3.36 14.28 4.89
N ALA A 62 2.94 13.67 3.79
CA ALA A 62 2.47 12.29 3.80
C ALA A 62 3.61 11.32 3.51
N ILE A 63 3.91 10.47 4.48
CA ILE A 63 4.98 9.49 4.33
C ILE A 63 4.60 8.17 4.99
N PRO A 64 5.21 7.07 4.51
CA PRO A 64 4.96 5.73 5.04
C PRO A 64 5.53 5.55 6.44
N CYS A 65 5.64 4.30 6.87
CA CYS A 65 6.16 3.98 8.20
C CYS A 65 7.37 4.85 8.52
N ASN A 66 7.14 5.91 9.30
CA ASN A 66 8.21 6.83 9.68
C ASN A 66 9.36 6.06 10.33
N GLU A 67 9.06 4.89 10.89
CA GLU A 67 10.06 4.07 11.55
C GLU A 67 10.67 3.07 10.57
N ASP A 68 10.69 3.42 9.30
CA ASP A 68 11.25 2.55 8.27
C ASP A 68 11.93 1.35 8.88
N HIS A 69 11.13 0.41 9.39
CA HIS A 69 11.67 -0.80 10.01
C HIS A 69 11.05 -2.04 9.39
N PRO A 70 11.77 -3.17 9.50
CA PRO A 70 11.31 -4.46 8.94
C PRO A 70 10.12 -5.02 9.70
N CYS A 71 8.92 -4.76 9.19
CA CYS A 71 7.70 -5.25 9.82
C CYS A 71 6.66 -5.64 8.77
N HIS A 72 5.72 -6.49 9.16
CA HIS A 72 4.67 -6.95 8.26
C HIS A 72 3.54 -5.94 8.19
N HIS A 73 3.86 -4.71 7.79
CA HIS A 73 2.87 -3.65 7.67
C HIS A 73 3.29 -2.63 6.62
N CYS A 74 2.42 -1.66 6.36
CA CYS A 74 2.69 -0.62 5.37
C CYS A 74 4.17 -0.60 5.00
N HIS A 75 4.46 -1.10 3.80
CA HIS A 75 5.84 -1.14 3.31
C HIS A 75 6.60 0.11 3.73
N GLU A 76 7.93 0.00 3.79
CA GLU A 76 8.77 1.12 4.18
C GLU A 76 10.21 0.91 3.71
N GLU A 77 10.57 1.52 2.60
CA GLU A 77 11.91 1.40 2.05
C GLU A 77 12.94 1.22 3.17
N ASP A 78 12.93 0.05 3.79
CA ASP A 78 13.87 -0.25 4.86
C ASP A 78 13.90 -1.74 5.17
N ASP A 79 12.72 -2.35 5.26
CA ASP A 79 12.61 -3.77 5.53
C ASP A 79 13.65 -4.56 4.76
N GLY A 80 14.44 -5.37 5.47
CA GLY A 80 15.47 -6.16 4.83
C GLY A 80 16.86 -5.79 5.31
N ASP A 81 17.79 -6.74 5.21
CA ASP A 81 19.17 -6.51 5.64
C ASP A 81 20.10 -6.44 4.43
N THR A 82 21.40 -6.47 4.70
CA THR A 82 22.40 -6.41 3.63
C THR A 82 22.02 -7.33 2.48
N HIS A 83 22.08 -8.64 2.71
CA HIS A 83 21.74 -9.62 1.70
C HIS A 83 20.47 -9.21 0.95
N CYS A 84 19.42 -8.89 1.71
CA CYS A 84 18.15 -8.49 1.12
C CYS A 84 18.34 -7.38 0.09
N HIS A 85 19.23 -6.44 0.41
CA HIS A 85 19.50 -5.32 -0.48
C HIS A 85 20.19 -5.80 -1.75
N CYS A 86 21.01 -6.84 -1.62
CA CYS A 86 21.73 -7.40 -2.76
C CYS A 86 20.79 -8.20 -3.66
N SER A 87 19.79 -8.82 -3.05
CA SER A 87 18.82 -9.63 -3.79
C SER A 87 17.78 -8.74 -4.47
N CYS A 88 17.59 -7.54 -3.93
CA CYS A 88 16.63 -6.60 -4.49
C CYS A 88 17.22 -5.86 -5.69
N GLU A 89 18.50 -5.52 -5.60
CA GLU A 89 19.19 -4.82 -6.67
C GLU A 89 19.28 -5.68 -7.92
N HIS A 90 19.40 -7.00 -7.71
CA HIS A 90 19.51 -7.94 -8.82
C HIS A 90 18.12 -8.47 -9.22
N SER A 91 17.21 -8.48 -8.26
CA SER A 91 15.85 -8.97 -8.51
C SER A 91 15.01 -7.89 -9.19
N HIS A 92 15.25 -6.63 -8.81
CA HIS A 92 14.51 -5.52 -9.37
C HIS A 92 14.97 -5.23 -10.80
N ASP A 93 16.24 -5.50 -11.07
CA ASP A 93 16.80 -5.28 -12.40
C ASP A 93 16.25 -6.29 -13.40
N HIS A 94 15.87 -7.45 -12.91
CA HIS A 94 15.34 -8.51 -13.76
C HIS A 94 13.80 -8.51 -13.72
N HIS A 95 13.25 -7.95 -12.66
CA HIS A 95 11.80 -7.88 -12.50
C HIS A 95 11.35 -6.46 -12.16
N ASP A 96 11.93 -5.49 -12.84
CA ASP A 96 11.60 -4.08 -12.61
C ASP A 96 10.08 -3.88 -12.59
N ASP A 97 9.36 -4.82 -13.20
CA ASP A 97 7.90 -4.75 -13.24
C ASP A 97 7.30 -5.04 -11.89
N ASP A 98 8.15 -5.27 -10.89
CA ASP A 98 7.70 -5.56 -9.54
C ASP A 98 8.02 -4.41 -8.60
N THR A 99 7.71 -3.19 -9.03
CA THR A 99 7.99 -2.00 -8.23
C THR A 99 6.73 -1.53 -7.50
N HIS A 100 5.81 -2.46 -7.26
CA HIS A 100 4.56 -2.14 -6.58
C HIS A 100 4.07 -3.32 -5.75
N GLY A 101 2.94 -3.15 -5.08
CA GLY A 101 2.39 -4.21 -4.27
C GLY A 101 1.18 -4.87 -4.90
N GLU A 102 1.41 -5.98 -5.59
CA GLU A 102 0.33 -6.70 -6.25
C GLU A 102 0.64 -8.20 -6.33
N CYS A 103 -0.37 -8.99 -6.65
CA CYS A 103 -0.21 -10.44 -6.75
C CYS A 103 -1.44 -11.08 -7.41
N THR A 104 -1.33 -11.40 -8.69
CA THR A 104 -2.42 -12.02 -9.42
C THR A 104 -1.90 -13.00 -10.46
N LYS A 105 -0.63 -13.35 -10.35
CA LYS A 105 -0.02 -14.29 -11.29
C LYS A 105 0.32 -15.61 -10.60
N LYS A 106 0.90 -16.53 -11.35
CA LYS A 106 1.29 -17.83 -10.82
C LYS A 106 2.41 -17.70 -9.79
N ALA A 107 2.74 -16.46 -9.45
CA ALA A 107 3.79 -16.19 -8.48
C ALA A 107 3.20 -15.71 -7.14
N PRO A 108 4.05 -15.68 -6.11
CA PRO A 108 3.64 -15.23 -4.77
C PRO A 108 3.36 -13.74 -4.71
N CYS A 109 2.97 -13.27 -3.53
CA CYS A 109 2.66 -11.85 -3.34
C CYS A 109 3.94 -11.04 -3.17
N TRP A 110 4.03 -9.93 -3.88
CA TRP A 110 5.21 -9.06 -3.81
C TRP A 110 4.79 -7.61 -3.60
N ARG A 111 5.69 -6.82 -3.03
CA ARG A 111 5.42 -5.42 -2.78
C ARG A 111 6.67 -4.57 -2.98
N CYS A 112 6.48 -3.29 -3.28
CA CYS A 112 7.60 -2.38 -3.51
C CYS A 112 8.41 -2.19 -2.23
N GLU A 113 9.68 -2.58 -2.27
CA GLU A 113 10.55 -2.46 -1.11
C GLU A 113 11.94 -1.96 -1.53
N TYR A 114 12.67 -1.38 -0.57
CA TYR A 114 14.00 -0.87 -0.84
C TYR A 114 14.69 -0.44 0.45
N ASN A 115 15.78 0.30 0.31
CA ASN A 115 16.54 0.78 1.47
C ASN A 115 16.08 2.17 1.87
N ALA A 116 16.57 2.64 3.01
CA ALA A 116 16.21 3.97 3.52
C ALA A 116 16.51 5.04 2.48
N ASP A 117 15.46 5.71 2.02
CA ASP A 117 15.62 6.77 1.02
C ASP A 117 14.85 8.03 1.44
N LEU A 118 15.11 9.13 0.74
CA LEU A 118 14.45 10.40 1.04
C LEU A 118 13.06 10.45 0.40
N LYS A 119 12.33 11.52 0.69
CA LYS A 119 10.99 11.70 0.15
C LYS A 119 10.97 11.40 -1.35
N HIS A 120 10.20 10.39 -1.74
CA HIS A 120 10.10 10.01 -3.14
C HIS A 120 8.80 9.25 -3.40
N ASP A 121 8.69 8.66 -4.58
CA ASP A 121 7.49 7.91 -4.95
C ASP A 121 7.26 6.75 -3.99
N VAL A 122 5.99 6.42 -3.76
CA VAL A 122 5.64 5.32 -2.86
C VAL A 122 4.80 4.28 -3.58
N CYS A 123 5.10 3.00 -3.32
CA CYS A 123 4.37 1.91 -3.94
C CYS A 123 4.22 0.74 -2.97
N GLY A 124 3.12 0.00 -3.10
CA GLY A 124 2.88 -1.13 -2.22
C GLY A 124 1.62 -0.97 -1.40
N CYS A 125 1.63 0.00 -0.49
CA CYS A 125 0.48 0.26 0.37
C CYS A 125 -0.58 1.07 -0.37
N GLU A 126 -0.39 1.24 -1.67
CA GLU A 126 -1.33 2.00 -2.49
C GLU A 126 -2.60 1.20 -2.73
N CYS A 127 -3.03 0.47 -1.71
CA CYS A 127 -4.24 -0.35 -1.81
C CYS A 127 -5.49 0.51 -1.65
N SER A 128 -6.54 0.17 -2.40
CA SER A 128 -7.79 0.92 -2.35
C SER A 128 -8.83 0.17 -1.50
N LYS A 129 -10.03 0.73 -1.44
CA LYS A 129 -11.11 0.13 -0.66
C LYS A 129 -11.11 -1.38 -0.84
N LEU A 130 -11.77 -1.86 -1.88
CA LEU A 130 -11.84 -3.29 -2.16
C LEU A 130 -12.08 -3.54 -3.64
N PRO A 131 -11.15 -3.06 -4.48
CA PRO A 131 -11.22 -3.23 -5.93
C PRO A 131 -11.01 -4.68 -6.36
N CYS A 132 -9.75 -5.02 -6.66
CA CYS A 132 -9.40 -6.38 -7.09
C CYS A 132 -8.31 -6.96 -6.20
N ASN A 133 -8.62 -7.12 -4.91
CA ASN A 133 -7.66 -7.68 -3.97
C ASN A 133 -8.23 -8.89 -3.26
N ASP A 134 -7.51 -10.01 -3.33
CA ASP A 134 -7.95 -11.25 -2.69
C ASP A 134 -7.02 -11.62 -1.54
N GLU A 135 -5.99 -12.41 -1.84
CA GLU A 135 -5.03 -12.83 -0.83
C GLU A 135 -4.04 -13.84 -1.40
N HIS A 136 -2.81 -13.41 -1.58
CA HIS A 136 -1.76 -14.28 -2.13
C HIS A 136 -0.61 -14.43 -1.13
N PRO A 137 0.09 -15.57 -1.22
CA PRO A 137 1.21 -15.87 -0.33
C PRO A 137 2.43 -15.00 -0.62
N CYS A 138 2.68 -14.03 0.26
CA CYS A 138 3.81 -13.13 0.10
C CYS A 138 5.14 -13.89 0.21
N TYR A 139 6.15 -13.41 -0.51
CA TYR A 139 7.46 -14.04 -0.50
C TYR A 139 8.55 -13.01 -0.27
N ARG A 140 9.79 -13.38 -0.61
CA ARG A 140 10.93 -12.48 -0.44
C ARG A 140 10.48 -11.14 0.15
N LYS A 141 9.78 -10.35 -0.66
CA LYS A 141 9.30 -9.05 -0.22
C LYS A 141 8.29 -9.20 0.91
N GLU A 142 8.33 -10.33 1.60
CA GLU A 142 7.41 -10.59 2.71
C GLU A 142 7.43 -12.08 3.08
N GLY A 143 6.62 -12.43 4.08
CA GLY A 143 6.55 -13.82 4.52
C GLY A 143 5.22 -14.15 5.15
N GLY A 144 4.26 -14.55 4.33
CA GLY A 144 2.95 -14.90 4.84
C GLY A 144 1.86 -14.80 3.77
N VAL A 145 0.62 -14.62 4.22
CA VAL A 145 -0.50 -14.51 3.29
C VAL A 145 -1.29 -13.23 3.53
N VAL A 146 -1.34 -12.37 2.53
CA VAL A 146 -2.06 -11.10 2.63
C VAL A 146 -2.86 -10.82 1.36
N SER A 147 -3.79 -9.88 1.46
CA SER A 147 -4.62 -9.52 0.32
C SER A 147 -3.78 -9.28 -0.93
N CYS A 148 -4.24 -9.78 -2.06
CA CYS A 148 -3.52 -9.63 -3.32
C CYS A 148 -4.35 -8.81 -4.31
N ASP A 149 -3.84 -7.62 -4.66
CA ASP A 149 -4.52 -6.75 -5.60
C ASP A 149 -3.68 -6.53 -6.86
N CYS A 150 -4.32 -6.04 -7.91
CA CYS A 150 -3.63 -5.80 -9.18
C CYS A 150 -3.09 -4.37 -9.22
N LYS A 151 -1.79 -4.25 -9.47
CA LYS A 151 -1.15 -2.95 -9.55
C LYS A 151 -0.41 -2.77 -10.87
N THR A 152 0.78 -3.36 -10.96
CA THR A 152 1.59 -3.27 -12.17
C THR A 152 0.94 -4.04 -13.31
N ILE A 153 0.39 -5.21 -12.99
CA ILE A 153 -0.27 -6.05 -13.99
C ILE A 153 -1.77 -6.13 -13.75
N THR A 154 -2.53 -5.33 -14.50
CA THR A 154 -3.98 -5.32 -14.36
C THR A 154 -4.66 -5.53 -15.71
N CYS A 155 -5.34 -6.67 -15.86
CA CYS A 155 -6.03 -6.99 -17.10
C CYS A 155 -7.50 -6.57 -17.02
N ASN A 156 -8.00 -6.01 -18.11
CA ASN A 156 -9.39 -5.56 -18.17
C ASN A 156 -10.23 -6.52 -19.01
N GLU A 157 -10.64 -7.63 -18.40
CA GLU A 157 -11.45 -8.63 -19.09
C GLU A 157 -12.63 -9.06 -18.22
N ASP A 158 -12.86 -10.37 -18.16
CA ASP A 158 -13.94 -10.92 -17.37
C ASP A 158 -13.57 -10.99 -15.90
N HIS A 159 -12.46 -10.36 -15.55
CA HIS A 159 -11.98 -10.34 -14.17
C HIS A 159 -10.58 -9.75 -14.08
N PRO A 160 -10.19 -9.32 -12.87
CA PRO A 160 -8.89 -8.72 -12.62
C PRO A 160 -7.76 -9.74 -12.72
N CYS A 161 -6.74 -9.43 -13.52
CA CYS A 161 -5.60 -10.31 -13.70
C CYS A 161 -4.34 -9.53 -14.04
N TYR A 162 -3.25 -10.25 -14.29
CA TYR A 162 -1.98 -9.61 -14.63
C TYR A 162 -1.92 -9.28 -16.11
N HIS A 163 -1.69 -8.01 -16.42
CA HIS A 163 -1.60 -7.56 -17.80
C HIS A 163 -0.15 -7.33 -18.21
N SER A 164 0.45 -6.27 -17.67
CA SER A 164 1.83 -5.94 -17.99
C SER A 164 2.47 -5.15 -16.84
N TYR A 165 3.54 -4.43 -17.15
CA TYR A 165 4.25 -3.63 -16.15
C TYR A 165 3.88 -2.16 -16.28
N GLU A 166 3.48 -1.56 -15.17
CA GLU A 166 3.11 -0.15 -15.15
C GLU A 166 2.97 0.36 -13.72
N GLU A 167 3.78 1.35 -13.38
CA GLU A 167 3.75 1.94 -12.04
C GLU A 167 2.34 2.40 -11.67
N ASP A 168 1.58 1.50 -11.03
CA ASP A 168 0.22 1.82 -10.63
C ASP A 168 -0.20 0.97 -9.44
N GLY A 169 -1.47 1.06 -9.07
CA GLY A 169 -1.98 0.30 -7.94
C GLY A 169 -3.49 0.30 -7.87
N VAL A 170 -4.05 -0.65 -7.13
CA VAL A 170 -5.50 -0.76 -6.97
C VAL A 170 -6.10 0.57 -6.53
N THR A 171 -6.81 1.23 -7.43
CA THR A 171 -7.44 2.51 -7.13
C THR A 171 -8.84 2.59 -7.72
N LYS A 172 -9.82 2.07 -6.98
CA LYS A 172 -11.20 2.07 -7.42
C LYS A 172 -12.15 1.82 -6.26
N SER A 173 -13.45 1.81 -6.54
CA SER A 173 -14.45 1.57 -5.52
C SER A 173 -15.47 0.54 -5.98
N ASP A 174 -15.25 -0.72 -5.59
CA ASP A 174 -16.14 -1.81 -5.97
C ASP A 174 -17.60 -1.42 -5.72
N CYS A 175 -17.92 -1.10 -4.47
CA CYS A 175 -19.27 -0.72 -4.10
C CYS A 175 -19.36 -0.43 -2.61
N ASP A 176 -20.59 -0.36 -2.10
CA ASP A 176 -20.81 -0.08 -0.69
C ASP A 176 -21.79 -1.10 -0.09
N CYS A 177 -21.75 -2.32 -0.61
CA CYS A 177 -22.63 -3.38 -0.13
C CYS A 177 -21.82 -4.57 0.37
N GLU A 178 -22.52 -5.58 0.91
CA GLU A 178 -21.86 -6.77 1.41
C GLU A 178 -20.83 -7.30 0.41
N HIS A 179 -19.56 -7.08 0.71
CA HIS A 179 -18.49 -7.54 -0.17
C HIS A 179 -18.07 -8.97 0.17
N SER A 180 -17.38 -9.13 1.30
CA SER A 180 -16.93 -10.44 1.73
C SER A 180 -16.00 -11.07 0.69
N PRO A 181 -14.82 -10.46 0.50
CA PRO A 181 -13.83 -10.94 -0.46
C PRO A 181 -13.19 -12.26 -0.02
N GLY A 182 -12.90 -13.13 -0.99
CA GLY A 182 -12.30 -14.41 -0.69
C GLY A 182 -11.03 -14.65 -1.48
N PRO A 183 -10.21 -15.61 -1.02
CA PRO A 183 -8.95 -15.96 -1.68
C PRO A 183 -9.17 -16.65 -3.03
N SER A 184 -8.18 -16.55 -3.90
CA SER A 184 -8.26 -17.16 -5.22
C SER A 184 -7.21 -18.26 -5.39
N GLU A 185 -6.04 -18.02 -4.81
CA GLU A 185 -4.94 -18.99 -4.90
C GLU A 185 -5.35 -20.33 -4.29
N MET A 1 -7.35 12.08 6.71
CA MET A 1 -7.54 13.35 7.41
C MET A 1 -7.38 13.17 8.92
N ALA A 2 -7.61 14.24 9.66
CA ALA A 2 -7.49 14.20 11.11
C ALA A 2 -8.63 13.42 11.74
N HIS A 3 -8.35 12.73 12.84
CA HIS A 3 -9.35 11.93 13.53
C HIS A 3 -10.22 12.82 14.42
N GLU A 4 -11.42 13.14 13.95
CA GLU A 4 -12.35 13.98 14.70
C GLU A 4 -13.44 13.14 15.35
N GLU A 5 -14.18 13.75 16.26
CA GLU A 5 -15.26 13.06 16.96
C GLU A 5 -16.45 12.82 16.03
N ASP A 6 -17.42 12.05 16.51
CA ASP A 6 -18.61 11.74 15.72
C ASP A 6 -18.25 10.91 14.50
N GLY A 7 -19.24 10.20 13.96
CA GLY A 7 -19.00 9.37 12.79
C GLY A 7 -18.57 10.17 11.59
N VAL A 8 -17.41 9.83 11.04
CA VAL A 8 -16.88 10.54 9.87
C VAL A 8 -16.02 9.61 9.02
N CYS A 9 -16.64 9.02 8.00
CA CYS A 9 -15.93 8.11 7.11
C CYS A 9 -16.31 8.35 5.65
N ASN A 10 -15.46 7.93 4.73
CA ASN A 10 -15.71 8.11 3.31
C ASN A 10 -16.58 6.97 2.76
N SER A 11 -16.76 5.93 3.58
CA SER A 11 -17.55 4.77 3.18
C SER A 11 -18.93 5.21 2.68
N ASN A 12 -19.33 6.41 3.06
CA ASN A 12 -20.63 6.95 2.66
C ASN A 12 -20.72 7.08 1.14
N ALA A 13 -19.56 7.12 0.50
CA ALA A 13 -19.50 7.24 -0.97
C ALA A 13 -18.06 7.23 -1.46
N PRO A 14 -17.27 8.21 -1.01
CA PRO A 14 -15.86 8.34 -1.41
C PRO A 14 -15.00 7.23 -0.80
N CYS A 15 -13.68 7.39 -0.91
CA CYS A 15 -12.74 6.41 -0.39
C CYS A 15 -11.99 6.98 0.81
N TYR A 16 -11.99 6.25 1.92
CA TYR A 16 -11.31 6.69 3.12
C TYR A 16 -9.87 6.16 3.16
N HIS A 17 -8.91 7.06 2.97
CA HIS A 17 -7.50 6.69 2.98
C HIS A 17 -7.18 5.79 4.17
N CYS A 18 -5.98 5.22 4.17
CA CYS A 18 -5.56 4.34 5.24
C CYS A 18 -4.17 3.77 4.97
N ASP A 19 -3.98 2.48 5.27
CA ASP A 19 -2.70 1.83 5.05
C ASP A 19 -1.63 2.39 5.98
N ALA A 20 -0.56 2.90 5.41
CA ALA A 20 0.53 3.47 6.20
C ALA A 20 0.00 4.37 7.30
N ASN A 21 -1.06 5.12 7.00
CA ASN A 21 -1.67 6.02 7.97
C ASN A 21 -2.89 5.38 8.62
N GLY A 22 -3.57 4.53 7.85
CA GLY A 22 -4.76 3.87 8.38
C GLY A 22 -4.47 3.03 9.61
N GLU A 23 -3.20 2.67 9.79
CA GLU A 23 -2.79 1.87 10.94
C GLU A 23 -1.97 2.71 11.92
N ASN A 24 -1.12 3.57 11.39
CA ASN A 24 -0.28 4.42 12.21
C ASN A 24 -1.11 5.47 12.95
N CYS A 25 -2.09 6.03 12.25
CA CYS A 25 -2.96 7.04 12.83
C CYS A 25 -4.41 6.84 12.40
N SER A 26 -4.89 5.60 12.55
CA SER A 26 -6.26 5.28 12.16
C SER A 26 -6.91 6.44 11.42
N CYS A 27 -6.69 6.50 10.11
CA CYS A 27 -7.26 7.56 9.29
C CYS A 27 -8.32 7.02 8.34
N ASN A 28 -9.15 7.91 7.81
CA ASN A 28 -10.21 7.51 6.89
C ASN A 28 -10.60 8.67 5.97
N CYS A 29 -9.76 8.96 4.99
CA CYS A 29 -10.01 10.03 4.05
C CYS A 29 -8.93 10.09 2.97
N GLU A 30 -9.29 9.72 1.76
CA GLU A 30 -8.35 9.73 0.64
C GLU A 30 -7.85 11.14 0.36
N LEU A 31 -6.68 11.46 0.91
CA LEU A 31 -6.09 12.78 0.72
C LEU A 31 -4.61 12.78 1.08
N PHE A 32 -3.75 12.95 0.07
CA PHE A 32 -2.31 12.96 0.29
C PHE A 32 -1.89 14.19 1.09
N ASP A 33 -1.88 14.05 2.41
CA ASP A 33 -1.49 15.15 3.28
C ASP A 33 -0.44 14.70 4.30
N CYS A 34 0.16 15.66 4.99
CA CYS A 34 1.19 15.35 5.98
C CYS A 34 1.24 16.44 7.06
N GLU A 35 1.24 16.01 8.31
CA GLU A 35 1.27 16.94 9.43
C GLU A 35 1.38 16.20 10.76
N ALA A 36 2.55 16.23 11.37
CA ALA A 36 2.77 15.56 12.64
C ALA A 36 1.97 16.21 13.76
N LYS A 37 1.19 15.42 14.47
CA LYS A 37 0.37 15.92 15.56
C LYS A 37 0.13 14.83 16.61
N LYS A 38 -0.85 15.06 17.48
CA LYS A 38 -1.18 14.09 18.53
C LYS A 38 -2.69 13.98 18.70
N PRO A 39 -3.23 12.79 18.38
CA PRO A 39 -4.67 12.52 18.49
C PRO A 39 -5.12 12.45 19.95
N ASP A 40 -4.40 11.68 20.75
CA ASP A 40 -4.74 11.52 22.16
C ASP A 40 -3.76 10.57 22.85
N GLY A 41 -2.50 10.62 22.44
CA GLY A 41 -1.49 9.76 23.02
C GLY A 41 -0.09 10.31 22.86
N SER A 42 0.29 10.59 21.62
CA SER A 42 1.63 11.11 21.33
C SER A 42 1.60 11.95 20.06
N TYR A 43 2.70 12.67 19.82
CA TYR A 43 2.82 13.51 18.63
C TYR A 43 3.17 12.69 17.40
N ALA A 44 3.50 13.37 16.31
CA ALA A 44 3.86 12.70 15.07
C ALA A 44 2.63 12.11 14.38
N HIS A 45 2.63 12.13 13.06
CA HIS A 45 1.51 11.60 12.28
C HIS A 45 1.98 11.15 10.91
N PRO A 46 1.45 10.00 10.44
CA PRO A 46 1.79 9.45 9.12
C PRO A 46 1.24 10.28 7.98
N CYS A 47 1.81 10.11 6.80
CA CYS A 47 1.38 10.85 5.61
C CYS A 47 1.78 10.11 4.33
N ARG A 48 1.08 10.42 3.25
CA ARG A 48 1.36 9.78 1.96
C ARG A 48 2.56 10.44 1.28
N ARG A 49 3.68 10.46 1.98
CA ARG A 49 4.90 11.08 1.44
C ARG A 49 6.05 10.97 2.43
N CYS A 50 7.23 10.64 1.94
CA CYS A 50 8.40 10.51 2.78
C CYS A 50 8.18 11.18 4.14
N ASP A 51 7.74 10.39 5.11
CA ASP A 51 7.48 10.90 6.45
C ASP A 51 6.80 9.85 7.31
N ALA A 52 7.38 9.57 8.48
CA ALA A 52 6.84 8.59 9.40
C ALA A 52 6.65 9.18 10.79
N ASN A 53 5.85 8.51 11.62
CA ASN A 53 5.60 8.97 12.97
C ASN A 53 5.77 7.83 13.97
N ASN A 54 6.95 7.71 14.53
CA ASN A 54 7.24 6.66 15.51
C ASN A 54 7.03 7.16 16.93
N ILE A 55 5.91 6.76 17.53
CA ILE A 55 5.57 7.16 18.89
C ILE A 55 5.11 5.96 19.72
N CYS A 56 5.62 5.86 20.94
CA CYS A 56 5.26 4.78 21.83
C CYS A 56 4.70 5.32 23.15
N LYS A 57 3.39 5.31 23.28
CA LYS A 57 2.73 5.80 24.49
C LYS A 57 3.76 6.29 25.50
N CYS A 58 4.72 7.09 25.03
CA CYS A 58 5.76 7.63 25.89
C CYS A 58 6.33 8.92 25.32
N SER A 59 6.73 8.87 24.06
CA SER A 59 7.30 10.04 23.39
C SER A 59 6.69 10.23 22.01
N CYS A 60 7.48 10.75 21.09
CA CYS A 60 7.03 10.98 19.72
C CYS A 60 8.18 11.35 18.81
N THR A 61 8.21 10.77 17.61
CA THR A 61 9.27 11.03 16.65
C THR A 61 8.70 11.13 15.23
N ALA A 62 8.45 12.36 14.79
CA ALA A 62 7.92 12.60 13.45
C ALA A 62 9.00 13.15 12.52
N ILE A 63 9.33 12.37 11.49
CA ILE A 63 10.35 12.78 10.53
C ILE A 63 9.91 12.45 9.10
N PRO A 64 10.54 13.11 8.12
CA PRO A 64 10.25 12.91 6.70
C PRO A 64 10.69 11.53 6.20
N CYS A 65 11.06 11.46 4.93
CA CYS A 65 11.52 10.22 4.34
C CYS A 65 12.23 9.35 5.36
N ASN A 66 11.54 8.33 5.86
CA ASN A 66 12.11 7.43 6.85
C ASN A 66 12.98 6.36 6.19
N GLU A 67 13.55 6.71 5.04
CA GLU A 67 14.40 5.78 4.30
C GLU A 67 15.48 5.19 5.20
N ASP A 68 15.98 6.02 6.12
CA ASP A 68 17.02 5.58 7.05
C ASP A 68 16.40 5.08 8.35
N HIS A 69 15.32 4.32 8.24
CA HIS A 69 14.64 3.78 9.41
C HIS A 69 14.14 2.37 9.14
N PRO A 70 13.59 1.72 10.18
CA PRO A 70 13.06 0.36 10.08
C PRO A 70 11.78 0.29 9.25
N CYS A 71 11.19 1.45 9.00
CA CYS A 71 9.95 1.52 8.21
C CYS A 71 9.84 2.86 7.51
N HIS A 72 10.15 2.87 6.21
CA HIS A 72 10.08 4.08 5.41
C HIS A 72 8.65 4.37 4.97
N HIS A 73 8.39 5.62 4.57
CA HIS A 73 7.06 6.01 4.12
C HIS A 73 6.48 4.96 3.17
N CYS A 74 5.19 5.07 2.90
CA CYS A 74 4.50 4.13 2.01
C CYS A 74 5.50 3.13 1.43
N HIS A 75 5.43 1.89 1.89
CA HIS A 75 6.32 0.84 1.41
C HIS A 75 6.93 1.23 0.07
N GLU A 76 8.25 1.14 -0.01
CA GLU A 76 8.97 1.48 -1.24
C GLU A 76 9.84 0.32 -1.69
N GLU A 77 9.99 0.18 -3.01
CA GLU A 77 10.79 -0.90 -3.58
C GLU A 77 12.10 -0.36 -4.16
N ASP A 78 12.47 0.85 -3.72
CA ASP A 78 13.69 1.49 -4.19
C ASP A 78 14.38 2.22 -3.05
N ASP A 79 13.96 1.96 -1.83
CA ASP A 79 14.54 2.60 -0.65
C ASP A 79 15.91 2.01 -0.33
N GLY A 80 16.91 2.87 -0.19
CA GLY A 80 18.25 2.41 0.11
C GLY A 80 19.30 3.48 -0.15
N ASP A 81 20.31 3.12 -0.94
CA ASP A 81 21.38 4.05 -1.27
C ASP A 81 21.38 4.38 -2.77
N THR A 82 22.39 5.13 -3.20
CA THR A 82 22.50 5.51 -4.60
C THR A 82 22.48 4.28 -5.51
N HIS A 83 23.61 3.56 -5.55
CA HIS A 83 23.72 2.37 -6.37
C HIS A 83 22.51 1.45 -6.19
N CYS A 84 22.12 1.25 -4.93
CA CYS A 84 20.98 0.40 -4.62
C CYS A 84 19.73 0.87 -5.34
N HIS A 85 19.45 2.17 -5.23
CA HIS A 85 18.28 2.76 -5.89
C HIS A 85 18.43 2.74 -7.40
N CYS A 86 19.67 2.76 -7.87
CA CYS A 86 19.96 2.75 -9.30
C CYS A 86 19.75 1.35 -9.88
N SER A 87 20.00 0.33 -9.07
CA SER A 87 19.86 -1.05 -9.50
C SER A 87 18.40 -1.48 -9.45
N CYS A 88 17.62 -0.82 -8.60
CA CYS A 88 16.20 -1.13 -8.46
C CYS A 88 15.37 -0.44 -9.54
N GLU A 89 15.76 0.79 -9.87
CA GLU A 89 15.04 1.55 -10.89
C GLU A 89 15.19 0.90 -12.26
N HIS A 90 16.34 0.27 -12.50
CA HIS A 90 16.60 -0.40 -13.77
C HIS A 90 16.16 -1.85 -13.71
N SER A 91 16.25 -2.46 -12.53
CA SER A 91 15.85 -3.86 -12.36
C SER A 91 14.33 -4.00 -12.37
N HIS A 92 13.65 -3.05 -11.72
CA HIS A 92 12.19 -3.07 -11.66
C HIS A 92 11.59 -2.68 -13.01
N ASP A 93 12.28 -1.81 -13.73
CA ASP A 93 11.81 -1.36 -15.04
C ASP A 93 11.79 -2.51 -16.04
N HIS A 94 12.54 -3.56 -15.73
CA HIS A 94 12.61 -4.73 -16.61
C HIS A 94 11.46 -5.69 -16.33
N HIS A 95 11.49 -6.29 -15.14
CA HIS A 95 10.45 -7.24 -14.75
C HIS A 95 10.16 -7.15 -13.26
N ASP A 96 11.18 -6.73 -12.49
CA ASP A 96 11.03 -6.59 -11.04
C ASP A 96 9.97 -5.55 -10.70
N ASP A 97 9.43 -4.90 -11.73
CA ASP A 97 8.40 -3.89 -11.52
C ASP A 97 7.28 -4.42 -10.65
N ASP A 98 7.20 -5.73 -10.52
CA ASP A 98 6.16 -6.37 -9.71
C ASP A 98 6.48 -6.22 -8.22
N THR A 99 6.74 -4.99 -7.79
CA THR A 99 7.05 -4.71 -6.39
C THR A 99 5.89 -4.01 -5.70
N HIS A 100 4.67 -4.29 -6.15
CA HIS A 100 3.48 -3.68 -5.57
C HIS A 100 2.40 -4.74 -5.35
N GLY A 101 1.27 -4.30 -4.79
CA GLY A 101 0.18 -5.21 -4.53
C GLY A 101 -0.56 -5.62 -5.80
N GLU A 102 -0.25 -6.81 -6.30
CA GLU A 102 -0.88 -7.31 -7.52
C GLU A 102 -1.11 -8.82 -7.43
N CYS A 103 -2.02 -9.32 -8.26
CA CYS A 103 -2.33 -10.75 -8.27
C CYS A 103 -1.51 -11.48 -9.33
N THR A 104 -0.51 -12.23 -8.88
CA THR A 104 0.36 -12.98 -9.79
C THR A 104 -0.46 -13.84 -10.73
N LYS A 105 0.14 -14.19 -11.87
CA LYS A 105 -0.54 -15.02 -12.87
C LYS A 105 -1.18 -16.24 -12.22
N LYS A 106 -1.48 -17.24 -13.03
CA LYS A 106 -2.09 -18.47 -12.54
C LYS A 106 -1.87 -18.62 -11.04
N ALA A 107 -0.70 -18.20 -10.57
CA ALA A 107 -0.36 -18.30 -9.15
C ALA A 107 -1.27 -17.38 -8.32
N PRO A 108 -1.10 -17.44 -7.00
CA PRO A 108 -1.89 -16.63 -6.06
C PRO A 108 -1.54 -15.15 -6.13
N CYS A 109 -2.18 -14.35 -5.30
CA CYS A 109 -1.94 -12.92 -5.27
C CYS A 109 -0.61 -12.60 -4.59
N TRP A 110 -0.05 -11.44 -4.92
CA TRP A 110 1.23 -11.03 -4.34
C TRP A 110 1.16 -9.58 -3.86
N ARG A 111 2.09 -9.21 -2.99
CA ARG A 111 2.14 -7.85 -2.45
C ARG A 111 3.57 -7.34 -2.39
N CYS A 112 3.73 -6.02 -2.41
CA CYS A 112 5.06 -5.41 -2.36
C CYS A 112 5.87 -5.99 -1.20
N GLU A 113 6.89 -6.76 -1.53
CA GLU A 113 7.75 -7.38 -0.52
C GLU A 113 9.15 -6.77 -0.55
N TYR A 114 9.68 -6.49 0.63
CA TYR A 114 11.01 -5.91 0.73
C TYR A 114 11.46 -5.84 2.20
N ASN A 115 12.44 -4.98 2.47
CA ASN A 115 12.96 -4.81 3.82
C ASN A 115 12.13 -3.81 4.60
N ALA A 116 11.47 -4.28 5.65
CA ALA A 116 10.65 -3.41 6.49
C ALA A 116 10.76 -3.79 7.96
N ASP A 117 9.98 -3.13 8.80
CA ASP A 117 9.99 -3.40 10.23
C ASP A 117 9.33 -4.73 10.54
N LEU A 118 9.19 -5.03 11.83
CA LEU A 118 8.56 -6.28 12.26
C LEU A 118 7.11 -6.35 11.79
N LYS A 119 6.40 -7.38 12.25
CA LYS A 119 5.00 -7.57 11.88
C LYS A 119 4.32 -6.22 11.66
N HIS A 120 3.99 -5.93 10.41
CA HIS A 120 3.33 -4.68 10.06
C HIS A 120 2.55 -4.82 8.75
N ASP A 121 2.17 -3.69 8.17
CA ASP A 121 1.41 -3.69 6.92
C ASP A 121 2.23 -3.04 5.80
N VAL A 122 2.75 -3.87 4.90
CA VAL A 122 3.55 -3.38 3.79
C VAL A 122 3.08 -3.99 2.47
N CYS A 123 2.31 -3.21 1.71
CA CYS A 123 1.80 -3.67 0.42
C CYS A 123 0.58 -2.86 0.01
N GLY A 124 0.55 -2.43 -1.25
CA GLY A 124 -0.57 -1.65 -1.75
C GLY A 124 -0.79 -0.39 -0.96
N CYS A 125 0.12 -0.11 -0.03
CA CYS A 125 0.01 1.08 0.81
C CYS A 125 0.51 2.32 0.07
N GLU A 126 1.06 2.10 -1.12
CA GLU A 126 1.58 3.21 -1.93
C GLU A 126 0.45 3.88 -2.70
N CYS A 127 -0.77 3.81 -2.16
CA CYS A 127 -1.93 4.42 -2.79
C CYS A 127 -3.05 4.62 -1.78
N SER A 128 -4.10 5.34 -2.20
CA SER A 128 -5.23 5.61 -1.33
C SER A 128 -6.14 4.40 -1.22
N LYS A 129 -7.19 4.52 -0.43
CA LYS A 129 -8.15 3.44 -0.24
C LYS A 129 -8.80 3.06 -1.56
N LEU A 130 -8.04 2.40 -2.43
CA LEU A 130 -8.55 1.98 -3.73
C LEU A 130 -9.76 1.07 -3.57
N PRO A 131 -10.58 0.98 -4.64
CA PRO A 131 -11.78 0.15 -4.64
C PRO A 131 -11.46 -1.34 -4.63
N CYS A 132 -10.35 -1.70 -5.27
CA CYS A 132 -9.93 -3.09 -5.35
C CYS A 132 -9.12 -3.48 -4.12
N ASN A 133 -9.72 -3.32 -2.94
CA ASN A 133 -9.05 -3.65 -1.70
C ASN A 133 -9.93 -4.55 -0.82
N ASP A 134 -10.64 -5.46 -1.47
CA ASP A 134 -11.52 -6.39 -0.75
C ASP A 134 -10.72 -7.49 -0.07
N GLU A 135 -10.54 -8.61 -0.77
CA GLU A 135 -9.80 -9.74 -0.23
C GLU A 135 -9.57 -10.80 -1.31
N HIS A 136 -8.31 -11.00 -1.69
CA HIS A 136 -7.96 -11.98 -2.70
C HIS A 136 -7.02 -13.04 -2.13
N PRO A 137 -6.88 -14.16 -2.86
CA PRO A 137 -6.02 -15.27 -2.43
C PRO A 137 -4.55 -14.92 -2.52
N CYS A 138 -4.12 -13.96 -1.69
CA CYS A 138 -2.73 -13.53 -1.66
C CYS A 138 -1.95 -14.29 -0.60
N TYR A 139 -0.71 -14.66 -0.93
CA TYR A 139 0.14 -15.39 0.01
C TYR A 139 1.53 -15.61 -0.59
N ARG A 140 2.28 -16.52 0.02
CA ARG A 140 3.63 -16.82 -0.44
C ARG A 140 3.61 -17.94 -1.48
N LYS A 141 3.84 -19.17 -1.03
CA LYS A 141 3.84 -20.33 -1.92
C LYS A 141 2.46 -20.96 -2.01
N GLU A 142 1.44 -20.14 -1.73
CA GLU A 142 0.05 -20.63 -1.78
C GLU A 142 -0.91 -19.55 -1.29
N GLY A 143 -1.67 -18.98 -2.22
CA GLY A 143 -2.63 -17.95 -1.86
C GLY A 143 -3.54 -18.36 -0.72
N GLY A 144 -3.99 -17.39 0.06
CA GLY A 144 -4.88 -17.68 1.17
C GLY A 144 -6.02 -16.70 1.29
N VAL A 145 -6.07 -15.98 2.40
CA VAL A 145 -7.12 -14.99 2.62
C VAL A 145 -6.54 -13.64 3.04
N VAL A 146 -6.34 -12.76 2.07
CA VAL A 146 -5.79 -11.44 2.33
C VAL A 146 -6.53 -10.37 1.53
N SER A 147 -6.36 -9.12 1.96
CA SER A 147 -7.02 -7.99 1.28
C SER A 147 -6.77 -8.04 -0.23
N CYS A 148 -7.48 -7.20 -0.96
CA CYS A 148 -7.34 -7.15 -2.42
C CYS A 148 -6.41 -6.01 -2.82
N ASP A 149 -5.39 -6.33 -3.61
CA ASP A 149 -4.43 -5.34 -4.07
C ASP A 149 -4.02 -5.61 -5.52
N CYS A 150 -4.64 -4.89 -6.45
CA CYS A 150 -4.33 -5.05 -7.86
C CYS A 150 -3.38 -3.96 -8.35
N LYS A 151 -2.30 -4.38 -9.01
CA LYS A 151 -1.31 -3.44 -9.52
C LYS A 151 -0.61 -4.01 -10.75
N THR A 152 0.50 -4.71 -10.52
CA THR A 152 1.26 -5.30 -11.60
C THR A 152 0.64 -6.61 -12.07
N ILE A 153 -0.65 -6.78 -11.78
CA ILE A 153 -1.37 -7.99 -12.17
C ILE A 153 -0.94 -8.46 -13.55
N THR A 154 -1.06 -9.77 -13.78
CA THR A 154 -0.69 -10.34 -15.07
C THR A 154 -1.85 -10.31 -16.04
N CYS A 155 -1.61 -10.73 -17.28
CA CYS A 155 -2.65 -10.74 -18.31
C CYS A 155 -3.52 -11.99 -18.19
N ASN A 156 -4.50 -12.10 -19.08
CA ASN A 156 -5.40 -13.25 -19.07
C ASN A 156 -4.61 -14.56 -19.06
N GLU A 157 -5.24 -15.61 -18.54
CA GLU A 157 -4.60 -16.91 -18.47
C GLU A 157 -3.98 -17.30 -19.81
N ASP A 158 -4.59 -16.81 -20.88
CA ASP A 158 -4.09 -17.11 -22.23
C ASP A 158 -2.64 -16.64 -22.39
N HIS A 159 -2.13 -15.94 -21.38
CA HIS A 159 -0.77 -15.45 -21.40
C HIS A 159 -0.43 -14.70 -20.12
N PRO A 160 0.16 -15.41 -19.15
CA PRO A 160 0.54 -14.82 -17.85
C PRO A 160 1.70 -13.84 -17.99
N CYS A 161 1.40 -12.56 -17.81
CA CYS A 161 2.42 -11.52 -17.90
C CYS A 161 1.96 -10.24 -17.21
N TYR A 162 2.78 -9.73 -16.30
CA TYR A 162 2.46 -8.52 -15.56
C TYR A 162 1.94 -7.44 -16.50
N HIS A 163 1.20 -6.48 -15.93
CA HIS A 163 0.65 -5.38 -16.72
C HIS A 163 1.69 -4.31 -16.96
N SER A 164 1.97 -3.52 -15.93
CA SER A 164 2.95 -2.43 -16.03
C SER A 164 3.37 -1.95 -14.65
N TYR A 165 3.70 -0.67 -14.56
CA TYR A 165 4.12 -0.08 -13.28
C TYR A 165 3.23 1.10 -12.91
N GLU A 166 2.59 0.99 -11.74
CA GLU A 166 1.70 2.04 -11.26
C GLU A 166 1.33 1.81 -9.80
N GLU A 167 0.47 2.67 -9.27
CA GLU A 167 0.02 2.57 -7.88
C GLU A 167 -1.18 1.63 -7.76
N ASP A 168 -0.93 0.43 -7.25
CA ASP A 168 -2.00 -0.55 -7.09
C ASP A 168 -3.32 0.12 -6.77
N GLY A 169 -4.40 -0.43 -7.32
CA GLY A 169 -5.72 0.13 -7.08
C GLY A 169 -6.63 0.00 -8.28
N VAL A 170 -6.96 -1.23 -8.64
CA VAL A 170 -7.83 -1.50 -9.79
C VAL A 170 -9.21 -0.86 -9.59
N THR A 171 -9.57 0.02 -10.51
CA THR A 171 -10.87 0.70 -10.43
C THR A 171 -11.93 -0.07 -11.20
N LYS A 172 -12.71 -0.88 -10.48
CA LYS A 172 -13.77 -1.67 -11.09
C LYS A 172 -14.75 -0.78 -11.85
N SER A 173 -15.49 -1.36 -12.77
CA SER A 173 -16.47 -0.62 -13.56
C SER A 173 -15.78 0.44 -14.40
N ASP A 174 -14.49 0.24 -14.67
CA ASP A 174 -13.71 1.19 -15.47
C ASP A 174 -12.87 0.45 -16.51
N CYS A 175 -13.22 -0.81 -16.76
CA CYS A 175 -12.50 -1.61 -17.75
C CYS A 175 -13.12 -1.48 -19.12
N ASP A 176 -14.20 -0.71 -19.22
CA ASP A 176 -14.88 -0.50 -20.48
C ASP A 176 -15.21 -1.82 -21.16
N CYS A 177 -15.40 -2.86 -20.35
CA CYS A 177 -15.72 -4.19 -20.86
C CYS A 177 -16.46 -5.01 -19.82
N GLU A 178 -16.95 -6.18 -20.23
CA GLU A 178 -17.68 -7.06 -19.31
C GLU A 178 -16.73 -7.78 -18.37
N HIS A 179 -16.73 -7.36 -17.11
CA HIS A 179 -15.86 -7.96 -16.10
C HIS A 179 -16.19 -9.44 -15.92
N SER A 180 -15.44 -10.30 -16.61
CA SER A 180 -15.66 -11.74 -16.53
C SER A 180 -15.35 -12.26 -15.13
N PRO A 181 -14.08 -12.06 -14.70
CA PRO A 181 -13.63 -12.51 -13.37
C PRO A 181 -14.24 -11.69 -12.25
N GLY A 182 -14.77 -12.38 -11.24
CA GLY A 182 -15.38 -11.70 -10.12
C GLY A 182 -14.54 -11.78 -8.86
N PRO A 183 -14.95 -11.06 -7.81
CA PRO A 183 -14.25 -11.04 -6.53
C PRO A 183 -14.35 -12.37 -5.79
N SER A 184 -13.43 -12.59 -4.85
CA SER A 184 -13.42 -13.83 -4.07
C SER A 184 -14.30 -13.69 -2.84
N GLU A 185 -14.28 -12.52 -2.22
CA GLU A 185 -15.08 -12.27 -1.02
C GLU A 185 -16.54 -12.62 -1.27
N MET A 1 -10.63 9.03 4.07
CA MET A 1 -11.75 8.23 4.55
C MET A 1 -12.95 8.35 3.61
N ALA A 2 -14.10 7.88 4.07
CA ALA A 2 -15.31 7.94 3.26
C ALA A 2 -16.06 9.26 3.48
N HIS A 3 -16.19 10.04 2.41
CA HIS A 3 -16.88 11.33 2.48
C HIS A 3 -17.34 11.76 1.10
N GLU A 4 -18.48 12.46 1.06
CA GLU A 4 -19.03 12.94 -0.20
C GLU A 4 -18.09 13.95 -0.86
N GLU A 5 -18.05 13.91 -2.19
CA GLU A 5 -17.19 14.82 -2.95
C GLU A 5 -17.75 16.23 -2.94
N ASP A 6 -16.97 17.18 -2.45
CA ASP A 6 -17.39 18.58 -2.40
C ASP A 6 -16.30 19.45 -1.80
N GLY A 7 -15.04 19.09 -2.05
CA GLY A 7 -13.93 19.85 -1.53
C GLY A 7 -13.97 19.99 -0.02
N VAL A 8 -14.07 18.86 0.67
CA VAL A 8 -14.13 18.85 2.12
C VAL A 8 -13.37 17.66 2.70
N CYS A 9 -13.38 17.54 4.02
CA CYS A 9 -12.69 16.44 4.70
C CYS A 9 -13.69 15.35 5.10
N ASN A 10 -13.17 14.28 5.68
CA ASN A 10 -14.01 13.17 6.12
C ASN A 10 -14.50 13.38 7.54
N SER A 11 -13.61 13.19 8.51
CA SER A 11 -13.96 13.36 9.92
C SER A 11 -13.29 14.60 10.50
N ASN A 12 -14.09 15.53 10.98
CA ASN A 12 -13.58 16.77 11.56
C ASN A 12 -12.90 17.63 10.50
N ALA A 13 -11.67 17.26 10.16
CA ALA A 13 -10.91 18.00 9.15
C ALA A 13 -9.55 17.35 8.90
N PRO A 14 -8.72 17.30 9.95
CA PRO A 14 -7.38 16.71 9.86
C PRO A 14 -7.43 15.19 9.70
N CYS A 15 -8.64 14.64 9.67
CA CYS A 15 -8.82 13.21 9.52
C CYS A 15 -9.20 12.85 8.10
N TYR A 16 -8.32 12.12 7.41
CA TYR A 16 -8.57 11.72 6.04
C TYR A 16 -7.62 10.60 5.62
N HIS A 17 -7.92 9.96 4.49
CA HIS A 17 -7.09 8.88 3.97
C HIS A 17 -5.62 9.29 3.94
N CYS A 18 -4.74 8.30 3.94
CA CYS A 18 -3.30 8.56 3.92
C CYS A 18 -2.53 7.28 3.61
N ASP A 19 -1.98 7.21 2.40
CA ASP A 19 -1.21 6.03 1.98
C ASP A 19 -1.51 4.83 2.87
N ALA A 20 -0.49 4.37 3.59
CA ALA A 20 -0.64 3.23 4.48
C ALA A 20 -1.80 3.44 5.45
N ASN A 21 -1.65 4.42 6.34
CA ASN A 21 -2.69 4.72 7.32
C ASN A 21 -4.04 4.85 6.65
N GLY A 22 -4.05 5.20 5.37
CA GLY A 22 -5.29 5.35 4.64
C GLY A 22 -6.04 4.03 4.50
N GLU A 23 -5.40 3.04 3.91
CA GLU A 23 -6.01 1.73 3.72
C GLU A 23 -6.21 1.02 5.06
N ASN A 24 -5.58 1.55 6.10
CA ASN A 24 -5.67 0.98 7.44
C ASN A 24 -7.03 1.32 8.07
N CYS A 25 -7.39 2.59 8.01
CA CYS A 25 -8.66 3.05 8.59
C CYS A 25 -9.42 3.90 7.59
N SER A 26 -8.98 3.89 6.34
CA SER A 26 -9.62 4.68 5.29
C SER A 26 -9.61 3.92 3.96
N CYS A 27 -10.71 4.01 3.22
CA CYS A 27 -10.82 3.35 1.93
C CYS A 27 -11.69 4.15 0.98
N ASN A 28 -11.45 5.46 0.92
CA ASN A 28 -12.22 6.34 0.05
C ASN A 28 -11.57 7.71 -0.06
N CYS A 29 -10.25 7.73 -0.17
CA CYS A 29 -9.50 8.97 -0.27
C CYS A 29 -8.01 8.69 -0.43
N GLU A 30 -7.21 9.77 -0.48
CA GLU A 30 -5.78 9.64 -0.64
C GLU A 30 -5.08 10.96 -0.36
N LEU A 31 -4.64 11.15 0.88
CA LEU A 31 -3.96 12.38 1.27
C LEU A 31 -2.86 12.09 2.30
N PHE A 32 -1.69 12.67 2.08
CA PHE A 32 -0.55 12.48 2.97
C PHE A 32 -0.88 12.99 4.38
N ASP A 33 -1.14 12.06 5.29
CA ASP A 33 -1.47 12.42 6.67
C ASP A 33 -0.66 11.56 7.65
N CYS A 34 -0.83 11.85 8.94
CA CYS A 34 -0.13 11.11 9.98
C CYS A 34 -0.88 11.18 11.30
N GLU A 35 -1.13 10.02 11.90
CA GLU A 35 -1.84 9.96 13.17
C GLU A 35 -1.93 8.52 13.67
N ALA A 36 -1.10 8.18 14.65
CA ALA A 36 -1.09 6.84 15.22
C ALA A 36 -1.97 6.76 16.46
N LYS A 37 -3.28 6.64 16.25
CA LYS A 37 -4.22 6.55 17.35
C LYS A 37 -5.57 6.03 16.88
N LYS A 38 -6.59 6.19 17.70
CA LYS A 38 -7.94 5.74 17.36
C LYS A 38 -8.95 6.19 18.41
N PRO A 39 -10.12 6.65 17.94
CA PRO A 39 -11.19 7.12 18.82
C PRO A 39 -11.84 5.97 19.61
N ASP A 40 -11.97 4.82 18.97
CA ASP A 40 -12.58 3.66 19.60
C ASP A 40 -12.54 2.46 18.67
N GLY A 41 -11.33 2.05 18.28
CA GLY A 41 -11.18 0.91 17.40
C GLY A 41 -9.77 0.36 17.39
N SER A 42 -8.97 0.80 16.42
CA SER A 42 -7.59 0.34 16.30
C SER A 42 -6.62 1.51 16.38
N TYR A 43 -5.97 1.66 17.53
CA TYR A 43 -5.02 2.74 17.74
C TYR A 43 -3.70 2.46 17.02
N ALA A 44 -3.15 3.47 16.37
CA ALA A 44 -1.89 3.34 15.65
C ALA A 44 -2.14 3.22 14.15
N HIS A 45 -1.40 4.01 13.37
CA HIS A 45 -1.54 3.99 11.92
C HIS A 45 -0.26 4.48 11.25
N PRO A 46 0.22 3.71 10.26
CA PRO A 46 1.45 4.04 9.52
C PRO A 46 1.27 5.26 8.63
N CYS A 47 1.92 6.36 8.98
CA CYS A 47 1.83 7.59 8.21
C CYS A 47 3.17 7.91 7.55
N ARG A 48 3.17 8.93 6.70
CA ARG A 48 4.39 9.34 5.99
C ARG A 48 5.52 9.61 6.97
N ARG A 49 6.18 8.55 7.42
CA ARG A 49 7.28 8.68 8.36
C ARG A 49 7.74 7.30 8.84
N CYS A 50 9.03 7.01 8.63
CA CYS A 50 9.59 5.73 9.05
C CYS A 50 8.95 5.25 10.34
N ASP A 51 7.94 4.39 10.21
CA ASP A 51 7.24 3.86 11.37
C ASP A 51 6.06 2.99 10.93
N ALA A 52 5.90 1.84 11.58
CA ALA A 52 4.82 0.92 11.25
C ALA A 52 3.82 0.83 12.41
N ASN A 53 2.54 0.85 12.07
CA ASN A 53 1.49 0.77 13.09
C ASN A 53 0.49 -0.33 12.75
N ASN A 54 0.47 -1.37 13.57
CA ASN A 54 -0.43 -2.50 13.36
C ASN A 54 -1.29 -2.76 14.60
N ILE A 55 -2.58 -2.48 14.49
CA ILE A 55 -3.51 -2.69 15.60
C ILE A 55 -4.76 -3.43 15.15
N CYS A 56 -4.93 -4.65 15.63
CA CYS A 56 -6.08 -5.47 15.28
C CYS A 56 -7.05 -5.56 16.45
N LYS A 57 -8.01 -4.64 16.51
CA LYS A 57 -9.00 -4.61 17.57
C LYS A 57 -8.63 -5.60 18.67
N CYS A 58 -7.34 -5.63 19.02
CA CYS A 58 -6.86 -6.53 20.07
C CYS A 58 -5.54 -6.02 20.65
N SER A 59 -4.56 -5.80 19.79
CA SER A 59 -3.25 -5.32 20.21
C SER A 59 -2.71 -4.28 19.23
N CYS A 60 -2.34 -3.12 19.76
CA CYS A 60 -1.81 -2.05 18.94
C CYS A 60 -0.30 -1.91 19.14
N THR A 61 0.42 -1.68 18.04
CA THR A 61 1.87 -1.54 18.09
C THR A 61 2.33 -0.35 17.27
N ALA A 62 3.22 0.46 17.85
CA ALA A 62 3.75 1.64 17.17
C ALA A 62 5.26 1.66 17.21
N ILE A 63 5.89 1.49 16.04
CA ILE A 63 7.34 1.49 15.94
C ILE A 63 7.81 2.19 14.67
N PRO A 64 9.10 2.54 14.63
CA PRO A 64 9.70 3.22 13.48
C PRO A 64 9.78 2.32 12.25
N CYS A 65 10.47 2.80 11.22
CA CYS A 65 10.64 2.04 9.99
C CYS A 65 10.90 0.56 10.29
N ASN A 66 9.82 -0.20 10.45
CA ASN A 66 9.94 -1.63 10.75
C ASN A 66 10.54 -2.38 9.56
N GLU A 67 10.62 -1.70 8.42
CA GLU A 67 11.18 -2.31 7.22
C GLU A 67 12.51 -1.65 6.84
N ASP A 68 13.46 -1.65 7.77
CA ASP A 68 14.75 -1.05 7.53
C ASP A 68 14.98 -0.79 6.04
N HIS A 69 14.37 0.29 5.55
CA HIS A 69 14.49 0.66 4.14
C HIS A 69 15.23 1.99 4.00
N PRO A 70 16.25 2.01 3.12
CA PRO A 70 17.06 3.21 2.87
C PRO A 70 16.27 4.28 2.11
N CYS A 71 15.02 3.96 1.77
CA CYS A 71 14.17 4.90 1.03
C CYS A 71 13.35 5.74 2.01
N HIS A 72 12.83 6.86 1.51
CA HIS A 72 12.02 7.76 2.34
C HIS A 72 10.85 7.01 2.97
N HIS A 73 10.19 7.65 3.93
CA HIS A 73 9.06 7.05 4.61
C HIS A 73 7.98 6.64 3.62
N CYS A 74 8.24 5.56 2.89
CA CYS A 74 7.29 5.06 1.90
C CYS A 74 7.68 3.66 1.43
N HIS A 75 6.76 2.98 0.75
CA HIS A 75 7.01 1.64 0.24
C HIS A 75 8.39 1.53 -0.38
N GLU A 76 8.90 0.31 -0.48
CA GLU A 76 10.22 0.08 -1.07
C GLU A 76 10.36 0.81 -2.40
N GLU A 77 11.09 1.92 -2.38
CA GLU A 77 11.30 2.71 -3.59
C GLU A 77 12.66 2.40 -4.20
N ASP A 78 13.11 3.27 -5.11
CA ASP A 78 14.39 3.09 -5.78
C ASP A 78 15.43 4.05 -5.21
N ASP A 79 15.29 4.38 -3.93
CA ASP A 79 16.22 5.29 -3.27
C ASP A 79 17.56 4.61 -3.01
N GLY A 80 18.47 5.32 -2.37
CA GLY A 80 19.77 4.77 -2.07
C GLY A 80 20.91 5.61 -2.63
N ASP A 81 21.99 4.95 -3.00
CA ASP A 81 23.15 5.65 -3.56
C ASP A 81 23.25 5.40 -5.07
N THR A 82 24.23 6.05 -5.70
CA THR A 82 24.43 5.90 -7.13
C THR A 82 24.36 4.44 -7.56
N HIS A 83 25.36 3.67 -7.15
CA HIS A 83 25.42 2.25 -7.48
C HIS A 83 24.07 1.58 -7.25
N CYS A 84 23.48 1.83 -6.07
CA CYS A 84 22.20 1.26 -5.72
C CYS A 84 21.15 1.56 -6.80
N HIS A 85 21.22 2.76 -7.36
CA HIS A 85 20.28 3.18 -8.39
C HIS A 85 20.54 2.41 -9.69
N CYS A 86 21.79 2.05 -9.92
CA CYS A 86 22.17 1.31 -11.12
C CYS A 86 21.74 -0.15 -11.02
N SER A 87 21.80 -0.70 -9.81
CA SER A 87 21.41 -2.09 -9.57
C SER A 87 19.91 -2.22 -9.40
N CYS A 88 19.27 -1.13 -9.00
CA CYS A 88 17.83 -1.12 -8.79
C CYS A 88 17.08 -0.83 -10.09
N GLU A 89 17.65 0.03 -10.92
CA GLU A 89 17.05 0.38 -12.19
C GLU A 89 17.12 -0.79 -13.17
N HIS A 90 18.14 -1.62 -13.02
CA HIS A 90 18.32 -2.78 -13.88
C HIS A 90 17.68 -4.02 -13.28
N SER A 91 17.62 -4.06 -11.94
CA SER A 91 17.04 -5.19 -11.24
C SER A 91 15.52 -5.08 -11.19
N HIS A 92 15.03 -3.87 -10.92
CA HIS A 92 13.60 -3.61 -10.85
C HIS A 92 12.98 -3.59 -12.24
N ASP A 93 13.74 -3.13 -13.22
CA ASP A 93 13.27 -3.05 -14.59
C ASP A 93 13.31 -4.43 -15.26
N HIS A 94 14.04 -5.35 -14.64
CA HIS A 94 14.17 -6.70 -15.18
C HIS A 94 12.83 -7.41 -15.19
N HIS A 95 12.28 -7.69 -14.00
CA HIS A 95 11.00 -8.36 -13.89
C HIS A 95 10.15 -7.71 -12.81
N ASP A 96 10.80 -7.19 -11.78
CA ASP A 96 10.10 -6.54 -10.67
C ASP A 96 9.23 -5.39 -11.18
N ASP A 97 9.51 -4.94 -12.40
CA ASP A 97 8.76 -3.86 -13.01
C ASP A 97 7.44 -4.35 -13.59
N ASP A 98 7.14 -5.63 -13.35
CA ASP A 98 5.91 -6.23 -13.85
C ASP A 98 5.25 -7.08 -12.77
N THR A 99 5.20 -6.56 -11.55
CA THR A 99 4.60 -7.27 -10.43
C THR A 99 3.51 -6.43 -9.76
N HIS A 100 3.90 -5.69 -8.73
CA HIS A 100 2.96 -4.84 -8.00
C HIS A 100 3.03 -5.10 -6.50
N GLY A 101 2.45 -4.20 -5.72
CA GLY A 101 2.46 -4.35 -4.27
C GLY A 101 1.47 -5.39 -3.79
N GLU A 102 1.60 -6.61 -4.29
CA GLU A 102 0.70 -7.69 -3.91
C GLU A 102 1.35 -9.05 -4.16
N CYS A 103 0.76 -10.10 -3.59
CA CYS A 103 1.28 -11.45 -3.76
C CYS A 103 0.67 -12.11 -4.99
N THR A 104 1.42 -13.02 -5.60
CA THR A 104 0.96 -13.73 -6.79
C THR A 104 1.01 -15.25 -6.59
N LYS A 105 1.59 -15.66 -5.47
CA LYS A 105 1.71 -17.09 -5.15
C LYS A 105 1.24 -17.36 -3.73
N LYS A 106 1.35 -18.62 -3.31
CA LYS A 106 0.94 -19.01 -1.97
C LYS A 106 1.81 -18.33 -0.91
N ALA A 107 2.73 -17.48 -1.37
CA ALA A 107 3.61 -16.76 -0.46
C ALA A 107 3.02 -15.41 -0.09
N PRO A 108 3.76 -14.63 0.72
CA PRO A 108 3.33 -13.31 1.16
C PRO A 108 3.32 -12.29 0.02
N CYS A 109 2.60 -11.19 0.22
CA CYS A 109 2.51 -10.14 -0.78
C CYS A 109 3.79 -9.31 -0.83
N TRP A 110 4.19 -8.93 -2.03
CA TRP A 110 5.41 -8.13 -2.20
C TRP A 110 5.06 -6.69 -2.58
N ARG A 111 6.05 -5.80 -2.46
CA ARG A 111 5.85 -4.40 -2.79
C ARG A 111 6.43 -4.07 -4.16
N CYS A 112 5.63 -3.44 -5.00
CA CYS A 112 6.06 -3.06 -6.35
C CYS A 112 7.28 -2.16 -6.28
N GLU A 113 8.23 -2.39 -7.18
CA GLU A 113 9.45 -1.60 -7.23
C GLU A 113 9.86 -1.31 -8.67
N TYR A 114 10.02 -0.02 -8.99
CA TYR A 114 10.41 0.39 -10.33
C TYR A 114 10.69 1.89 -10.38
N ASN A 115 11.56 2.28 -11.30
CA ASN A 115 11.93 3.68 -11.45
C ASN A 115 12.16 4.03 -12.92
N ALA A 116 11.30 4.90 -13.46
CA ALA A 116 11.41 5.32 -14.84
C ALA A 116 10.75 6.67 -15.08
N ASP A 117 10.92 7.22 -16.27
CA ASP A 117 10.33 8.51 -16.60
C ASP A 117 8.89 8.35 -17.09
N LEU A 118 7.95 8.75 -16.25
CA LEU A 118 6.53 8.64 -16.59
C LEU A 118 5.66 9.19 -15.47
N LYS A 119 4.35 9.20 -15.71
CA LYS A 119 3.41 9.70 -14.71
C LYS A 119 3.72 9.14 -13.33
N HIS A 120 3.33 9.86 -12.29
CA HIS A 120 3.57 9.44 -10.91
C HIS A 120 2.60 8.33 -10.52
N ASP A 121 3.15 7.15 -10.27
CA ASP A 121 2.34 5.99 -9.88
C ASP A 121 3.09 5.11 -8.89
N VAL A 122 2.61 5.08 -7.65
CA VAL A 122 3.23 4.28 -6.61
C VAL A 122 2.27 3.24 -6.06
N CYS A 123 2.77 2.03 -5.83
CA CYS A 123 1.95 0.94 -5.31
C CYS A 123 2.47 0.48 -3.95
N GLY A 124 2.01 -0.69 -3.52
CA GLY A 124 2.43 -1.24 -2.24
C GLY A 124 1.83 -0.49 -1.07
N CYS A 125 2.64 0.34 -0.41
CA CYS A 125 2.18 1.11 0.73
C CYS A 125 1.53 2.41 0.29
N GLU A 126 1.52 2.65 -1.02
CA GLU A 126 0.93 3.86 -1.57
C GLU A 126 -0.43 3.57 -2.20
N CYS A 127 -1.21 2.71 -1.54
CA CYS A 127 -2.53 2.35 -2.02
C CYS A 127 -3.43 3.58 -2.14
N SER A 128 -4.40 3.51 -3.03
CA SER A 128 -5.33 4.61 -3.25
C SER A 128 -6.63 4.38 -2.50
N LYS A 129 -7.61 5.27 -2.74
CA LYS A 129 -8.91 5.15 -2.09
C LYS A 129 -9.33 3.70 -1.96
N LEU A 130 -9.90 3.15 -3.03
CA LEU A 130 -10.35 1.77 -3.04
C LEU A 130 -10.26 1.17 -4.45
N PRO A 131 -9.04 1.22 -5.02
CA PRO A 131 -8.78 0.68 -6.36
C PRO A 131 -8.85 -0.84 -6.41
N CYS A 132 -7.72 -1.49 -6.20
CA CYS A 132 -7.65 -2.95 -6.22
C CYS A 132 -6.86 -3.47 -5.02
N ASN A 133 -7.44 -3.30 -3.83
CA ASN A 133 -6.79 -3.76 -2.60
C ASN A 133 -7.75 -4.57 -1.74
N ASP A 134 -7.39 -5.81 -1.45
CA ASP A 134 -8.22 -6.69 -0.64
C ASP A 134 -7.82 -6.61 0.83
N GLU A 135 -7.00 -7.56 1.26
CA GLU A 135 -6.54 -7.61 2.64
C GLU A 135 -5.62 -8.80 2.88
N HIS A 136 -4.48 -8.82 2.21
CA HIS A 136 -3.52 -9.90 2.34
C HIS A 136 -2.20 -9.39 2.93
N PRO A 137 -1.42 -10.32 3.51
CA PRO A 137 -0.14 -9.99 4.12
C PRO A 137 0.92 -9.60 3.09
N CYS A 138 1.62 -8.51 3.35
CA CYS A 138 2.66 -8.03 2.44
C CYS A 138 3.91 -7.64 3.21
N TYR A 139 4.99 -8.36 2.98
CA TYR A 139 6.27 -8.09 3.65
C TYR A 139 7.34 -9.10 3.23
N ARG A 140 8.38 -9.20 4.04
CA ARG A 140 9.47 -10.13 3.76
C ARG A 140 9.21 -11.49 4.40
N LYS A 141 9.60 -11.62 5.67
CA LYS A 141 9.41 -12.87 6.40
C LYS A 141 8.08 -12.86 7.16
N GLU A 142 7.16 -12.01 6.71
CA GLU A 142 5.85 -11.90 7.35
C GLU A 142 5.07 -10.71 6.78
N GLY A 143 4.09 -11.01 5.93
CA GLY A 143 3.28 -9.96 5.33
C GLY A 143 2.26 -9.41 6.29
N GLY A 144 2.05 -8.09 6.24
CA GLY A 144 1.09 -7.46 7.12
C GLY A 144 -0.31 -7.42 6.54
N VAL A 145 -1.30 -7.83 7.33
CA VAL A 145 -2.68 -7.85 6.88
C VAL A 145 -3.12 -6.47 6.39
N VAL A 146 -3.00 -6.26 5.09
CA VAL A 146 -3.38 -4.99 4.47
C VAL A 146 -4.08 -5.21 3.13
N SER A 147 -4.96 -4.28 2.77
CA SER A 147 -5.68 -4.37 1.51
C SER A 147 -4.74 -4.24 0.33
N CYS A 148 -4.76 -5.25 -0.54
CA CYS A 148 -3.90 -5.25 -1.73
C CYS A 148 -4.26 -6.40 -2.66
N ASP A 149 -4.94 -6.09 -3.75
CA ASP A 149 -5.35 -7.09 -4.72
C ASP A 149 -5.35 -6.51 -6.14
N CYS A 150 -4.19 -6.51 -6.78
CA CYS A 150 -4.05 -5.98 -8.13
C CYS A 150 -2.83 -6.57 -8.82
N LYS A 151 -2.76 -6.38 -10.13
CA LYS A 151 -1.65 -6.89 -10.92
C LYS A 151 -1.32 -8.33 -10.54
N THR A 152 -0.34 -8.50 -9.68
CA THR A 152 0.08 -9.83 -9.23
C THR A 152 -1.00 -10.46 -8.36
N ILE A 153 -2.19 -9.90 -8.38
CA ILE A 153 -3.30 -10.40 -7.59
C ILE A 153 -3.45 -11.91 -7.75
N THR A 154 -3.99 -12.56 -6.73
CA THR A 154 -4.19 -14.01 -6.76
C THR A 154 -5.66 -14.36 -6.89
N CYS A 155 -5.96 -15.35 -7.72
CA CYS A 155 -7.34 -15.79 -7.93
C CYS A 155 -7.37 -17.18 -8.55
N ASN A 156 -7.37 -18.20 -7.70
CA ASN A 156 -7.40 -19.58 -8.15
C ASN A 156 -8.38 -20.41 -7.32
N GLU A 157 -8.69 -21.61 -7.81
CA GLU A 157 -9.61 -22.50 -7.10
C GLU A 157 -9.30 -22.54 -5.62
N ASP A 158 -8.74 -23.66 -5.17
CA ASP A 158 -8.38 -23.83 -3.77
C ASP A 158 -6.99 -23.28 -3.49
N HIS A 159 -6.61 -22.25 -4.23
CA HIS A 159 -5.30 -21.62 -4.06
C HIS A 159 -5.20 -20.33 -4.87
N PRO A 160 -4.21 -19.49 -4.51
CA PRO A 160 -3.99 -18.21 -5.19
C PRO A 160 -3.47 -18.39 -6.62
N CYS A 161 -3.90 -17.53 -7.52
CA CYS A 161 -3.48 -17.60 -8.91
C CYS A 161 -2.60 -16.40 -9.26
N TYR A 162 -1.35 -16.68 -9.65
CA TYR A 162 -0.41 -15.63 -10.01
C TYR A 162 -0.91 -14.86 -11.23
N HIS A 163 -1.43 -13.66 -11.00
CA HIS A 163 -1.93 -12.82 -12.08
C HIS A 163 -0.92 -11.74 -12.44
N SER A 164 0.34 -11.96 -12.09
CA SER A 164 1.41 -11.01 -12.37
C SER A 164 1.09 -10.20 -13.62
N TYR A 165 1.21 -8.88 -13.52
CA TYR A 165 0.93 -7.99 -14.64
C TYR A 165 1.91 -6.82 -14.66
N GLU A 166 1.51 -5.74 -15.34
CA GLU A 166 2.35 -4.56 -15.44
C GLU A 166 2.37 -3.80 -14.11
N GLU A 167 3.57 -3.46 -13.65
CA GLU A 167 3.73 -2.74 -12.39
C GLU A 167 2.72 -1.59 -12.30
N ASP A 168 1.52 -1.92 -11.82
CA ASP A 168 0.47 -0.92 -11.68
C ASP A 168 -0.60 -1.40 -10.71
N GLY A 169 -1.71 -0.65 -10.63
CA GLY A 169 -2.79 -1.02 -9.73
C GLY A 169 -3.23 0.12 -8.85
N VAL A 170 -3.10 -0.05 -7.54
CA VAL A 170 -3.49 0.98 -6.58
C VAL A 170 -2.76 2.29 -6.86
N THR A 171 -3.47 3.24 -7.44
CA THR A 171 -2.89 4.54 -7.76
C THR A 171 -3.85 5.67 -7.40
N LYS A 172 -3.29 6.81 -7.00
CA LYS A 172 -4.08 7.97 -6.63
C LYS A 172 -4.86 8.50 -7.83
N SER A 173 -6.05 9.04 -7.56
CA SER A 173 -6.90 9.59 -8.62
C SER A 173 -7.04 8.59 -9.76
N ASP A 174 -7.12 7.31 -9.42
CA ASP A 174 -7.26 6.25 -10.42
C ASP A 174 -8.34 6.61 -11.44
N CYS A 175 -9.42 7.21 -10.96
CA CYS A 175 -10.52 7.61 -11.83
C CYS A 175 -11.65 8.26 -11.03
N ASP A 176 -12.78 8.48 -11.68
CA ASP A 176 -13.94 9.09 -11.04
C ASP A 176 -15.20 8.27 -11.28
N CYS A 177 -15.03 6.97 -11.49
CA CYS A 177 -16.16 6.08 -11.74
C CYS A 177 -16.23 4.98 -10.69
N GLU A 178 -17.26 4.14 -10.77
CA GLU A 178 -17.44 3.05 -9.83
C GLU A 178 -16.33 2.00 -9.98
N HIS A 179 -15.23 2.20 -9.26
CA HIS A 179 -14.10 1.28 -9.32
C HIS A 179 -13.71 0.82 -7.92
N SER A 180 -14.71 0.54 -7.09
CA SER A 180 -14.46 0.09 -5.72
C SER A 180 -14.88 -1.37 -5.54
N PRO A 181 -14.04 -2.28 -6.03
CA PRO A 181 -14.31 -3.73 -5.93
C PRO A 181 -14.20 -4.24 -4.51
N GLY A 182 -14.34 -5.55 -4.34
CA GLY A 182 -14.25 -6.15 -3.02
C GLY A 182 -13.01 -7.01 -2.86
N PRO A 183 -12.66 -7.31 -1.59
CA PRO A 183 -11.48 -8.12 -1.27
C PRO A 183 -11.66 -9.58 -1.67
N SER A 184 -10.75 -10.43 -1.22
CA SER A 184 -10.81 -11.85 -1.53
C SER A 184 -11.30 -12.65 -0.33
N GLU A 185 -10.81 -12.29 0.86
CA GLU A 185 -11.20 -12.97 2.08
C GLU A 185 -10.99 -12.07 3.30
N MET A 1 -4.40 11.69 7.48
CA MET A 1 -4.42 12.18 8.85
C MET A 1 -5.57 13.15 9.06
N ALA A 2 -5.69 14.14 8.18
CA ALA A 2 -6.76 15.12 8.27
C ALA A 2 -8.01 14.65 7.55
N HIS A 3 -9.18 15.02 8.08
CA HIS A 3 -10.45 14.63 7.48
C HIS A 3 -11.03 15.78 6.66
N GLU A 4 -11.71 15.43 5.57
CA GLU A 4 -12.31 16.43 4.70
C GLU A 4 -13.81 16.19 4.55
N GLU A 5 -14.52 17.19 4.05
CA GLU A 5 -15.97 17.08 3.87
C GLU A 5 -16.29 16.35 2.57
N ASP A 6 -17.57 16.03 2.38
CA ASP A 6 -18.01 15.32 1.19
C ASP A 6 -17.39 13.93 1.11
N GLY A 7 -18.01 13.04 0.35
CA GLY A 7 -17.51 11.69 0.20
C GLY A 7 -16.48 11.57 -0.90
N VAL A 8 -15.28 12.10 -0.66
CA VAL A 8 -14.21 12.05 -1.64
C VAL A 8 -12.84 12.01 -0.97
N CYS A 9 -11.78 12.01 -1.77
CA CYS A 9 -10.42 11.98 -1.24
C CYS A 9 -9.77 13.35 -1.31
N ASN A 10 -8.54 13.44 -0.83
CA ASN A 10 -7.81 14.71 -0.83
C ASN A 10 -6.94 14.84 -2.08
N SER A 11 -7.39 14.22 -3.17
CA SER A 11 -6.65 14.25 -4.43
C SER A 11 -5.81 15.53 -4.52
N ASN A 12 -6.46 16.67 -4.30
CA ASN A 12 -5.77 17.96 -4.37
C ASN A 12 -4.27 17.78 -4.11
N ALA A 13 -3.94 17.26 -2.94
CA ALA A 13 -2.54 17.05 -2.57
C ALA A 13 -2.36 15.71 -1.87
N PRO A 14 -2.79 15.65 -0.60
CA PRO A 14 -2.68 14.43 0.22
C PRO A 14 -3.63 13.34 -0.26
N CYS A 15 -3.46 12.91 -1.50
CA CYS A 15 -4.29 11.86 -2.07
C CYS A 15 -5.11 11.17 -0.99
N TYR A 16 -4.60 10.05 -0.48
CA TYR A 16 -5.28 9.29 0.55
C TYR A 16 -4.35 8.24 1.17
N HIS A 17 -3.93 8.49 2.40
CA HIS A 17 -3.04 7.57 3.10
C HIS A 17 -3.81 6.35 3.60
N CYS A 18 -3.09 5.26 3.85
CA CYS A 18 -3.70 4.03 4.33
C CYS A 18 -2.66 2.92 4.47
N ASP A 19 -3.13 1.67 4.47
CA ASP A 19 -2.24 0.53 4.60
C ASP A 19 -1.42 0.61 5.88
N ALA A 20 -0.14 0.91 5.74
CA ALA A 20 0.74 1.02 6.89
C ALA A 20 0.16 1.95 7.95
N ASN A 21 -0.33 3.09 7.52
CA ASN A 21 -0.92 4.07 8.43
C ASN A 21 -2.44 3.90 8.50
N GLY A 22 -3.01 3.36 7.44
CA GLY A 22 -4.45 3.15 7.40
C GLY A 22 -4.93 2.19 8.47
N GLU A 23 -4.04 1.31 8.92
CA GLU A 23 -4.36 0.34 9.95
C GLU A 23 -3.69 0.68 11.27
N ASN A 24 -2.51 1.28 11.19
CA ASN A 24 -1.75 1.66 12.38
C ASN A 24 -2.37 2.90 13.03
N CYS A 25 -2.83 3.82 12.21
CA CYS A 25 -3.44 5.05 12.70
C CYS A 25 -4.68 5.41 11.88
N SER A 26 -5.51 4.41 11.62
CA SER A 26 -6.73 4.62 10.85
C SER A 26 -6.86 6.08 10.40
N CYS A 27 -6.38 6.37 9.21
CA CYS A 27 -6.43 7.72 8.67
C CYS A 27 -6.91 7.72 7.22
N ASN A 28 -7.32 8.88 6.73
CA ASN A 28 -7.81 9.00 5.37
C ASN A 28 -7.26 10.26 4.70
N CYS A 29 -5.95 10.24 4.43
CA CYS A 29 -5.30 11.38 3.79
C CYS A 29 -3.80 11.13 3.63
N GLU A 30 -3.35 11.04 2.38
CA GLU A 30 -1.95 10.80 2.09
C GLU A 30 -1.07 11.93 2.62
N LEU A 31 -0.49 11.71 3.79
CA LEU A 31 0.38 12.72 4.41
C LEU A 31 1.43 12.06 5.28
N PHE A 32 2.70 12.25 4.92
CA PHE A 32 3.80 11.68 5.66
C PHE A 32 3.84 12.22 7.09
N ASP A 33 3.37 11.41 8.03
CA ASP A 33 3.35 11.82 9.44
C ASP A 33 3.99 10.75 10.32
N CYS A 34 4.19 11.08 11.59
CA CYS A 34 4.81 10.15 12.54
C CYS A 34 4.63 10.65 13.97
N GLU A 35 3.98 9.84 14.80
CA GLU A 35 3.75 10.19 16.19
C GLU A 35 2.97 9.09 16.91
N ALA A 36 3.69 8.32 17.73
CA ALA A 36 3.08 7.23 18.48
C ALA A 36 1.99 7.75 19.41
N LYS A 37 0.81 7.16 19.32
CA LYS A 37 -0.32 7.57 20.15
C LYS A 37 -1.10 6.35 20.63
N LYS A 38 -1.85 6.54 21.72
CA LYS A 38 -2.66 5.45 22.28
C LYS A 38 -4.13 5.84 22.33
N PRO A 39 -4.96 5.11 21.56
CA PRO A 39 -6.40 5.34 21.49
C PRO A 39 -7.11 4.96 22.79
N ASP A 40 -6.63 3.90 23.42
CA ASP A 40 -7.22 3.43 24.67
C ASP A 40 -6.50 2.19 25.18
N GLY A 41 -5.19 2.13 24.94
CA GLY A 41 -4.41 0.99 25.37
C GLY A 41 -2.93 1.30 25.48
N SER A 42 -2.27 1.39 24.34
CA SER A 42 -0.83 1.69 24.31
C SER A 42 -0.51 2.64 23.16
N TYR A 43 0.69 3.20 23.20
CA TYR A 43 1.14 4.13 22.16
C TYR A 43 1.84 3.40 21.03
N ALA A 44 1.52 3.77 19.80
CA ALA A 44 2.12 3.15 18.63
C ALA A 44 1.44 3.64 17.34
N HIS A 45 2.17 4.43 16.57
CA HIS A 45 1.64 4.96 15.32
C HIS A 45 2.66 4.83 14.19
N PRO A 46 2.20 4.97 12.94
CA PRO A 46 3.06 4.86 11.76
C PRO A 46 4.02 6.03 11.64
N CYS A 47 4.99 5.92 10.74
CA CYS A 47 5.98 6.96 10.52
C CYS A 47 6.60 6.85 9.13
N ARG A 48 6.40 7.88 8.32
CA ARG A 48 6.94 7.90 6.96
C ARG A 48 8.22 7.08 6.88
N ARG A 49 9.36 7.77 6.94
CA ARG A 49 10.66 7.10 6.87
C ARG A 49 11.21 6.84 8.26
N CYS A 50 10.42 6.17 9.09
CA CYS A 50 10.83 5.85 10.45
C CYS A 50 10.34 4.46 10.85
N ASP A 51 10.60 4.09 12.11
CA ASP A 51 10.18 2.79 12.62
C ASP A 51 8.68 2.77 12.90
N ALA A 52 8.07 1.60 12.78
CA ALA A 52 6.64 1.46 13.03
C ALA A 52 6.35 1.25 14.51
N ASN A 53 5.07 1.21 14.87
CA ASN A 53 4.67 1.02 16.25
C ASN A 53 3.25 0.48 16.34
N ASN A 54 3.10 -0.70 16.95
CA ASN A 54 1.79 -1.32 17.10
C ASN A 54 1.31 -1.26 18.54
N ILE A 55 0.01 -1.39 18.74
CA ILE A 55 -0.58 -1.34 20.08
C ILE A 55 -0.77 -2.75 20.63
N CYS A 56 0.29 -3.28 21.24
CA CYS A 56 0.24 -4.61 21.82
C CYS A 56 -0.29 -4.57 23.25
N LYS A 57 -1.56 -4.93 23.42
CA LYS A 57 -2.19 -4.94 24.73
C LYS A 57 -1.43 -4.04 25.70
N CYS A 58 -1.77 -2.76 25.73
CA CYS A 58 -1.12 -1.80 26.62
C CYS A 58 0.39 -1.91 26.50
N SER A 59 0.88 -2.32 25.34
CA SER A 59 2.30 -2.46 25.10
C SER A 59 2.69 -1.93 23.73
N CYS A 60 3.60 -0.97 23.71
CA CYS A 60 4.06 -0.38 22.46
C CYS A 60 5.14 -1.23 21.81
N THR A 61 5.01 -1.46 20.51
CA THR A 61 5.97 -2.27 19.77
C THR A 61 6.94 -1.39 18.99
N ALA A 62 8.19 -1.83 18.89
CA ALA A 62 9.21 -1.09 18.16
C ALA A 62 9.68 -1.85 16.94
N ILE A 63 9.12 -1.52 15.78
CA ILE A 63 9.48 -2.17 14.53
C ILE A 63 9.57 -1.16 13.38
N PRO A 64 10.13 -1.61 12.24
CA PRO A 64 10.28 -0.76 11.06
C PRO A 64 8.95 -0.45 10.40
N CYS A 65 8.68 0.84 10.19
CA CYS A 65 7.44 1.27 9.56
C CYS A 65 7.15 0.45 8.31
N ASN A 66 5.91 0.02 8.17
CA ASN A 66 5.50 -0.78 7.01
C ASN A 66 5.83 -0.05 5.71
N GLU A 67 6.41 1.14 5.83
CA GLU A 67 6.77 1.94 4.67
C GLU A 67 8.21 2.43 4.77
N ASP A 68 8.83 2.16 5.91
CA ASP A 68 10.22 2.57 6.13
C ASP A 68 11.19 1.46 5.72
N HIS A 69 11.42 1.34 4.41
CA HIS A 69 12.33 0.33 3.90
C HIS A 69 13.61 0.96 3.37
N PRO A 70 14.33 0.22 2.51
CA PRO A 70 15.58 0.69 1.92
C PRO A 70 15.37 1.81 0.92
N CYS A 71 14.30 2.59 1.12
CA CYS A 71 13.98 3.70 0.24
C CYS A 71 13.46 4.90 1.03
N HIS A 72 13.25 6.01 0.34
CA HIS A 72 12.77 7.23 0.98
C HIS A 72 11.47 6.95 1.75
N HIS A 73 11.05 7.92 2.54
CA HIS A 73 9.83 7.77 3.33
C HIS A 73 8.78 6.98 2.57
N CYS A 74 7.80 6.45 3.30
CA CYS A 74 6.74 5.66 2.68
C CYS A 74 6.55 6.04 1.22
N HIS A 75 6.13 5.06 0.41
CA HIS A 75 5.91 5.29 -1.01
C HIS A 75 5.53 6.75 -1.28
N GLU A 76 6.49 7.52 -1.77
CA GLU A 76 6.24 8.93 -2.06
C GLU A 76 7.32 9.49 -3.00
N GLU A 77 7.04 9.47 -4.30
CA GLU A 77 7.99 9.96 -5.28
C GLU A 77 9.20 9.04 -5.40
N ASP A 78 10.23 9.51 -6.09
CA ASP A 78 11.45 8.72 -6.28
C ASP A 78 12.68 9.54 -5.91
N ASP A 79 12.52 10.47 -4.97
CA ASP A 79 13.62 11.32 -4.54
C ASP A 79 14.85 10.49 -4.21
N GLY A 80 16.00 11.15 -4.14
CA GLY A 80 17.24 10.45 -3.84
C GLY A 80 18.45 11.09 -4.49
N ASP A 81 19.59 10.43 -4.41
CA ASP A 81 20.83 10.93 -5.00
C ASP A 81 21.30 10.04 -6.13
N THR A 82 22.50 10.30 -6.63
CA THR A 82 23.08 9.52 -7.72
C THR A 82 23.11 8.04 -7.37
N HIS A 83 24.04 7.66 -6.51
CA HIS A 83 24.19 6.27 -6.10
C HIS A 83 22.85 5.71 -5.62
N CYS A 84 22.14 6.49 -4.82
CA CYS A 84 20.85 6.07 -4.29
C CYS A 84 19.90 5.67 -5.42
N HIS A 85 19.80 6.54 -6.42
CA HIS A 85 18.92 6.29 -7.57
C HIS A 85 19.46 5.15 -8.42
N CYS A 86 20.77 4.94 -8.36
CA CYS A 86 21.41 3.88 -9.13
C CYS A 86 21.17 2.52 -8.48
N SER A 87 21.03 2.51 -7.17
CA SER A 87 20.80 1.27 -6.43
C SER A 87 19.32 0.90 -6.46
N CYS A 88 18.46 1.89 -6.65
CA CYS A 88 17.03 1.66 -6.70
C CYS A 88 16.60 1.24 -8.10
N GLU A 89 17.24 1.81 -9.11
CA GLU A 89 16.92 1.48 -10.50
C GLU A 89 17.32 0.06 -10.83
N HIS A 90 18.39 -0.41 -10.21
CA HIS A 90 18.89 -1.78 -10.44
C HIS A 90 18.22 -2.75 -9.48
N SER A 91 17.89 -2.28 -8.28
CA SER A 91 17.26 -3.12 -7.27
C SER A 91 15.81 -3.40 -7.63
N HIS A 92 15.14 -2.40 -8.19
CA HIS A 92 13.74 -2.53 -8.58
C HIS A 92 13.61 -3.28 -9.89
N ASP A 93 14.64 -3.17 -10.74
CA ASP A 93 14.63 -3.84 -12.04
C ASP A 93 14.73 -5.35 -11.87
N HIS A 94 15.28 -5.78 -10.73
CA HIS A 94 15.43 -7.20 -10.44
C HIS A 94 14.18 -7.76 -9.78
N HIS A 95 13.59 -6.98 -8.86
CA HIS A 95 12.40 -7.39 -8.16
C HIS A 95 11.21 -6.52 -8.54
N ASP A 96 11.18 -6.10 -9.80
CA ASP A 96 10.09 -5.26 -10.29
C ASP A 96 8.74 -5.89 -10.00
N ASP A 97 8.70 -7.21 -9.97
CA ASP A 97 7.46 -7.94 -9.70
C ASP A 97 7.00 -7.71 -8.27
N ASP A 98 7.87 -7.13 -7.45
CA ASP A 98 7.55 -6.85 -6.06
C ASP A 98 8.09 -5.48 -5.64
N THR A 99 7.91 -4.49 -6.50
CA THR A 99 8.38 -3.14 -6.24
C THR A 99 7.22 -2.15 -6.22
N HIS A 100 6.00 -2.68 -6.17
CA HIS A 100 4.81 -1.84 -6.15
C HIS A 100 3.70 -2.49 -5.35
N GLY A 101 2.50 -1.92 -5.42
CA GLY A 101 1.37 -2.46 -4.69
C GLY A 101 0.61 -3.51 -5.48
N GLU A 102 0.78 -4.77 -5.08
CA GLU A 102 0.11 -5.87 -5.77
C GLU A 102 -0.67 -6.74 -4.77
N CYS A 103 -1.64 -7.48 -5.28
CA CYS A 103 -2.46 -8.36 -4.44
C CYS A 103 -2.39 -9.80 -4.93
N THR A 104 -1.63 -10.63 -4.22
CA THR A 104 -1.48 -12.02 -4.58
C THR A 104 -2.84 -12.72 -4.65
N LYS A 105 -2.88 -13.84 -5.36
CA LYS A 105 -4.11 -14.60 -5.51
C LYS A 105 -4.82 -14.76 -4.16
N LYS A 106 -5.72 -15.74 -4.09
CA LYS A 106 -6.46 -16.01 -2.85
C LYS A 106 -5.73 -15.43 -1.65
N ALA A 107 -4.40 -15.46 -1.69
CA ALA A 107 -3.58 -14.94 -0.61
C ALA A 107 -3.79 -13.44 -0.43
N PRO A 108 -3.25 -12.89 0.67
CA PRO A 108 -3.36 -11.46 0.97
C PRO A 108 -2.55 -10.60 0.01
N CYS A 109 -2.84 -9.30 0.00
CA CYS A 109 -2.14 -8.36 -0.87
C CYS A 109 -0.96 -7.74 -0.15
N TRP A 110 -0.06 -7.12 -0.91
CA TRP A 110 1.12 -6.48 -0.35
C TRP A 110 1.28 -5.06 -0.89
N ARG A 111 2.18 -4.30 -0.28
CA ARG A 111 2.43 -2.92 -0.70
C ARG A 111 3.93 -2.63 -0.75
N CYS A 112 4.40 -2.18 -1.91
CA CYS A 112 5.82 -1.87 -2.09
C CYS A 112 5.99 -0.60 -2.92
N GLU A 113 7.17 0.00 -2.84
CA GLU A 113 7.46 1.22 -3.58
C GLU A 113 8.61 0.99 -4.56
N TYR A 114 8.71 1.87 -5.55
CA TYR A 114 9.76 1.77 -6.57
C TYR A 114 10.42 3.13 -6.79
N ASN A 115 11.24 3.20 -7.84
CA ASN A 115 11.95 4.43 -8.18
C ASN A 115 12.19 4.54 -9.68
N ALA A 116 11.50 5.48 -10.32
CA ALA A 116 11.63 5.68 -11.76
C ALA A 116 11.14 7.07 -12.16
N ASP A 117 11.36 7.42 -13.43
CA ASP A 117 10.94 8.71 -13.94
C ASP A 117 9.62 8.59 -14.70
N LEU A 118 8.55 9.10 -14.11
CA LEU A 118 7.23 9.06 -14.73
C LEU A 118 6.20 9.79 -13.88
N LYS A 119 4.97 9.86 -14.38
CA LYS A 119 3.89 10.53 -13.66
C LYS A 119 3.86 10.10 -12.20
N HIS A 120 3.35 10.97 -11.33
CA HIS A 120 3.26 10.68 -9.92
C HIS A 120 2.08 9.76 -9.62
N ASP A 121 2.38 8.57 -9.10
CA ASP A 121 1.35 7.59 -8.78
C ASP A 121 1.32 7.32 -7.29
N VAL A 122 0.20 6.76 -6.81
CA VAL A 122 0.04 6.44 -5.40
C VAL A 122 -0.35 4.97 -5.21
N CYS A 123 0.58 4.19 -4.67
CA CYS A 123 0.34 2.78 -4.43
C CYS A 123 1.31 2.23 -3.39
N GLY A 124 1.34 0.90 -3.27
CA GLY A 124 2.24 0.27 -2.30
C GLY A 124 1.99 0.76 -0.89
N CYS A 125 3.07 1.12 -0.20
CA CYS A 125 2.97 1.60 1.17
C CYS A 125 2.08 2.84 1.26
N GLU A 126 1.86 3.48 0.11
CA GLU A 126 1.04 4.68 0.05
C GLU A 126 -0.33 4.38 -0.58
N CYS A 127 -0.75 3.12 -0.46
CA CYS A 127 -2.03 2.70 -1.01
C CYS A 127 -3.19 3.36 -0.26
N SER A 128 -4.11 3.95 -1.02
CA SER A 128 -5.26 4.63 -0.43
C SER A 128 -6.28 3.61 0.09
N LYS A 129 -7.35 4.11 0.70
CA LYS A 129 -8.38 3.25 1.25
C LYS A 129 -8.65 2.07 0.32
N LEU A 130 -8.49 2.29 -0.98
CA LEU A 130 -8.72 1.25 -1.98
C LEU A 130 -7.42 0.89 -2.69
N PRO A 131 -6.66 -0.04 -2.12
CA PRO A 131 -5.38 -0.49 -2.70
C PRO A 131 -5.58 -1.30 -3.97
N CYS A 132 -4.47 -1.62 -4.64
CA CYS A 132 -4.52 -2.40 -5.87
C CYS A 132 -4.82 -3.86 -5.59
N ASN A 133 -6.01 -4.13 -5.05
CA ASN A 133 -6.42 -5.49 -4.73
C ASN A 133 -7.76 -5.83 -5.39
N ASP A 134 -7.78 -6.94 -6.11
CA ASP A 134 -8.99 -7.38 -6.80
C ASP A 134 -10.18 -7.44 -5.82
N GLU A 135 -9.95 -8.05 -4.66
CA GLU A 135 -10.99 -8.18 -3.65
C GLU A 135 -10.48 -8.96 -2.44
N HIS A 136 -9.17 -8.87 -2.20
CA HIS A 136 -8.56 -9.57 -1.07
C HIS A 136 -7.97 -8.57 -0.07
N PRO A 137 -7.67 -9.05 1.14
CA PRO A 137 -7.09 -8.22 2.20
C PRO A 137 -5.66 -7.80 1.90
N CYS A 138 -5.42 -6.49 1.88
CA CYS A 138 -4.10 -5.96 1.61
C CYS A 138 -3.37 -5.63 2.91
N TYR A 139 -2.41 -6.47 3.27
CA TYR A 139 -1.64 -6.26 4.50
C TYR A 139 -0.77 -7.49 4.81
N ARG A 140 -0.25 -7.53 6.03
CA ARG A 140 0.60 -8.65 6.45
C ARG A 140 -0.24 -9.89 6.74
N LYS A 141 -0.49 -10.14 8.03
CA LYS A 141 -1.28 -11.30 8.44
C LYS A 141 -2.76 -10.94 8.53
N GLU A 142 -3.13 -9.84 7.87
CA GLU A 142 -4.52 -9.39 7.88
C GLU A 142 -4.64 -7.99 7.29
N GLY A 143 -5.38 -7.88 6.18
CA GLY A 143 -5.56 -6.61 5.52
C GLY A 143 -7.02 -6.33 5.20
N GLY A 144 -7.25 -5.28 4.41
CA GLY A 144 -8.60 -4.92 4.04
C GLY A 144 -8.97 -5.40 2.64
N VAL A 145 -10.09 -6.09 2.53
CA VAL A 145 -10.55 -6.60 1.24
C VAL A 145 -11.20 -5.49 0.40
N VAL A 146 -10.58 -5.16 -0.71
CA VAL A 146 -11.09 -4.13 -1.59
C VAL A 146 -11.02 -4.56 -3.06
N SER A 147 -11.90 -4.00 -3.88
CA SER A 147 -11.94 -4.32 -5.30
C SER A 147 -11.03 -3.40 -6.10
N CYS A 148 -9.94 -3.95 -6.61
CA CYS A 148 -8.98 -3.17 -7.39
C CYS A 148 -7.91 -4.07 -7.99
N ASP A 149 -8.06 -4.41 -9.27
CA ASP A 149 -7.11 -5.26 -9.96
C ASP A 149 -6.08 -4.42 -10.71
N CYS A 150 -4.93 -4.20 -10.08
CA CYS A 150 -3.86 -3.42 -10.69
C CYS A 150 -2.49 -3.92 -10.22
N LYS A 151 -1.44 -3.52 -10.94
CA LYS A 151 -0.09 -3.92 -10.60
C LYS A 151 0.18 -5.36 -11.02
N THR A 152 1.11 -6.01 -10.33
CA THR A 152 1.45 -7.40 -10.62
C THR A 152 0.35 -8.34 -10.16
N ILE A 153 -0.90 -7.92 -10.32
CA ILE A 153 -2.04 -8.73 -9.92
C ILE A 153 -1.83 -10.19 -10.30
N THR A 154 -2.13 -11.09 -9.37
CA THR A 154 -1.99 -12.52 -9.61
C THR A 154 -3.19 -13.29 -9.10
N CYS A 155 -3.81 -14.07 -9.98
CA CYS A 155 -4.98 -14.86 -9.62
C CYS A 155 -5.07 -16.13 -10.48
N ASN A 156 -6.00 -17.01 -10.12
CA ASN A 156 -6.18 -18.25 -10.85
C ASN A 156 -6.49 -17.98 -12.32
N GLU A 157 -6.19 -18.95 -13.17
CA GLU A 157 -6.43 -18.81 -14.60
C GLU A 157 -7.86 -18.33 -14.86
N ASP A 158 -8.78 -18.71 -13.98
CA ASP A 158 -10.17 -18.32 -14.12
C ASP A 158 -10.34 -16.82 -13.90
N HIS A 159 -9.22 -16.12 -13.68
CA HIS A 159 -9.25 -14.69 -13.47
C HIS A 159 -8.04 -14.01 -14.12
N PRO A 160 -8.30 -12.97 -14.92
CA PRO A 160 -7.25 -12.23 -15.62
C PRO A 160 -6.39 -11.41 -14.66
N CYS A 161 -5.51 -12.10 -13.94
CA CYS A 161 -4.62 -11.43 -12.99
C CYS A 161 -3.16 -11.60 -13.40
N TYR A 162 -2.43 -12.40 -12.62
CA TYR A 162 -1.01 -12.65 -12.89
C TYR A 162 -0.70 -12.41 -14.38
N HIS A 163 -0.32 -11.18 -14.70
CA HIS A 163 0.01 -10.82 -16.08
C HIS A 163 1.52 -10.83 -16.29
N SER A 164 2.21 -9.91 -15.63
CA SER A 164 3.67 -9.82 -15.75
C SER A 164 4.26 -9.11 -14.55
N TYR A 165 5.52 -8.70 -14.67
CA TYR A 165 6.22 -8.02 -13.59
C TYR A 165 6.46 -6.55 -13.94
N GLU A 166 5.83 -5.66 -13.17
CA GLU A 166 5.98 -4.23 -13.40
C GLU A 166 5.32 -3.43 -12.28
N GLU A 167 5.45 -2.10 -12.35
CA GLU A 167 4.87 -1.24 -11.34
C GLU A 167 3.85 -0.27 -11.96
N ASP A 168 2.64 -0.76 -12.17
CA ASP A 168 1.58 0.06 -12.76
C ASP A 168 0.20 -0.47 -12.37
N GLY A 169 -0.79 -0.16 -13.19
CA GLY A 169 -2.15 -0.62 -12.91
C GLY A 169 -2.70 -1.50 -14.00
N VAL A 170 -3.83 -2.15 -13.73
CA VAL A 170 -4.46 -3.03 -14.69
C VAL A 170 -5.96 -2.77 -14.78
N THR A 171 -6.56 -3.14 -15.91
CA THR A 171 -7.99 -2.95 -16.11
C THR A 171 -8.75 -4.25 -15.91
N LYS A 172 -10.04 -4.14 -15.57
CA LYS A 172 -10.88 -5.31 -15.35
C LYS A 172 -11.54 -5.76 -16.65
N SER A 173 -10.90 -6.71 -17.33
CA SER A 173 -11.42 -7.22 -18.59
C SER A 173 -11.85 -8.67 -18.44
N ASP A 174 -12.49 -8.98 -17.32
CA ASP A 174 -12.96 -10.34 -17.05
C ASP A 174 -13.77 -10.88 -18.23
N CYS A 175 -14.74 -10.09 -18.68
CA CYS A 175 -15.59 -10.49 -19.81
C CYS A 175 -16.61 -9.40 -20.12
N ASP A 176 -17.32 -9.58 -21.23
CA ASP A 176 -18.33 -8.61 -21.65
C ASP A 176 -19.73 -9.06 -21.20
N CYS A 177 -19.77 -9.80 -20.09
CA CYS A 177 -21.03 -10.29 -19.55
C CYS A 177 -21.24 -9.81 -18.12
N GLU A 178 -22.40 -10.12 -17.55
CA GLU A 178 -22.73 -9.72 -16.19
C GLU A 178 -22.30 -10.80 -15.20
N HIS A 179 -21.05 -10.72 -14.74
CA HIS A 179 -20.53 -11.68 -13.79
C HIS A 179 -20.13 -11.00 -12.49
N SER A 180 -19.89 -11.80 -11.45
CA SER A 180 -19.51 -11.28 -10.14
C SER A 180 -19.35 -12.40 -9.13
N PRO A 181 -18.31 -13.23 -9.35
CA PRO A 181 -18.01 -14.37 -8.46
C PRO A 181 -17.49 -13.92 -7.10
N GLY A 182 -17.01 -14.86 -6.31
CA GLY A 182 -16.49 -14.55 -4.99
C GLY A 182 -15.46 -13.44 -5.03
N PRO A 183 -15.25 -12.78 -3.88
CA PRO A 183 -14.29 -11.68 -3.75
C PRO A 183 -12.84 -12.17 -3.86
N SER A 184 -12.48 -13.15 -3.05
CA SER A 184 -11.13 -13.69 -3.05
C SER A 184 -11.05 -14.96 -3.90
N GLU A 185 -10.32 -14.88 -4.99
CA GLU A 185 -10.17 -16.02 -5.90
C GLU A 185 -8.97 -15.83 -6.81
N MET A 1 -10.61 7.59 3.47
CA MET A 1 -11.67 7.83 4.44
C MET A 1 -11.96 6.58 5.26
N ALA A 2 -13.04 6.61 6.04
CA ALA A 2 -13.42 5.48 6.87
C ALA A 2 -14.68 4.81 6.32
N HIS A 3 -14.75 3.49 6.46
CA HIS A 3 -15.89 2.72 5.99
C HIS A 3 -16.75 2.24 7.16
N GLU A 4 -17.87 2.92 7.39
CA GLU A 4 -18.78 2.56 8.48
C GLU A 4 -20.19 3.03 8.17
N GLU A 5 -21.17 2.32 8.74
CA GLU A 5 -22.57 2.67 8.54
C GLU A 5 -23.09 3.55 9.67
N ASP A 6 -23.66 4.69 9.31
CA ASP A 6 -24.19 5.64 10.29
C ASP A 6 -23.16 5.94 11.37
N GLY A 7 -21.94 6.27 10.94
CA GLY A 7 -20.88 6.58 11.88
C GLY A 7 -20.40 8.02 11.76
N VAL A 8 -19.08 8.19 11.81
CA VAL A 8 -18.49 9.53 11.70
C VAL A 8 -17.16 9.48 10.97
N CYS A 9 -16.62 10.65 10.64
CA CYS A 9 -15.34 10.73 9.94
C CYS A 9 -14.27 11.32 10.85
N ASN A 10 -13.02 11.32 10.36
CA ASN A 10 -11.90 11.85 11.13
C ASN A 10 -12.30 13.15 11.84
N SER A 11 -12.95 14.04 11.10
CA SER A 11 -13.38 15.32 11.65
C SER A 11 -14.58 15.15 12.56
N ASN A 12 -14.37 14.51 13.71
CA ASN A 12 -15.43 14.28 14.68
C ASN A 12 -14.94 13.46 15.86
N ALA A 13 -13.90 12.66 15.63
CA ALA A 13 -13.32 11.83 16.67
C ALA A 13 -12.10 11.07 16.15
N PRO A 14 -12.31 10.24 15.12
CA PRO A 14 -11.23 9.44 14.52
C PRO A 14 -10.23 10.30 13.76
N CYS A 15 -9.31 9.65 13.07
CA CYS A 15 -8.29 10.36 12.29
C CYS A 15 -8.41 10.03 10.81
N TYR A 16 -8.12 11.00 9.96
CA TYR A 16 -8.19 10.83 8.52
C TYR A 16 -7.17 9.79 8.04
N HIS A 17 -7.30 9.37 6.79
CA HIS A 17 -6.39 8.39 6.21
C HIS A 17 -4.98 8.97 6.10
N CYS A 18 -4.08 8.20 5.49
CA CYS A 18 -2.70 8.63 5.32
C CYS A 18 -1.88 7.55 4.62
N ASP A 19 -1.59 7.77 3.34
CA ASP A 19 -0.81 6.82 2.55
C ASP A 19 -0.81 5.44 3.22
N ALA A 20 0.38 4.91 3.45
CA ALA A 20 0.52 3.60 4.08
C ALA A 20 -0.37 3.49 5.31
N ASN A 21 -0.19 4.40 6.26
CA ASN A 21 -0.98 4.39 7.48
C ASN A 21 -2.47 4.32 7.17
N GLY A 22 -2.87 4.94 6.06
CA GLY A 22 -4.27 4.92 5.65
C GLY A 22 -4.83 3.52 5.54
N GLU A 23 -4.14 2.67 4.78
CA GLU A 23 -4.58 1.30 4.59
C GLU A 23 -4.31 0.46 5.84
N ASN A 24 -3.39 0.93 6.68
CA ASN A 24 -3.04 0.23 7.90
C ASN A 24 -4.19 0.28 8.91
N CYS A 25 -4.87 1.42 8.96
CA CYS A 25 -6.00 1.60 9.87
C CYS A 25 -7.32 1.41 9.15
N SER A 26 -7.42 1.93 7.93
CA SER A 26 -8.63 1.82 7.14
C SER A 26 -8.30 1.63 5.66
N CYS A 27 -8.89 0.61 5.05
CA CYS A 27 -8.66 0.32 3.64
C CYS A 27 -9.32 1.37 2.76
N ASN A 28 -8.87 2.61 2.87
CA ASN A 28 -9.43 3.70 2.08
C ASN A 28 -8.54 4.94 2.16
N CYS A 29 -7.67 5.11 1.17
CA CYS A 29 -6.77 6.25 1.13
C CYS A 29 -7.30 7.33 0.19
N GLU A 30 -7.71 8.45 0.77
CA GLU A 30 -8.24 9.57 0.00
C GLU A 30 -8.11 10.88 0.76
N LEU A 31 -6.88 11.31 0.99
CA LEU A 31 -6.61 12.55 1.70
C LEU A 31 -5.10 12.77 1.87
N PHE A 32 -4.74 13.94 2.38
CA PHE A 32 -3.34 14.28 2.59
C PHE A 32 -3.17 15.07 3.88
N ASP A 33 -2.79 14.38 4.95
CA ASP A 33 -2.59 15.01 6.24
C ASP A 33 -1.23 14.62 6.83
N CYS A 34 -0.82 15.32 7.88
CA CYS A 34 0.45 15.05 8.54
C CYS A 34 0.54 15.77 9.88
N GLU A 35 0.68 15.00 10.95
CA GLU A 35 0.78 15.56 12.29
C GLU A 35 0.87 14.47 13.35
N ALA A 36 2.06 14.32 13.93
CA ALA A 36 2.28 13.30 14.95
C ALA A 36 1.96 13.84 16.34
N LYS A 37 0.97 13.23 16.99
CA LYS A 37 0.56 13.65 18.33
C LYS A 37 -0.40 12.63 18.94
N LYS A 38 -1.26 13.11 19.83
CA LYS A 38 -2.23 12.25 20.50
C LYS A 38 -3.58 12.94 20.61
N PRO A 39 -4.57 12.46 19.83
CA PRO A 39 -5.92 13.01 19.82
C PRO A 39 -6.68 12.73 21.12
N ASP A 40 -6.65 11.46 21.55
CA ASP A 40 -7.33 11.06 22.77
C ASP A 40 -7.12 9.57 23.03
N GLY A 41 -5.93 9.08 22.72
CA GLY A 41 -5.63 7.67 22.93
C GLY A 41 -4.15 7.42 23.13
N SER A 42 -3.33 7.85 22.19
CA SER A 42 -1.89 7.67 22.28
C SER A 42 -1.16 8.65 21.36
N TYR A 43 0.15 8.76 21.56
CA TYR A 43 0.97 9.67 20.75
C TYR A 43 1.41 8.99 19.45
N ALA A 44 1.94 9.79 18.53
CA ALA A 44 2.40 9.28 17.25
C ALA A 44 1.25 9.15 16.26
N HIS A 45 1.29 9.95 15.21
CA HIS A 45 0.24 9.93 14.19
C HIS A 45 0.84 9.86 12.79
N PRO A 46 0.05 9.38 11.82
CA PRO A 46 0.48 9.26 10.42
C PRO A 46 0.67 10.61 9.75
N CYS A 47 1.44 10.63 8.68
CA CYS A 47 1.70 11.86 7.94
C CYS A 47 2.14 11.55 6.50
N ARG A 48 1.61 12.33 5.56
CA ARG A 48 1.96 12.14 4.15
C ARG A 48 3.46 11.96 3.98
N ARG A 49 3.96 10.77 4.30
CA ARG A 49 5.38 10.48 4.18
C ARG A 49 5.71 9.14 4.83
N CYS A 50 6.30 8.24 4.06
CA CYS A 50 6.67 6.91 4.56
C CYS A 50 6.93 6.97 6.06
N ASP A 51 5.92 6.60 6.85
CA ASP A 51 6.04 6.60 8.30
C ASP A 51 4.73 6.16 8.96
N ALA A 52 4.84 5.29 9.94
CA ALA A 52 3.67 4.79 10.65
C ALA A 52 3.73 5.14 12.14
N ASN A 53 2.58 5.07 12.80
CA ASN A 53 2.50 5.39 14.23
C ASN A 53 1.60 4.39 14.96
N ASN A 54 2.21 3.33 15.50
CA ASN A 54 1.46 2.32 16.21
C ASN A 54 0.78 2.90 17.45
N ILE A 55 -0.54 2.92 17.43
CA ILE A 55 -1.31 3.46 18.55
C ILE A 55 -2.31 2.44 19.08
N CYS A 56 -1.91 1.71 20.10
CA CYS A 56 -2.77 0.69 20.71
C CYS A 56 -2.99 0.97 22.18
N LYS A 57 -3.76 2.00 22.50
CA LYS A 57 -4.04 2.37 23.87
C LYS A 57 -3.08 1.67 24.83
N CYS A 58 -1.84 1.52 24.40
CA CYS A 58 -0.82 0.87 25.22
C CYS A 58 0.57 1.14 24.68
N SER A 59 0.70 1.19 23.36
CA SER A 59 1.97 1.44 22.71
C SER A 59 1.86 2.60 21.72
N CYS A 60 2.72 3.60 21.88
CA CYS A 60 2.73 4.76 21.00
C CYS A 60 4.14 5.10 20.55
N THR A 61 4.43 4.85 19.28
CA THR A 61 5.75 5.13 18.72
C THR A 61 5.65 5.66 17.29
N ALA A 62 6.62 6.47 16.91
CA ALA A 62 6.63 7.05 15.56
C ALA A 62 7.81 6.51 14.75
N ILE A 63 7.50 5.68 13.76
CA ILE A 63 8.53 5.10 12.91
C ILE A 63 8.18 5.26 11.43
N PRO A 64 9.15 4.95 10.56
CA PRO A 64 8.97 5.06 9.11
C PRO A 64 7.99 4.02 8.56
N CYS A 65 7.55 4.22 7.32
CA CYS A 65 6.62 3.30 6.68
C CYS A 65 6.98 1.85 6.99
N ASN A 66 6.10 1.15 7.70
CA ASN A 66 6.34 -0.24 8.06
C ASN A 66 6.76 -1.05 6.84
N GLU A 67 6.42 -0.56 5.66
CA GLU A 67 6.77 -1.24 4.42
C GLU A 67 7.85 -0.47 3.66
N ASP A 68 8.01 0.80 4.01
CA ASP A 68 9.00 1.66 3.36
C ASP A 68 9.79 2.45 4.40
N HIS A 69 10.78 1.81 5.00
CA HIS A 69 11.61 2.45 6.01
C HIS A 69 11.93 3.88 5.61
N PRO A 70 13.08 4.38 6.09
CA PRO A 70 13.54 5.75 5.79
C PRO A 70 13.97 5.91 4.33
N CYS A 71 12.99 5.94 3.44
CA CYS A 71 13.26 6.09 2.01
C CYS A 71 12.47 7.25 1.42
N HIS A 72 12.52 7.39 0.10
CA HIS A 72 11.81 8.46 -0.58
C HIS A 72 10.35 8.53 -0.12
N HIS A 73 9.73 9.69 -0.30
CA HIS A 73 8.34 9.89 0.08
C HIS A 73 7.47 8.72 -0.38
N CYS A 74 6.28 8.61 0.18
CA CYS A 74 5.36 7.54 -0.18
C CYS A 74 6.11 6.24 -0.46
N HIS A 75 5.37 5.17 -0.74
CA HIS A 75 5.96 3.87 -1.02
C HIS A 75 7.27 4.03 -1.79
N GLU A 76 8.14 3.04 -1.69
CA GLU A 76 9.42 3.06 -2.38
C GLU A 76 9.28 2.55 -3.82
N GLU A 77 9.65 3.39 -4.77
CA GLU A 77 9.57 3.03 -6.18
C GLU A 77 10.33 4.03 -7.05
N ASP A 78 10.99 4.98 -6.39
CA ASP A 78 11.76 5.99 -7.11
C ASP A 78 12.96 6.45 -6.28
N ASP A 79 13.48 5.54 -5.46
CA ASP A 79 14.63 5.84 -4.62
C ASP A 79 15.78 6.41 -5.45
N GLY A 80 16.83 6.86 -4.77
CA GLY A 80 17.97 7.43 -5.46
C GLY A 80 19.24 7.35 -4.63
N ASP A 81 19.46 6.20 -4.00
CA ASP A 81 20.65 6.00 -3.18
C ASP A 81 21.53 4.89 -3.75
N THR A 82 22.81 4.92 -3.41
CA THR A 82 23.75 3.93 -3.89
C THR A 82 23.26 2.51 -3.61
N HIS A 83 23.33 2.11 -2.35
CA HIS A 83 22.88 0.77 -1.95
C HIS A 83 21.43 0.55 -2.34
N CYS A 84 20.61 1.58 -2.14
CA CYS A 84 19.19 1.49 -2.48
C CYS A 84 19.00 1.08 -3.93
N HIS A 85 19.73 1.73 -4.83
CA HIS A 85 19.64 1.44 -6.25
C HIS A 85 20.20 0.05 -6.56
N CYS A 86 21.18 -0.37 -5.77
CA CYS A 86 21.81 -1.68 -5.97
C CYS A 86 20.90 -2.80 -5.45
N SER A 87 20.09 -2.49 -4.45
CA SER A 87 19.19 -3.46 -3.86
C SER A 87 17.91 -3.57 -4.70
N CYS A 88 17.60 -2.53 -5.44
CA CYS A 88 16.41 -2.50 -6.29
C CYS A 88 16.67 -3.21 -7.62
N GLU A 89 17.88 -3.04 -8.14
CA GLU A 89 18.26 -3.65 -9.41
C GLU A 89 18.35 -5.17 -9.27
N HIS A 90 18.75 -5.63 -8.09
CA HIS A 90 18.88 -7.06 -7.83
C HIS A 90 17.58 -7.63 -7.26
N SER A 91 16.83 -6.79 -6.57
CA SER A 91 15.56 -7.21 -5.97
C SER A 91 14.47 -7.26 -7.02
N HIS A 92 14.53 -6.34 -7.98
CA HIS A 92 13.53 -6.28 -9.04
C HIS A 92 13.77 -7.38 -10.08
N ASP A 93 15.02 -7.75 -10.25
CA ASP A 93 15.39 -8.80 -11.20
C ASP A 93 15.03 -10.18 -10.65
N HIS A 94 14.95 -10.29 -9.33
CA HIS A 94 14.62 -11.54 -8.68
C HIS A 94 13.12 -11.65 -8.42
N HIS A 95 12.46 -10.50 -8.31
CA HIS A 95 11.03 -10.45 -8.06
C HIS A 95 10.32 -9.54 -9.06
N ASP A 96 10.79 -9.57 -10.31
CA ASP A 96 10.21 -8.74 -11.36
C ASP A 96 8.70 -8.98 -11.46
N ASP A 97 8.26 -10.12 -10.97
CA ASP A 97 6.84 -10.47 -11.01
C ASP A 97 6.08 -9.83 -9.85
N ASP A 98 6.80 -9.04 -9.05
CA ASP A 98 6.20 -8.36 -7.92
C ASP A 98 6.54 -6.87 -7.92
N THR A 99 6.36 -6.23 -9.07
CA THR A 99 6.66 -4.81 -9.20
C THR A 99 5.40 -3.97 -9.05
N HIS A 100 4.41 -4.50 -8.35
CA HIS A 100 3.16 -3.80 -8.14
C HIS A 100 2.33 -4.47 -7.03
N GLY A 101 1.14 -3.93 -6.78
CA GLY A 101 0.29 -4.49 -5.75
C GLY A 101 -0.74 -5.45 -6.32
N GLU A 102 -0.36 -6.73 -6.41
CA GLU A 102 -1.25 -7.75 -6.93
C GLU A 102 -0.85 -9.13 -6.44
N CYS A 103 -1.70 -10.12 -6.70
CA CYS A 103 -1.43 -11.49 -6.28
C CYS A 103 -2.54 -12.43 -6.74
N THR A 104 -2.16 -13.48 -7.47
CA THR A 104 -3.12 -14.45 -7.96
C THR A 104 -2.43 -15.74 -8.38
N LYS A 105 -1.22 -15.94 -7.91
CA LYS A 105 -0.44 -17.13 -8.23
C LYS A 105 -0.54 -18.16 -7.11
N LYS A 106 0.09 -19.32 -7.30
CA LYS A 106 0.08 -20.39 -6.31
C LYS A 106 0.73 -19.93 -5.02
N ALA A 107 1.20 -18.68 -5.00
CA ALA A 107 1.84 -18.13 -3.82
C ALA A 107 0.97 -17.07 -3.16
N PRO A 108 1.44 -16.52 -2.03
CA PRO A 108 0.72 -15.49 -1.28
C PRO A 108 0.68 -14.16 -2.02
N CYS A 109 0.04 -13.17 -1.41
CA CYS A 109 -0.08 -11.85 -2.01
C CYS A 109 1.24 -11.07 -1.88
N TRP A 110 1.49 -10.18 -2.83
CA TRP A 110 2.71 -9.37 -2.83
C TRP A 110 2.39 -7.89 -3.01
N ARG A 111 3.35 -7.03 -2.69
CA ARG A 111 3.16 -5.59 -2.82
C ARG A 111 4.12 -5.02 -3.87
N CYS A 112 3.82 -3.82 -4.33
CA CYS A 112 4.64 -3.15 -5.34
C CYS A 112 6.08 -2.99 -4.84
N GLU A 113 7.01 -3.65 -5.52
CA GLU A 113 8.41 -3.58 -5.14
C GLU A 113 9.04 -2.28 -5.64
N TYR A 114 10.24 -1.98 -5.14
CA TYR A 114 10.95 -0.77 -5.54
C TYR A 114 12.02 -1.08 -6.58
N ASN A 115 12.03 -0.31 -7.67
CA ASN A 115 12.99 -0.50 -8.74
C ASN A 115 13.85 0.76 -8.92
N ALA A 116 14.88 0.64 -9.76
CA ALA A 116 15.77 1.76 -10.02
C ALA A 116 15.00 2.97 -10.52
N ASP A 117 15.70 4.09 -10.70
CA ASP A 117 15.08 5.32 -11.17
C ASP A 117 14.97 5.32 -12.69
N LEU A 118 13.74 5.42 -13.19
CA LEU A 118 13.50 5.42 -14.63
C LEU A 118 12.08 5.88 -14.94
N LYS A 119 11.84 6.25 -16.20
CA LYS A 119 10.53 6.71 -16.63
C LYS A 119 9.49 5.61 -16.47
N HIS A 120 8.60 5.76 -15.50
CA HIS A 120 7.55 4.78 -15.25
C HIS A 120 6.40 5.39 -14.46
N ASP A 121 5.43 4.55 -14.11
CA ASP A 121 4.27 5.02 -13.34
C ASP A 121 4.47 4.77 -11.84
N VAL A 122 3.57 5.33 -11.04
CA VAL A 122 3.66 5.17 -9.59
C VAL A 122 2.74 4.05 -9.10
N CYS A 123 3.13 3.41 -8.01
CA CYS A 123 2.34 2.32 -7.44
C CYS A 123 1.85 2.67 -6.04
N GLY A 124 1.34 1.68 -5.33
CA GLY A 124 0.83 1.90 -3.99
C GLY A 124 1.28 0.82 -3.02
N CYS A 125 2.18 1.18 -2.11
CA CYS A 125 2.68 0.23 -1.11
C CYS A 125 1.57 -0.69 -0.62
N GLU A 126 0.38 -0.11 -0.42
CA GLU A 126 -0.76 -0.87 0.06
C GLU A 126 -1.91 -0.83 -0.94
N CYS A 127 -2.58 0.32 -1.01
CA CYS A 127 -3.70 0.49 -1.93
C CYS A 127 -4.34 1.87 -1.75
N SER A 128 -5.21 2.24 -2.68
CA SER A 128 -5.88 3.53 -2.62
C SER A 128 -7.35 3.35 -2.25
N LYS A 129 -8.07 4.47 -2.17
CA LYS A 129 -9.49 4.45 -1.82
C LYS A 129 -10.34 4.14 -3.04
N LEU A 130 -10.08 3.00 -3.68
CA LEU A 130 -10.83 2.58 -4.86
C LEU A 130 -11.59 1.29 -4.59
N PRO A 131 -12.61 1.02 -5.41
CA PRO A 131 -13.43 -0.19 -5.29
C PRO A 131 -12.66 -1.45 -5.66
N CYS A 132 -11.62 -1.29 -6.47
CA CYS A 132 -10.80 -2.42 -6.90
C CYS A 132 -10.13 -3.09 -5.70
N ASN A 133 -8.81 -2.94 -5.63
CA ASN A 133 -8.04 -3.53 -4.54
C ASN A 133 -8.95 -3.93 -3.38
N ASP A 134 -8.83 -5.18 -2.94
CA ASP A 134 -9.65 -5.69 -1.84
C ASP A 134 -8.79 -5.97 -0.61
N GLU A 135 -8.30 -7.20 -0.51
CA GLU A 135 -7.46 -7.60 0.60
C GLU A 135 -7.04 -9.07 0.47
N HIS A 136 -5.75 -9.28 0.22
CA HIS A 136 -5.21 -10.64 0.07
C HIS A 136 -4.09 -10.89 1.07
N PRO A 137 -3.78 -12.17 1.30
CA PRO A 137 -2.73 -12.58 2.24
C PRO A 137 -1.34 -12.22 1.73
N CYS A 138 -0.93 -10.97 1.94
CA CYS A 138 0.37 -10.50 1.50
C CYS A 138 1.30 -10.28 2.70
N TYR A 139 2.56 -10.66 2.53
CA TYR A 139 3.55 -10.52 3.60
C TYR A 139 4.92 -11.01 3.15
N ARG A 140 5.81 -11.23 4.11
CA ARG A 140 7.16 -11.70 3.81
C ARG A 140 7.20 -13.22 3.73
N LYS A 141 7.56 -13.86 4.83
CA LYS A 141 7.64 -15.32 4.89
C LYS A 141 6.30 -15.92 5.27
N GLU A 142 5.22 -15.17 5.02
CA GLU A 142 3.88 -15.63 5.33
C GLU A 142 2.85 -14.54 5.06
N GLY A 143 2.09 -14.71 3.98
CA GLY A 143 1.08 -13.74 3.62
C GLY A 143 0.21 -13.34 4.80
N GLY A 144 -0.40 -12.16 4.71
CA GLY A 144 -1.25 -11.69 5.78
C GLY A 144 -2.36 -10.79 5.29
N VAL A 145 -3.38 -10.60 6.12
CA VAL A 145 -4.52 -9.76 5.76
C VAL A 145 -4.06 -8.37 5.34
N VAL A 146 -3.90 -8.18 4.04
CA VAL A 146 -3.47 -6.89 3.49
C VAL A 146 -4.23 -6.55 2.22
N SER A 147 -4.34 -5.26 1.93
CA SER A 147 -5.05 -4.80 0.76
C SER A 147 -4.42 -5.36 -0.51
N CYS A 148 -5.27 -5.74 -1.47
CA CYS A 148 -4.79 -6.29 -2.73
C CYS A 148 -5.40 -5.56 -3.91
N ASP A 149 -4.56 -4.85 -4.66
CA ASP A 149 -5.02 -4.10 -5.82
C ASP A 149 -4.76 -4.87 -7.11
N CYS A 150 -5.36 -4.42 -8.20
CA CYS A 150 -5.21 -5.07 -9.49
C CYS A 150 -4.09 -4.42 -10.30
N LYS A 151 -3.18 -5.24 -10.81
CA LYS A 151 -2.06 -4.76 -11.61
C LYS A 151 -1.47 -5.87 -12.46
N THR A 152 -0.40 -6.48 -11.98
CA THR A 152 0.27 -7.56 -12.70
C THR A 152 -0.37 -8.91 -12.36
N ILE A 153 -1.64 -8.89 -12.01
CA ILE A 153 -2.36 -10.11 -11.66
C ILE A 153 -1.91 -11.28 -12.54
N THR A 154 -1.98 -12.48 -12.00
CA THR A 154 -1.59 -13.68 -12.72
C THR A 154 -2.66 -14.10 -13.73
N CYS A 155 -2.40 -15.17 -14.46
CA CYS A 155 -3.34 -15.67 -15.46
C CYS A 155 -4.46 -16.46 -14.79
N ASN A 156 -5.38 -16.97 -15.61
CA ASN A 156 -6.50 -17.75 -15.10
C ASN A 156 -6.02 -18.88 -14.20
N GLU A 157 -6.89 -19.32 -13.29
CA GLU A 157 -6.56 -20.40 -12.37
C GLU A 157 -5.92 -21.57 -13.12
N ASP A 158 -6.36 -21.78 -14.35
CA ASP A 158 -5.84 -22.87 -15.17
C ASP A 158 -4.33 -22.76 -15.33
N HIS A 159 -3.76 -21.66 -14.83
CA HIS A 159 -2.32 -21.43 -14.91
C HIS A 159 -1.94 -20.14 -14.21
N PRO A 160 -1.61 -20.23 -12.91
CA PRO A 160 -1.21 -19.08 -12.10
C PRO A 160 0.14 -18.52 -12.51
N CYS A 161 0.12 -17.37 -13.19
CA CYS A 161 1.36 -16.73 -13.63
C CYS A 161 1.14 -15.24 -13.88
N TYR A 162 1.94 -14.42 -13.21
CA TYR A 162 1.82 -12.97 -13.35
C TYR A 162 1.65 -12.58 -14.81
N HIS A 163 0.68 -11.69 -15.07
CA HIS A 163 0.41 -11.23 -16.43
C HIS A 163 1.69 -10.76 -17.10
N SER A 164 2.23 -9.64 -16.62
CA SER A 164 3.45 -9.07 -17.19
C SER A 164 4.12 -8.12 -16.20
N TYR A 165 4.80 -7.12 -16.73
CA TYR A 165 5.50 -6.14 -15.90
C TYR A 165 5.16 -4.72 -16.32
N GLU A 166 4.54 -3.97 -15.42
CA GLU A 166 4.16 -2.58 -15.72
C GLU A 166 3.73 -1.86 -14.45
N GLU A 167 3.36 -0.59 -14.60
CA GLU A 167 2.93 0.21 -13.46
C GLU A 167 1.53 0.79 -13.70
N ASP A 168 0.51 -0.03 -13.43
CA ASP A 168 -0.87 0.40 -13.61
C ASP A 168 -1.82 -0.45 -12.75
N GLY A 169 -2.68 0.22 -12.01
CA GLY A 169 -3.63 -0.48 -11.16
C GLY A 169 -4.58 0.46 -10.45
N VAL A 170 -4.77 0.24 -9.15
CA VAL A 170 -5.65 1.08 -8.35
C VAL A 170 -5.27 2.54 -8.46
N THR A 171 -6.08 3.31 -9.20
CA THR A 171 -5.82 4.73 -9.38
C THR A 171 -7.10 5.54 -9.23
N LYS A 172 -6.98 6.72 -8.63
CA LYS A 172 -8.14 7.59 -8.43
C LYS A 172 -8.84 7.89 -9.75
N SER A 173 -10.06 7.39 -9.89
CA SER A 173 -10.84 7.59 -11.11
C SER A 173 -10.01 7.23 -12.34
N ASP A 174 -9.23 6.16 -12.23
CA ASP A 174 -8.40 5.70 -13.34
C ASP A 174 -9.19 5.69 -14.65
N CYS A 175 -10.27 4.91 -14.67
CA CYS A 175 -11.10 4.81 -15.87
C CYS A 175 -12.56 5.16 -15.54
N ASP A 176 -12.85 5.32 -14.25
CA ASP A 176 -14.19 5.65 -13.81
C ASP A 176 -15.22 4.76 -14.48
N CYS A 177 -14.83 3.52 -14.77
CA CYS A 177 -15.73 2.55 -15.40
C CYS A 177 -15.80 1.26 -14.59
N GLU A 178 -16.64 0.34 -15.05
CA GLU A 178 -16.81 -0.95 -14.36
C GLU A 178 -15.45 -1.59 -14.08
N HIS A 179 -15.04 -1.55 -12.81
CA HIS A 179 -13.76 -2.12 -12.40
C HIS A 179 -13.94 -3.59 -12.02
N SER A 180 -12.88 -4.17 -11.45
CA SER A 180 -12.91 -5.56 -11.03
C SER A 180 -14.24 -5.90 -10.36
N PRO A 181 -14.58 -7.20 -10.37
CA PRO A 181 -15.83 -7.69 -9.76
C PRO A 181 -15.81 -7.61 -8.25
N GLY A 182 -16.78 -8.27 -7.61
CA GLY A 182 -16.84 -8.25 -6.16
C GLY A 182 -15.86 -9.22 -5.52
N PRO A 183 -14.87 -8.69 -4.81
CA PRO A 183 -13.85 -9.50 -4.13
C PRO A 183 -14.42 -10.27 -2.94
N SER A 184 -13.53 -10.71 -2.06
CA SER A 184 -13.93 -11.47 -0.88
C SER A 184 -14.11 -10.54 0.33
N GLU A 185 -12.99 -10.02 0.82
CA GLU A 185 -13.01 -9.12 1.97
C GLU A 185 -13.84 -7.87 1.67
N MET A 1 -8.20 8.29 5.02
CA MET A 1 -9.56 7.79 5.19
C MET A 1 -9.85 7.48 6.66
N ALA A 2 -10.98 7.99 7.15
CA ALA A 2 -11.37 7.77 8.54
C ALA A 2 -12.79 8.27 8.79
N HIS A 3 -13.47 7.62 9.72
CA HIS A 3 -14.84 8.00 10.06
C HIS A 3 -14.85 9.24 10.95
N GLU A 4 -15.15 10.39 10.35
CA GLU A 4 -15.18 11.65 11.10
C GLU A 4 -16.23 12.60 10.50
N GLU A 5 -16.57 13.63 11.25
CA GLU A 5 -17.56 14.61 10.81
C GLU A 5 -16.95 16.02 10.78
N ASP A 6 -17.71 16.96 10.25
CA ASP A 6 -17.26 18.35 10.17
C ASP A 6 -16.08 18.48 9.20
N GLY A 7 -15.97 19.63 8.56
CA GLY A 7 -14.89 19.86 7.62
C GLY A 7 -15.06 19.07 6.33
N VAL A 8 -14.24 19.37 5.34
CA VAL A 8 -14.29 18.68 4.06
C VAL A 8 -13.07 17.79 3.86
N CYS A 9 -13.20 16.52 4.25
CA CYS A 9 -12.11 15.57 4.11
C CYS A 9 -12.63 14.14 4.14
N ASN A 10 -11.72 13.18 3.98
CA ASN A 10 -12.09 11.76 3.99
C ASN A 10 -11.42 11.03 5.14
N SER A 11 -10.34 11.62 5.66
CA SER A 11 -9.60 11.03 6.76
C SER A 11 -10.17 11.47 8.10
N ASN A 12 -9.42 12.32 8.81
CA ASN A 12 -9.85 12.82 10.10
C ASN A 12 -9.70 14.34 10.17
N ALA A 13 -9.20 14.93 9.09
CA ALA A 13 -9.01 16.38 9.02
C ALA A 13 -8.45 16.80 7.66
N PRO A 14 -7.23 16.31 7.35
CA PRO A 14 -6.56 16.62 6.09
C PRO A 14 -7.24 15.96 4.89
N CYS A 15 -6.66 16.16 3.70
CA CYS A 15 -7.21 15.59 2.49
C CYS A 15 -7.52 14.10 2.66
N TYR A 16 -6.48 13.29 2.69
CA TYR A 16 -6.63 11.85 2.85
C TYR A 16 -5.45 11.25 3.61
N HIS A 17 -5.56 9.98 3.96
CA HIS A 17 -4.49 9.29 4.68
C HIS A 17 -3.18 9.38 3.93
N CYS A 18 -2.18 8.62 4.37
CA CYS A 18 -0.87 8.62 3.75
C CYS A 18 -0.72 7.45 2.78
N ASP A 19 0.46 7.32 2.19
CA ASP A 19 0.72 6.23 1.25
C ASP A 19 0.79 4.89 1.97
N ALA A 20 2.00 4.43 2.24
CA ALA A 20 2.20 3.16 2.93
C ALA A 20 1.23 3.00 4.10
N ASN A 21 1.00 4.11 4.81
CA ASN A 21 0.10 4.09 5.96
C ASN A 21 -1.35 3.98 5.50
N GLY A 22 -1.70 4.71 4.44
CA GLY A 22 -3.05 4.66 3.93
C GLY A 22 -3.58 3.26 3.79
N GLU A 23 -2.74 2.35 3.28
CA GLU A 23 -3.13 0.96 3.10
C GLU A 23 -2.85 0.15 4.35
N ASN A 24 -1.94 0.64 5.18
CA ASN A 24 -1.57 -0.05 6.42
C ASN A 24 -2.75 -0.08 7.38
N CYS A 25 -3.56 0.98 7.35
CA CYS A 25 -4.72 1.07 8.23
C CYS A 25 -6.00 0.77 7.47
N SER A 26 -6.19 1.46 6.34
CA SER A 26 -7.38 1.26 5.53
C SER A 26 -7.05 1.41 4.04
N CYS A 27 -7.11 0.29 3.33
CA CYS A 27 -6.82 0.29 1.90
C CYS A 27 -7.84 1.12 1.12
N ASN A 28 -7.78 2.43 1.31
CA ASN A 28 -8.71 3.34 0.65
C ASN A 28 -8.30 4.79 0.86
N CYS A 29 -7.01 5.06 0.75
CA CYS A 29 -6.49 6.42 0.94
C CYS A 29 -4.99 6.47 0.65
N GLU A 30 -4.55 7.59 0.10
CA GLU A 30 -3.14 7.77 -0.22
C GLU A 30 -2.81 9.24 -0.45
N LEU A 31 -2.31 9.90 0.59
CA LEU A 31 -1.96 11.31 0.52
C LEU A 31 -0.76 11.62 1.40
N PHE A 32 0.34 12.04 0.77
CA PHE A 32 1.55 12.37 1.52
C PHE A 32 1.26 13.38 2.62
N ASP A 33 1.02 12.88 3.82
CA ASP A 33 0.73 13.74 4.97
C ASP A 33 1.38 13.19 6.23
N CYS A 34 1.16 13.88 7.35
CA CYS A 34 1.72 13.47 8.63
C CYS A 34 1.07 14.22 9.78
N GLU A 35 0.45 13.48 10.69
CA GLU A 35 -0.22 14.09 11.84
C GLU A 35 -0.77 13.02 12.77
N ALA A 36 -0.88 13.35 14.06
CA ALA A 36 -1.40 12.42 15.05
C ALA A 36 -2.91 12.57 15.21
N LYS A 37 -3.58 11.47 15.55
CA LYS A 37 -5.02 11.48 15.74
C LYS A 37 -5.48 10.21 16.47
N LYS A 38 -6.71 10.25 16.98
CA LYS A 38 -7.27 9.12 17.71
C LYS A 38 -8.79 9.20 17.74
N PRO A 39 -9.45 8.31 16.98
CA PRO A 39 -10.91 8.26 16.92
C PRO A 39 -11.53 7.76 18.22
N ASP A 40 -11.09 6.61 18.68
CA ASP A 40 -11.60 6.02 19.92
C ASP A 40 -10.91 4.68 20.20
N GLY A 41 -9.63 4.59 19.87
CA GLY A 41 -8.89 3.36 20.09
C GLY A 41 -7.46 3.61 20.52
N SER A 42 -6.77 4.47 19.77
CA SER A 42 -5.38 4.80 20.06
C SER A 42 -4.91 5.99 19.22
N TYR A 43 -3.66 6.40 19.44
CA TYR A 43 -3.09 7.52 18.70
C TYR A 43 -2.11 7.03 17.64
N ALA A 44 -2.30 7.50 16.41
CA ALA A 44 -1.43 7.13 15.30
C ALA A 44 -0.63 8.31 14.80
N HIS A 45 -0.04 8.16 13.61
CA HIS A 45 0.76 9.23 13.02
C HIS A 45 1.35 8.78 11.68
N PRO A 46 0.48 8.57 10.69
CA PRO A 46 0.89 8.13 9.35
C PRO A 46 1.63 9.22 8.59
N CYS A 47 2.94 9.05 8.44
CA CYS A 47 3.76 10.02 7.73
C CYS A 47 4.65 9.33 6.69
N ARG A 48 4.78 9.95 5.52
CA ARG A 48 5.59 9.39 4.46
C ARG A 48 6.93 8.91 4.99
N ARG A 49 8.03 9.46 4.48
CA ARG A 49 9.36 9.08 4.91
C ARG A 49 9.61 9.50 6.34
N CYS A 50 8.55 9.93 7.02
CA CYS A 50 8.66 10.37 8.41
C CYS A 50 8.30 9.24 9.37
N ASP A 51 8.16 9.58 10.65
CA ASP A 51 7.80 8.59 11.66
C ASP A 51 6.38 8.09 11.48
N ALA A 52 6.12 6.87 11.91
CA ALA A 52 4.79 6.28 11.78
C ALA A 52 4.30 5.75 13.13
N ASN A 53 3.00 5.80 13.34
CA ASN A 53 2.40 5.33 14.59
C ASN A 53 1.21 4.41 14.31
N ASN A 54 1.48 3.10 14.27
CA ASN A 54 0.43 2.12 14.01
C ASN A 54 -0.32 1.79 15.30
N ILE A 55 -1.64 1.68 15.19
CA ILE A 55 -2.48 1.36 16.34
C ILE A 55 -3.61 0.41 15.95
N CYS A 56 -3.82 -0.61 16.76
CA CYS A 56 -4.86 -1.60 16.51
C CYS A 56 -5.18 -2.39 17.77
N LYS A 57 -4.20 -3.15 18.25
CA LYS A 57 -4.38 -3.96 19.45
C LYS A 57 -4.46 -3.08 20.70
N CYS A 58 -5.42 -2.15 20.69
CA CYS A 58 -5.60 -1.24 21.82
C CYS A 58 -4.26 -0.66 22.28
N SER A 59 -3.29 -0.66 21.39
CA SER A 59 -1.96 -0.14 21.71
C SER A 59 -1.41 0.68 20.55
N CYS A 60 -0.91 1.88 20.86
CA CYS A 60 -0.36 2.77 19.85
C CYS A 60 1.16 2.70 19.84
N THR A 61 1.75 2.66 18.65
CA THR A 61 3.20 2.60 18.51
C THR A 61 3.76 3.93 18.03
N ALA A 62 4.97 4.25 18.47
CA ALA A 62 5.62 5.50 18.09
C ALA A 62 7.04 5.24 17.59
N ILE A 63 7.18 5.11 16.28
CA ILE A 63 8.48 4.87 15.67
C ILE A 63 8.63 5.61 14.35
N PRO A 64 9.87 5.71 13.85
CA PRO A 64 10.17 6.39 12.60
C PRO A 64 9.64 5.64 11.38
N CYS A 65 9.88 6.19 10.20
CA CYS A 65 9.42 5.56 8.95
C CYS A 65 9.49 4.03 9.06
N ASN A 66 8.36 3.41 9.32
CA ASN A 66 8.30 1.96 9.44
C ASN A 66 9.12 1.28 8.35
N GLU A 67 9.21 1.93 7.19
CA GLU A 67 9.96 1.39 6.07
C GLU A 67 11.39 1.93 6.07
N ASP A 68 12.01 1.93 7.24
CA ASP A 68 13.38 2.42 7.37
C ASP A 68 14.01 2.66 6.00
N HIS A 69 13.61 3.75 5.35
CA HIS A 69 14.13 4.09 4.04
C HIS A 69 14.73 5.50 4.03
N PRO A 70 16.02 5.60 3.71
CA PRO A 70 16.74 6.87 3.66
C PRO A 70 16.27 7.76 2.50
N CYS A 71 15.26 7.29 1.78
CA CYS A 71 14.72 8.03 0.65
C CYS A 71 13.61 8.98 1.09
N HIS A 72 13.39 10.03 0.31
CA HIS A 72 12.36 11.02 0.63
C HIS A 72 10.98 10.36 0.69
N HIS A 73 9.99 11.11 1.16
CA HIS A 73 8.63 10.60 1.27
C HIS A 73 8.24 9.82 0.03
N CYS A 74 8.76 8.60 -0.09
CA CYS A 74 8.47 7.75 -1.24
C CYS A 74 8.97 6.32 -0.99
N HIS A 75 8.41 5.37 -1.73
CA HIS A 75 8.79 3.97 -1.59
C HIS A 75 10.31 3.82 -1.62
N GLU A 76 10.79 2.65 -1.19
CA GLU A 76 12.23 2.38 -1.16
C GLU A 76 12.84 2.55 -2.55
N GLU A 77 13.46 3.71 -2.78
CA GLU A 77 14.08 4.00 -4.07
C GLU A 77 15.58 3.75 -4.00
N ASP A 78 16.31 4.27 -4.99
CA ASP A 78 17.76 4.12 -5.05
C ASP A 78 18.44 4.98 -3.99
N ASP A 79 17.66 5.80 -3.30
CA ASP A 79 18.18 6.68 -2.27
C ASP A 79 18.74 5.87 -1.11
N GLY A 80 20.00 6.12 -0.76
CA GLY A 80 20.64 5.40 0.32
C GLY A 80 21.92 4.72 -0.09
N ASP A 81 22.31 3.69 0.65
CA ASP A 81 23.53 2.94 0.35
C ASP A 81 23.20 1.49 -0.02
N THR A 82 24.24 0.70 -0.23
CA THR A 82 24.08 -0.70 -0.59
C THR A 82 23.22 -1.44 0.44
N HIS A 83 23.82 -1.77 1.58
CA HIS A 83 23.11 -2.46 2.64
C HIS A 83 21.78 -1.79 2.94
N CYS A 84 21.79 -0.46 3.02
CA CYS A 84 20.59 0.30 3.30
C CYS A 84 19.48 -0.02 2.30
N HIS A 85 19.82 0.04 1.02
CA HIS A 85 18.87 -0.25 -0.04
C HIS A 85 18.40 -1.69 0.02
N CYS A 86 19.26 -2.56 0.54
CA CYS A 86 18.94 -3.98 0.66
C CYS A 86 17.93 -4.21 1.79
N SER A 87 18.02 -3.39 2.83
CA SER A 87 17.12 -3.51 3.98
C SER A 87 15.76 -2.91 3.66
N CYS A 88 15.73 -1.98 2.71
CA CYS A 88 14.50 -1.31 2.32
C CYS A 88 13.71 -2.18 1.34
N GLU A 89 14.42 -2.80 0.40
CA GLU A 89 13.79 -3.65 -0.60
C GLU A 89 13.10 -4.84 0.05
N HIS A 90 13.65 -5.29 1.18
CA HIS A 90 13.09 -6.43 1.90
C HIS A 90 12.10 -5.96 2.96
N SER A 91 12.35 -4.78 3.52
CA SER A 91 11.49 -4.22 4.55
C SER A 91 10.17 -3.74 3.95
N HIS A 92 10.26 -3.03 2.83
CA HIS A 92 9.08 -2.50 2.15
C HIS A 92 8.35 -3.61 1.41
N ASP A 93 9.10 -4.58 0.90
CA ASP A 93 8.53 -5.70 0.17
C ASP A 93 7.59 -6.51 1.05
N HIS A 94 7.76 -6.36 2.37
CA HIS A 94 6.92 -7.08 3.33
C HIS A 94 5.56 -6.39 3.49
N HIS A 95 5.58 -5.07 3.56
CA HIS A 95 4.35 -4.30 3.71
C HIS A 95 3.89 -3.74 2.37
N ASP A 96 4.60 -4.10 1.31
CA ASP A 96 4.26 -3.64 -0.04
C ASP A 96 3.20 -4.55 -0.67
N ASP A 97 2.98 -5.71 -0.06
CA ASP A 97 2.01 -6.66 -0.56
C ASP A 97 0.63 -6.02 -0.66
N ASP A 98 0.50 -4.81 -0.13
CA ASP A 98 -0.77 -4.09 -0.16
C ASP A 98 -0.57 -2.67 -0.69
N THR A 99 0.44 -2.50 -1.55
CA THR A 99 0.73 -1.19 -2.13
C THR A 99 0.85 -1.29 -3.65
N HIS A 100 1.80 -2.11 -4.11
CA HIS A 100 2.02 -2.28 -5.54
C HIS A 100 3.39 -2.88 -5.82
N GLY A 101 3.50 -3.64 -6.90
CA GLY A 101 4.76 -4.26 -7.25
C GLY A 101 4.68 -5.07 -8.53
N GLU A 102 5.36 -6.21 -8.57
CA GLU A 102 5.36 -7.06 -9.75
C GLU A 102 5.28 -8.53 -9.35
N CYS A 103 4.67 -9.34 -10.22
CA CYS A 103 4.52 -10.76 -9.96
C CYS A 103 3.80 -11.45 -11.12
N THR A 104 4.06 -12.75 -11.28
CA THR A 104 3.43 -13.53 -12.35
C THR A 104 2.16 -14.21 -11.86
N LYS A 105 1.37 -14.72 -12.79
CA LYS A 105 0.13 -15.40 -12.46
C LYS A 105 0.29 -16.23 -11.19
N LYS A 106 -0.80 -16.37 -10.44
CA LYS A 106 -0.79 -17.13 -9.20
C LYS A 106 0.64 -17.42 -8.76
N ALA A 107 1.50 -16.41 -8.83
CA ALA A 107 2.89 -16.55 -8.43
C ALA A 107 3.19 -15.77 -7.16
N PRO A 108 3.97 -16.38 -6.26
CA PRO A 108 4.34 -15.76 -4.98
C PRO A 108 5.30 -14.58 -5.17
N CYS A 109 4.76 -13.45 -5.61
CA CYS A 109 5.55 -12.26 -5.83
C CYS A 109 4.71 -10.99 -5.68
N TRP A 110 5.34 -9.91 -5.24
CA TRP A 110 4.64 -8.64 -5.06
C TRP A 110 5.55 -7.61 -4.41
N ARG A 111 6.08 -6.71 -5.22
CA ARG A 111 6.98 -5.67 -4.72
C ARG A 111 7.41 -4.74 -5.85
N CYS A 112 7.26 -3.44 -5.62
CA CYS A 112 7.63 -2.44 -6.63
C CYS A 112 9.14 -2.45 -6.85
N GLU A 113 9.57 -2.98 -8.00
CA GLU A 113 10.98 -3.06 -8.34
C GLU A 113 11.21 -2.69 -9.80
N TYR A 114 11.87 -1.57 -10.04
CA TYR A 114 12.15 -1.11 -11.39
C TYR A 114 13.05 0.12 -11.37
N ASN A 115 14.10 0.09 -12.19
CA ASN A 115 15.04 1.20 -12.27
C ASN A 115 15.56 1.37 -13.69
N ALA A 116 15.18 2.47 -14.33
CA ALA A 116 15.61 2.76 -15.69
C ALA A 116 15.51 4.24 -16.00
N ASP A 117 16.03 4.64 -17.16
CA ASP A 117 16.00 6.04 -17.57
C ASP A 117 14.83 6.29 -18.52
N LEU A 118 13.80 6.96 -18.01
CA LEU A 118 12.61 7.27 -18.81
C LEU A 118 11.59 8.05 -17.99
N LYS A 119 10.52 8.48 -18.64
CA LYS A 119 9.47 9.23 -17.97
C LYS A 119 8.39 8.29 -17.43
N HIS A 120 8.32 8.19 -16.10
CA HIS A 120 7.32 7.33 -15.46
C HIS A 120 6.98 7.86 -14.07
N ASP A 121 6.28 7.04 -13.29
CA ASP A 121 5.88 7.42 -11.94
C ASP A 121 6.27 6.33 -10.94
N VAL A 122 6.68 6.75 -9.75
CA VAL A 122 7.07 5.81 -8.70
C VAL A 122 5.94 4.84 -8.39
N CYS A 123 6.30 3.70 -7.81
CA CYS A 123 5.31 2.68 -7.45
C CYS A 123 5.58 2.13 -6.05
N GLY A 124 4.92 1.03 -5.71
CA GLY A 124 5.10 0.43 -4.41
C GLY A 124 4.51 1.27 -3.30
N CYS A 125 5.35 1.71 -2.39
CA CYS A 125 4.92 2.54 -1.26
C CYS A 125 4.60 3.96 -1.71
N GLU A 126 4.82 4.22 -3.00
CA GLU A 126 4.56 5.55 -3.56
C GLU A 126 3.14 6.00 -3.25
N CYS A 127 2.20 5.06 -3.32
CA CYS A 127 0.79 5.37 -3.04
C CYS A 127 -0.08 4.14 -3.27
N SER A 128 -1.35 4.25 -2.89
CA SER A 128 -2.29 3.14 -3.04
C SER A 128 -3.14 3.33 -4.28
N LYS A 129 -4.04 2.37 -4.54
CA LYS A 129 -4.91 2.43 -5.69
C LYS A 129 -6.38 2.46 -5.26
N LEU A 130 -6.93 1.27 -5.00
CA LEU A 130 -8.33 1.17 -4.58
C LEU A 130 -8.51 -0.01 -3.61
N PRO A 131 -9.60 0.02 -2.84
CA PRO A 131 -9.92 -1.03 -1.88
C PRO A 131 -10.32 -2.35 -2.56
N CYS A 132 -9.33 -3.03 -3.13
CA CYS A 132 -9.58 -4.29 -3.81
C CYS A 132 -8.69 -5.39 -3.25
N ASN A 133 -9.24 -6.18 -2.33
CA ASN A 133 -8.49 -7.28 -1.71
C ASN A 133 -9.28 -8.59 -1.80
N ASP A 134 -8.74 -9.53 -2.58
CA ASP A 134 -9.39 -10.82 -2.76
C ASP A 134 -8.57 -11.92 -2.08
N GLU A 135 -7.55 -12.40 -2.77
CA GLU A 135 -6.69 -13.45 -2.24
C GLU A 135 -5.68 -13.92 -3.28
N HIS A 136 -4.67 -13.09 -3.53
CA HIS A 136 -3.64 -13.40 -4.50
C HIS A 136 -2.28 -13.55 -3.83
N PRO A 137 -1.34 -14.23 -4.52
CA PRO A 137 0.01 -14.45 -4.00
C PRO A 137 0.83 -13.17 -3.94
N CYS A 138 1.77 -13.11 -3.00
CA CYS A 138 2.62 -11.93 -2.84
C CYS A 138 3.92 -12.30 -2.13
N TYR A 139 4.96 -11.50 -2.37
CA TYR A 139 6.27 -11.75 -1.76
C TYR A 139 6.52 -10.76 -0.63
N ARG A 140 6.41 -11.24 0.61
CA ARG A 140 6.63 -10.38 1.77
C ARG A 140 7.53 -11.10 2.79
N LYS A 141 7.04 -11.21 4.01
CA LYS A 141 7.80 -11.86 5.08
C LYS A 141 7.59 -13.37 5.05
N GLU A 142 7.08 -13.87 3.93
CA GLU A 142 6.81 -15.30 3.78
C GLU A 142 5.99 -15.57 2.52
N GLY A 143 6.55 -16.39 1.63
CA GLY A 143 5.85 -16.72 0.40
C GLY A 143 4.47 -17.28 0.65
N GLY A 144 3.44 -16.52 0.28
CA GLY A 144 2.08 -16.97 0.48
C GLY A 144 1.07 -16.09 -0.24
N VAL A 145 -0.21 -16.37 -0.03
CA VAL A 145 -1.28 -15.60 -0.66
C VAL A 145 -2.22 -15.00 0.39
N VAL A 146 -2.59 -13.74 0.18
CA VAL A 146 -3.48 -13.04 1.11
C VAL A 146 -4.50 -12.20 0.35
N SER A 147 -5.60 -11.86 1.03
CA SER A 147 -6.65 -11.06 0.42
C SER A 147 -6.09 -9.77 -0.16
N CYS A 148 -5.96 -9.73 -1.49
CA CYS A 148 -5.44 -8.56 -2.18
C CYS A 148 -5.60 -8.70 -3.69
N ASP A 149 -6.46 -7.87 -4.26
CA ASP A 149 -6.71 -7.91 -5.70
C ASP A 149 -6.63 -6.51 -6.29
N CYS A 150 -5.49 -5.85 -6.11
CA CYS A 150 -5.29 -4.50 -6.63
C CYS A 150 -3.82 -4.09 -6.50
N LYS A 151 -3.57 -2.80 -6.67
CA LYS A 151 -2.20 -2.28 -6.58
C LYS A 151 -1.40 -2.60 -7.83
N THR A 152 -1.12 -3.88 -8.02
CA THR A 152 -0.36 -4.33 -9.18
C THR A 152 -1.17 -4.18 -10.46
N ILE A 153 -1.82 -5.26 -10.87
CA ILE A 153 -2.63 -5.25 -12.08
C ILE A 153 -3.37 -6.58 -12.27
N THR A 154 -4.69 -6.53 -12.12
CA THR A 154 -5.51 -7.73 -12.26
C THR A 154 -5.93 -7.94 -13.72
N CYS A 155 -6.01 -9.20 -14.14
CA CYS A 155 -6.41 -9.54 -15.50
C CYS A 155 -6.89 -10.97 -15.58
N ASN A 156 -8.15 -11.19 -15.21
CA ASN A 156 -8.74 -12.52 -15.24
C ASN A 156 -10.26 -12.44 -15.39
N GLU A 157 -10.88 -13.57 -15.70
CA GLU A 157 -12.33 -13.62 -15.87
C GLU A 157 -13.04 -13.05 -14.64
N ASP A 158 -13.62 -13.93 -13.83
CA ASP A 158 -14.33 -13.51 -12.63
C ASP A 158 -13.38 -13.47 -11.44
N HIS A 159 -12.12 -13.17 -11.69
CA HIS A 159 -11.12 -13.10 -10.64
C HIS A 159 -9.91 -12.27 -11.09
N PRO A 160 -9.19 -11.68 -10.12
CA PRO A 160 -8.00 -10.86 -10.40
C PRO A 160 -6.83 -11.69 -10.90
N CYS A 161 -5.88 -11.03 -11.54
CA CYS A 161 -4.70 -11.70 -12.08
C CYS A 161 -3.54 -10.73 -12.23
N TYR A 162 -2.45 -11.00 -11.52
CA TYR A 162 -1.27 -10.14 -11.58
C TYR A 162 -0.30 -10.61 -12.66
N HIS A 163 -0.33 -9.94 -13.81
CA HIS A 163 0.54 -10.28 -14.92
C HIS A 163 1.64 -9.25 -15.09
N SER A 164 1.26 -7.97 -15.07
CA SER A 164 2.23 -6.89 -15.22
C SER A 164 2.45 -6.17 -13.90
N TYR A 165 3.10 -5.01 -13.97
CA TYR A 165 3.38 -4.23 -12.77
C TYR A 165 3.22 -2.73 -13.05
N GLU A 166 2.20 -2.13 -12.45
CA GLU A 166 1.94 -0.71 -12.64
C GLU A 166 0.82 -0.24 -11.71
N GLU A 167 0.99 0.94 -11.12
CA GLU A 167 0.00 1.51 -10.22
C GLU A 167 -1.41 1.29 -10.77
N ASP A 168 -1.94 0.09 -10.57
CA ASP A 168 -3.28 -0.25 -11.05
C ASP A 168 -3.90 -1.35 -10.19
N GLY A 169 -4.86 -2.07 -10.77
CA GLY A 169 -5.51 -3.14 -10.05
C GLY A 169 -6.95 -3.36 -10.50
N VAL A 170 -7.72 -4.07 -9.69
CA VAL A 170 -9.11 -4.35 -10.03
C VAL A 170 -9.90 -3.06 -10.21
N THR A 171 -10.73 -3.03 -11.26
CA THR A 171 -11.54 -1.85 -11.55
C THR A 171 -13.00 -2.10 -11.22
N LYS A 172 -13.45 -1.58 -10.09
CA LYS A 172 -14.83 -1.74 -9.65
C LYS A 172 -15.60 -0.43 -9.82
N SER A 173 -16.30 -0.30 -10.95
CA SER A 173 -17.08 0.91 -11.22
C SER A 173 -18.56 0.56 -11.37
N ASP A 174 -18.94 -0.61 -10.88
CA ASP A 174 -20.33 -1.06 -10.96
C ASP A 174 -21.07 -0.73 -9.67
N CYS A 175 -20.57 -1.24 -8.56
CA CYS A 175 -21.19 -1.00 -7.26
C CYS A 175 -20.14 -0.68 -6.21
N ASP A 176 -18.91 -0.47 -6.65
CA ASP A 176 -17.81 -0.15 -5.75
C ASP A 176 -17.73 -1.16 -4.61
N CYS A 177 -18.12 -2.39 -4.89
CA CYS A 177 -18.10 -3.45 -3.89
C CYS A 177 -18.01 -4.83 -4.56
N GLU A 178 -17.81 -5.87 -3.75
CA GLU A 178 -17.70 -7.22 -4.26
C GLU A 178 -18.88 -7.55 -5.17
N HIS A 179 -18.60 -7.76 -6.45
CA HIS A 179 -19.64 -8.08 -7.43
C HIS A 179 -20.25 -9.44 -7.13
N SER A 180 -21.20 -9.86 -7.97
CA SER A 180 -21.87 -11.14 -7.79
C SER A 180 -20.85 -12.27 -7.69
N PRO A 181 -20.05 -12.44 -8.74
CA PRO A 181 -19.03 -13.49 -8.80
C PRO A 181 -17.87 -13.21 -7.85
N GLY A 182 -17.21 -14.29 -7.39
CA GLY A 182 -16.09 -14.13 -6.48
C GLY A 182 -14.76 -14.41 -7.15
N PRO A 183 -13.67 -14.00 -6.49
CA PRO A 183 -12.32 -14.19 -7.01
C PRO A 183 -11.88 -15.66 -6.98
N SER A 184 -10.61 -15.91 -7.26
CA SER A 184 -10.09 -17.26 -7.27
C SER A 184 -10.40 -17.97 -5.96
N GLU A 185 -10.16 -17.28 -4.84
CA GLU A 185 -10.41 -17.85 -3.53
C GLU A 185 -11.69 -17.26 -2.92
N MET A 1 -8.73 12.40 -2.67
CA MET A 1 -8.95 12.61 -4.09
C MET A 1 -10.33 12.10 -4.50
N ALA A 2 -11.37 12.69 -3.94
CA ALA A 2 -12.74 12.31 -4.25
C ALA A 2 -13.70 13.48 -4.04
N HIS A 3 -14.72 13.55 -4.89
CA HIS A 3 -15.71 14.61 -4.80
C HIS A 3 -17.12 14.04 -4.64
N GLU A 4 -17.65 14.10 -3.42
CA GLU A 4 -18.97 13.58 -3.14
C GLU A 4 -19.58 14.27 -1.93
N GLU A 5 -20.88 14.04 -1.71
CA GLU A 5 -21.58 14.65 -0.58
C GLU A 5 -21.17 13.99 0.73
N ASP A 6 -21.63 14.55 1.84
CA ASP A 6 -21.31 14.02 3.16
C ASP A 6 -19.83 14.20 3.48
N GLY A 7 -19.17 15.07 2.72
CA GLY A 7 -17.76 15.32 2.93
C GLY A 7 -16.94 14.04 2.87
N VAL A 8 -16.40 13.74 1.69
CA VAL A 8 -15.59 12.55 1.50
C VAL A 8 -14.12 12.91 1.30
N CYS A 9 -13.36 12.90 2.38
CA CYS A 9 -11.94 13.23 2.32
C CYS A 9 -11.19 12.60 3.49
N ASN A 10 -9.86 12.55 3.37
CA ASN A 10 -9.02 11.98 4.42
C ASN A 10 -8.92 12.92 5.62
N SER A 11 -8.93 14.22 5.34
CA SER A 11 -8.85 15.23 6.39
C SER A 11 -10.23 15.71 6.80
N ASN A 12 -10.59 16.91 6.35
CA ASN A 12 -11.89 17.49 6.68
C ASN A 12 -12.29 18.54 5.65
N ALA A 13 -11.67 18.48 4.47
CA ALA A 13 -11.95 19.42 3.40
C ALA A 13 -11.06 19.17 2.18
N PRO A 14 -9.74 19.30 2.38
CA PRO A 14 -8.75 19.10 1.32
C PRO A 14 -8.65 17.64 0.91
N CYS A 15 -9.64 17.15 0.17
CA CYS A 15 -9.65 15.76 -0.28
C CYS A 15 -8.32 15.39 -0.93
N TYR A 16 -7.51 14.63 -0.22
CA TYR A 16 -6.20 14.21 -0.73
C TYR A 16 -5.77 12.90 -0.09
N HIS A 17 -5.80 11.82 -0.87
CA HIS A 17 -5.40 10.51 -0.38
C HIS A 17 -3.89 10.42 -0.23
N CYS A 18 -3.41 9.33 0.36
CA CYS A 18 -1.99 9.12 0.57
C CYS A 18 -1.70 7.69 1.04
N ASP A 19 -1.10 6.90 0.16
CA ASP A 19 -0.77 5.52 0.48
C ASP A 19 -1.49 5.07 1.74
N ALA A 20 -0.72 4.76 2.78
CA ALA A 20 -1.28 4.32 4.05
C ALA A 20 -2.19 5.39 4.65
N ASN A 21 -1.68 6.62 4.71
CA ASN A 21 -2.45 7.73 5.26
C ASN A 21 -3.87 7.74 4.69
N GLY A 22 -3.96 7.78 3.36
CA GLY A 22 -5.26 7.81 2.71
C GLY A 22 -6.16 6.67 3.16
N GLU A 23 -5.60 5.46 3.18
CA GLU A 23 -6.37 4.29 3.60
C GLU A 23 -6.64 4.31 5.10
N ASN A 24 -5.84 5.11 5.82
CA ASN A 24 -5.99 5.22 7.27
C ASN A 24 -7.11 6.20 7.63
N CYS A 25 -7.28 7.23 6.80
CA CYS A 25 -8.30 8.24 7.03
C CYS A 25 -9.49 8.03 6.09
N SER A 26 -9.21 7.90 4.80
CA SER A 26 -10.25 7.69 3.80
C SER A 26 -9.73 6.86 2.64
N CYS A 27 -10.16 5.61 2.58
CA CYS A 27 -9.75 4.69 1.52
C CYS A 27 -10.68 4.80 0.31
N ASN A 28 -10.44 5.80 -0.53
CA ASN A 28 -11.26 6.02 -1.72
C ASN A 28 -10.61 7.03 -2.65
N CYS A 29 -9.29 6.99 -2.73
CA CYS A 29 -8.54 7.90 -3.59
C CYS A 29 -7.06 7.55 -3.61
N GLU A 30 -6.27 8.34 -4.32
CA GLU A 30 -4.84 8.11 -4.43
C GLU A 30 -4.10 9.40 -4.79
N LEU A 31 -3.46 10.00 -3.81
CA LEU A 31 -2.72 11.25 -4.03
C LEU A 31 -1.68 11.46 -2.92
N PHE A 32 -1.03 12.61 -2.95
CA PHE A 32 -0.01 12.94 -1.96
C PHE A 32 -0.55 13.95 -0.96
N ASP A 33 -0.84 13.48 0.24
CA ASP A 33 -1.36 14.33 1.30
C ASP A 33 -0.51 14.23 2.56
N CYS A 34 -0.75 15.13 3.52
CA CYS A 34 -0.01 15.13 4.76
C CYS A 34 -0.86 15.69 5.91
N GLU A 35 -0.84 15.00 7.04
CA GLU A 35 -1.61 15.43 8.20
C GLU A 35 -0.71 16.05 9.26
N ALA A 36 -1.32 16.65 10.27
CA ALA A 36 -0.56 17.27 11.35
C ALA A 36 -1.20 16.98 12.71
N LYS A 37 -0.40 16.44 13.62
CA LYS A 37 -0.89 16.11 14.95
C LYS A 37 0.03 16.69 16.03
N LYS A 38 -0.56 17.42 16.97
CA LYS A 38 0.20 18.03 18.05
C LYS A 38 0.14 17.18 19.32
N PRO A 39 1.00 17.50 20.30
CA PRO A 39 1.06 16.77 21.57
C PRO A 39 -0.17 17.03 22.44
N ASP A 40 -0.93 18.07 22.10
CA ASP A 40 -2.14 18.42 22.84
C ASP A 40 -3.18 17.32 22.72
N GLY A 41 -2.78 16.18 22.16
CA GLY A 41 -3.70 15.07 21.99
C GLY A 41 -3.02 13.82 21.48
N SER A 42 -2.05 14.00 20.59
CA SER A 42 -1.32 12.87 20.02
C SER A 42 -0.39 13.34 18.89
N TYR A 43 0.88 13.01 19.02
CA TYR A 43 1.88 13.39 18.01
C TYR A 43 1.82 12.46 16.81
N ALA A 44 1.82 13.05 15.62
CA ALA A 44 1.78 12.27 14.38
C ALA A 44 1.54 13.17 13.18
N HIS A 45 1.65 12.60 11.99
CA HIS A 45 1.44 13.35 10.75
C HIS A 45 1.80 12.50 9.53
N PRO A 46 0.83 11.69 9.08
CA PRO A 46 1.01 10.81 7.92
C PRO A 46 1.11 11.59 6.61
N CYS A 47 2.21 11.40 5.89
CA CYS A 47 2.43 12.09 4.62
C CYS A 47 3.34 11.26 3.71
N ARG A 48 3.20 11.48 2.41
CA ARG A 48 4.01 10.76 1.42
C ARG A 48 5.49 10.86 1.77
N ARG A 49 5.90 10.11 2.80
CA ARG A 49 7.29 10.10 3.23
C ARG A 49 7.45 9.29 4.52
N CYS A 50 8.40 8.38 4.52
CA CYS A 50 8.66 7.53 5.68
C CYS A 50 8.12 8.19 6.95
N ASP A 51 6.87 7.87 7.28
CA ASP A 51 6.24 8.43 8.48
C ASP A 51 4.81 7.91 8.62
N ALA A 52 4.54 7.24 9.74
CA ALA A 52 3.22 6.70 10.00
C ALA A 52 2.59 7.34 11.23
N ASN A 53 1.26 7.39 11.26
CA ASN A 53 0.54 7.99 12.38
C ASN A 53 -0.44 7.00 12.98
N ASN A 54 -0.04 6.36 14.07
CA ASN A 54 -0.89 5.39 14.74
C ASN A 54 -0.71 5.46 16.26
N ILE A 55 -1.80 5.74 16.96
CA ILE A 55 -1.77 5.85 18.42
C ILE A 55 -2.91 5.06 19.06
N CYS A 56 -3.12 5.27 20.35
CA CYS A 56 -4.19 4.59 21.08
C CYS A 56 -5.54 4.84 20.42
N LYS A 57 -6.12 3.78 19.85
CA LYS A 57 -7.42 3.88 19.19
C LYS A 57 -8.07 5.23 19.48
N CYS A 58 -7.36 6.31 19.19
CA CYS A 58 -7.88 7.65 19.43
C CYS A 58 -7.30 8.65 18.43
N SER A 59 -5.98 8.63 18.29
CA SER A 59 -5.30 9.54 17.37
C SER A 59 -4.25 8.80 16.55
N CYS A 60 -3.00 9.24 16.67
CA CYS A 60 -1.90 8.62 15.94
C CYS A 60 -0.56 9.04 16.51
N THR A 61 0.43 8.16 16.41
CA THR A 61 1.77 8.44 16.92
C THR A 61 2.69 8.96 15.83
N ALA A 62 3.65 9.80 16.21
CA ALA A 62 4.59 10.36 15.25
C ALA A 62 5.77 9.42 15.03
N ILE A 63 5.66 8.57 14.01
CA ILE A 63 6.72 7.62 13.69
C ILE A 63 7.07 7.66 12.21
N PRO A 64 8.22 7.06 11.85
CA PRO A 64 8.69 7.02 10.46
C PRO A 64 7.82 6.11 9.59
N CYS A 65 8.35 5.76 8.42
CA CYS A 65 7.63 4.89 7.49
C CYS A 65 6.99 3.71 8.23
N ASN A 66 5.66 3.62 8.14
CA ASN A 66 4.93 2.55 8.79
C ASN A 66 5.69 1.23 8.70
N GLU A 67 6.50 1.10 7.66
CA GLU A 67 7.28 -0.13 7.44
C GLU A 67 8.54 -0.11 8.30
N ASP A 68 8.38 -0.41 9.59
CA ASP A 68 9.50 -0.43 10.51
C ASP A 68 10.67 -1.21 9.92
N HIS A 69 11.36 -0.61 8.96
CA HIS A 69 12.51 -1.26 8.32
C HIS A 69 13.65 -0.26 8.12
N PRO A 70 14.86 -0.79 7.89
CA PRO A 70 16.05 0.03 7.68
C PRO A 70 16.01 0.78 6.35
N CYS A 71 14.83 1.21 5.96
CA CYS A 71 14.66 1.95 4.70
C CYS A 71 13.69 3.11 4.89
N HIS A 72 14.21 4.33 4.70
CA HIS A 72 13.39 5.52 4.84
C HIS A 72 12.59 5.80 3.57
N HIS A 73 11.67 4.89 3.25
CA HIS A 73 10.84 5.03 2.07
C HIS A 73 9.61 4.13 2.15
N CYS A 74 8.53 4.54 1.51
CA CYS A 74 7.30 3.78 1.51
C CYS A 74 7.58 2.28 1.62
N HIS A 75 6.62 1.54 2.17
CA HIS A 75 6.77 0.10 2.33
C HIS A 75 7.71 -0.47 1.26
N GLU A 76 8.96 -0.70 1.63
CA GLU A 76 9.95 -1.25 0.71
C GLU A 76 11.21 -1.68 1.45
N GLU A 77 11.75 -2.83 1.06
CA GLU A 77 12.96 -3.35 1.69
C GLU A 77 14.11 -3.41 0.68
N ASP A 78 14.70 -2.26 0.39
CA ASP A 78 15.81 -2.19 -0.56
C ASP A 78 16.77 -1.08 -0.16
N ASP A 79 16.87 -0.81 1.13
CA ASP A 79 17.76 0.24 1.63
C ASP A 79 18.58 -0.28 2.82
N GLY A 80 19.66 0.43 3.13
CA GLY A 80 20.51 0.03 4.24
C GLY A 80 21.64 1.02 4.48
N ASP A 81 22.71 0.90 3.69
CA ASP A 81 23.86 1.78 3.83
C ASP A 81 23.92 2.77 2.67
N THR A 82 24.98 3.58 2.65
CA THR A 82 25.16 4.57 1.59
C THR A 82 24.87 3.97 0.22
N HIS A 83 25.74 3.06 -0.21
CA HIS A 83 25.58 2.42 -1.51
C HIS A 83 24.13 1.98 -1.73
N CYS A 84 23.57 1.31 -0.74
CA CYS A 84 22.19 0.83 -0.81
C CYS A 84 21.25 1.96 -1.20
N HIS A 85 21.48 3.14 -0.62
CA HIS A 85 20.65 4.31 -0.89
C HIS A 85 20.81 4.75 -2.34
N CYS A 86 22.02 4.59 -2.87
CA CYS A 86 22.31 5.00 -4.24
C CYS A 86 21.72 4.00 -5.23
N SER A 87 21.63 2.73 -4.81
CA SER A 87 21.09 1.68 -5.66
C SER A 87 19.57 1.70 -5.66
N CYS A 88 19.00 2.26 -4.59
CA CYS A 88 17.55 2.35 -4.47
C CYS A 88 17.01 3.54 -5.25
N GLU A 89 17.73 4.65 -5.21
CA GLU A 89 17.32 5.86 -5.91
C GLU A 89 17.36 5.64 -7.42
N HIS A 90 18.28 4.80 -7.87
CA HIS A 90 18.43 4.51 -9.30
C HIS A 90 17.60 3.29 -9.69
N SER A 91 17.38 2.40 -8.73
CA SER A 91 16.61 1.18 -8.97
C SER A 91 15.12 1.48 -8.95
N HIS A 92 14.70 2.36 -8.04
CA HIS A 92 13.30 2.72 -7.91
C HIS A 92 12.87 3.63 -9.07
N ASP A 93 13.81 4.40 -9.58
CA ASP A 93 13.53 5.31 -10.69
C ASP A 93 13.42 4.55 -12.01
N HIS A 94 14.06 3.39 -12.06
CA HIS A 94 14.03 2.56 -13.27
C HIS A 94 12.90 1.54 -13.20
N HIS A 95 12.50 1.18 -11.98
CA HIS A 95 11.43 0.22 -11.78
C HIS A 95 10.37 0.76 -10.82
N ASP A 96 10.10 2.06 -10.93
CA ASP A 96 9.11 2.70 -10.08
C ASP A 96 7.77 1.97 -10.14
N ASP A 97 7.60 1.16 -11.18
CA ASP A 97 6.36 0.40 -11.35
C ASP A 97 6.37 -0.84 -10.47
N ASP A 98 7.42 -0.99 -9.68
CA ASP A 98 7.54 -2.14 -8.78
C ASP A 98 7.48 -1.69 -7.33
N THR A 99 6.57 -0.78 -7.03
CA THR A 99 6.41 -0.27 -5.67
C THR A 99 5.05 -0.66 -5.09
N HIS A 100 4.47 -1.73 -5.64
CA HIS A 100 3.18 -2.21 -5.18
C HIS A 100 3.11 -3.74 -5.23
N GLY A 101 1.96 -4.29 -4.87
CA GLY A 101 1.79 -5.73 -4.89
C GLY A 101 0.37 -6.15 -5.24
N GLU A 102 0.23 -6.85 -6.36
CA GLU A 102 -1.08 -7.31 -6.81
C GLU A 102 -0.93 -8.47 -7.79
N CYS A 103 -2.08 -9.04 -8.19
CA CYS A 103 -2.09 -10.16 -9.11
C CYS A 103 -3.30 -10.09 -10.04
N THR A 104 -3.06 -10.23 -11.33
CA THR A 104 -4.13 -10.19 -12.32
C THR A 104 -3.64 -10.63 -13.69
N LYS A 105 -2.43 -11.18 -13.73
CA LYS A 105 -1.83 -11.66 -14.98
C LYS A 105 -1.66 -13.17 -14.96
N LYS A 106 -1.12 -13.71 -16.04
CA LYS A 106 -0.89 -15.15 -16.15
C LYS A 106 0.18 -15.60 -15.16
N ALA A 107 0.66 -14.67 -14.33
CA ALA A 107 1.68 -14.96 -13.34
C ALA A 107 1.10 -14.88 -11.93
N PRO A 108 1.90 -15.33 -10.95
CA PRO A 108 1.49 -15.31 -9.53
C PRO A 108 1.42 -13.89 -8.97
N CYS A 109 0.94 -13.78 -7.74
CA CYS A 109 0.82 -12.48 -7.08
C CYS A 109 2.18 -11.99 -6.59
N TRP A 110 2.43 -10.70 -6.72
CA TRP A 110 3.68 -10.11 -6.28
C TRP A 110 3.44 -8.86 -5.43
N ARG A 111 4.42 -8.51 -4.62
CA ARG A 111 4.31 -7.34 -3.74
C ARG A 111 5.68 -6.69 -3.53
N CYS A 112 5.67 -5.43 -3.13
CA CYS A 112 6.91 -4.70 -2.89
C CYS A 112 7.78 -5.42 -1.87
N GLU A 113 9.06 -5.07 -1.84
CA GLU A 113 10.00 -5.68 -0.91
C GLU A 113 9.67 -5.29 0.53
N TYR A 114 9.95 -6.21 1.46
CA TYR A 114 9.68 -5.94 2.87
C TYR A 114 10.44 -6.94 3.75
N ASN A 115 10.05 -7.01 5.02
CA ASN A 115 10.68 -7.92 5.97
C ASN A 115 9.96 -9.27 6.00
N ALA A 116 10.69 -10.31 6.39
CA ALA A 116 10.12 -11.65 6.47
C ALA A 116 8.91 -11.68 7.39
N ASP A 117 7.78 -12.15 6.87
CA ASP A 117 6.55 -12.22 7.66
C ASP A 117 5.90 -13.61 7.51
N LEU A 118 4.92 -13.87 8.35
CA LEU A 118 4.21 -15.15 8.32
C LEU A 118 3.17 -15.17 7.21
N LYS A 119 2.54 -16.33 7.02
CA LYS A 119 1.52 -16.48 5.99
C LYS A 119 0.48 -15.36 6.09
N HIS A 120 0.52 -14.44 5.14
CA HIS A 120 -0.42 -13.33 5.10
C HIS A 120 -0.49 -12.70 3.72
N ASP A 121 -1.11 -11.54 3.63
CA ASP A 121 -1.24 -10.83 2.36
C ASP A 121 -0.84 -9.37 2.51
N VAL A 122 0.34 -9.02 2.01
CA VAL A 122 0.84 -7.65 2.08
C VAL A 122 1.33 -7.17 0.72
N CYS A 123 1.37 -5.86 0.55
CA CYS A 123 1.82 -5.27 -0.71
C CYS A 123 2.16 -3.79 -0.52
N GLY A 124 2.45 -3.11 -1.63
CA GLY A 124 2.81 -1.70 -1.57
C GLY A 124 1.90 -0.93 -0.63
N CYS A 125 2.49 -0.13 0.24
CA CYS A 125 1.73 0.67 1.19
C CYS A 125 0.79 1.63 0.47
N GLU A 126 0.89 1.66 -0.86
CA GLU A 126 0.05 2.53 -1.67
C GLU A 126 -1.23 1.81 -2.09
N CYS A 127 -1.69 0.89 -1.25
CA CYS A 127 -2.90 0.14 -1.53
C CYS A 127 -4.11 1.05 -1.60
N SER A 128 -4.91 0.90 -2.67
CA SER A 128 -6.10 1.72 -2.86
C SER A 128 -7.37 0.92 -2.54
N LYS A 129 -8.51 1.56 -2.71
CA LYS A 129 -9.79 0.91 -2.46
C LYS A 129 -10.59 0.74 -3.75
N LEU A 130 -9.98 0.09 -4.73
CA LEU A 130 -10.64 -0.14 -6.02
C LEU A 130 -10.84 -1.63 -6.26
N PRO A 131 -12.05 -2.00 -6.71
CA PRO A 131 -12.39 -3.40 -6.99
C PRO A 131 -11.68 -3.93 -8.23
N CYS A 132 -11.14 -5.13 -8.13
CA CYS A 132 -10.44 -5.75 -9.25
C CYS A 132 -10.83 -7.22 -9.39
N ASN A 133 -9.86 -8.05 -9.77
CA ASN A 133 -10.10 -9.48 -9.94
C ASN A 133 -10.73 -10.08 -8.70
N ASP A 134 -10.34 -11.31 -8.37
CA ASP A 134 -10.86 -12.00 -7.20
C ASP A 134 -9.74 -12.45 -6.28
N GLU A 135 -9.13 -13.58 -6.60
CA GLU A 135 -8.04 -14.12 -5.81
C GLU A 135 -7.14 -15.03 -6.65
N HIS A 136 -5.84 -14.74 -6.63
CA HIS A 136 -4.88 -15.53 -7.40
C HIS A 136 -3.74 -16.01 -6.50
N PRO A 137 -3.00 -17.02 -6.97
CA PRO A 137 -1.87 -17.58 -6.23
C PRO A 137 -0.69 -16.63 -6.15
N CYS A 138 -0.23 -16.36 -4.93
CA CYS A 138 0.89 -15.46 -4.72
C CYS A 138 2.21 -16.21 -4.79
N TYR A 139 3.28 -15.51 -5.17
CA TYR A 139 4.60 -16.12 -5.27
C TYR A 139 5.59 -15.41 -4.37
N ARG A 140 5.96 -16.06 -3.27
CA ARG A 140 6.92 -15.48 -2.32
C ARG A 140 7.82 -16.56 -1.74
N LYS A 141 7.90 -16.61 -0.41
CA LYS A 141 8.71 -17.59 0.28
C LYS A 141 7.97 -18.91 0.43
N GLU A 142 6.89 -19.07 -0.33
CA GLU A 142 6.10 -20.28 -0.27
C GLU A 142 4.79 -20.11 -1.05
N GLY A 143 4.56 -21.01 -2.00
CA GLY A 143 3.36 -20.94 -2.81
C GLY A 143 2.10 -20.80 -1.96
N GLY A 144 1.31 -19.76 -2.23
CA GLY A 144 0.10 -19.54 -1.47
C GLY A 144 -0.99 -18.89 -2.32
N VAL A 145 -2.14 -18.64 -1.69
CA VAL A 145 -3.26 -18.01 -2.39
C VAL A 145 -3.61 -16.67 -1.76
N VAL A 146 -3.68 -15.63 -2.60
CA VAL A 146 -4.01 -14.29 -2.14
C VAL A 146 -4.96 -13.59 -3.10
N SER A 147 -5.62 -12.54 -2.62
CA SER A 147 -6.56 -11.80 -3.44
C SER A 147 -5.96 -11.47 -4.80
N CYS A 148 -6.82 -11.36 -5.80
CA CYS A 148 -6.38 -11.04 -7.16
C CYS A 148 -6.87 -9.67 -7.60
N ASP A 149 -5.94 -8.73 -7.69
CA ASP A 149 -6.28 -7.36 -8.09
C ASP A 149 -5.11 -6.71 -8.85
N CYS A 150 -5.27 -5.45 -9.18
CA CYS A 150 -4.24 -4.71 -9.91
C CYS A 150 -3.77 -3.49 -9.11
N LYS A 151 -2.47 -3.43 -8.86
CA LYS A 151 -1.88 -2.33 -8.10
C LYS A 151 -1.43 -1.21 -9.04
N THR A 152 -0.13 -1.18 -9.32
CA THR A 152 0.43 -0.17 -10.20
C THR A 152 0.01 -0.39 -11.65
N ILE A 153 -0.30 -1.64 -11.98
CA ILE A 153 -0.72 -2.00 -13.33
C ILE A 153 -2.19 -2.40 -13.36
N THR A 154 -3.06 -1.45 -13.68
CA THR A 154 -4.50 -1.72 -13.74
C THR A 154 -5.07 -1.35 -15.09
N CYS A 155 -5.49 -2.35 -15.85
CA CYS A 155 -6.05 -2.14 -17.17
C CYS A 155 -7.58 -2.05 -17.11
N ASN A 156 -8.15 -1.09 -17.83
CA ASN A 156 -9.59 -0.90 -17.85
C ASN A 156 -10.17 -1.34 -19.19
N GLU A 157 -10.37 -2.64 -19.34
CA GLU A 157 -10.93 -3.19 -20.57
C GLU A 157 -12.02 -4.22 -20.28
N ASP A 158 -11.96 -5.35 -20.95
CA ASP A 158 -12.95 -6.41 -20.76
C ASP A 158 -12.66 -7.20 -19.50
N HIS A 159 -11.71 -6.71 -18.70
CA HIS A 159 -11.34 -7.37 -17.46
C HIS A 159 -10.09 -6.74 -16.86
N PRO A 160 -9.86 -6.99 -15.56
CA PRO A 160 -8.69 -6.45 -14.84
C PRO A 160 -7.39 -7.07 -15.31
N CYS A 161 -6.39 -6.23 -15.57
CA CYS A 161 -5.08 -6.71 -16.03
C CYS A 161 -4.01 -5.66 -15.75
N TYR A 162 -2.79 -5.96 -16.18
CA TYR A 162 -1.66 -5.04 -15.98
C TYR A 162 -1.67 -3.94 -17.04
N HIS A 163 -1.63 -2.69 -16.58
CA HIS A 163 -1.62 -1.55 -17.48
C HIS A 163 -0.28 -0.85 -17.46
N SER A 164 -0.02 -0.10 -16.39
CA SER A 164 1.24 0.63 -16.25
C SER A 164 1.58 0.84 -14.78
N TYR A 165 2.08 2.03 -14.46
CA TYR A 165 2.45 2.37 -13.09
C TYR A 165 1.44 3.32 -12.47
N GLU A 166 0.92 2.96 -11.30
CA GLU A 166 -0.05 3.79 -10.61
C GLU A 166 -0.32 3.25 -9.20
N GLU A 167 -1.30 3.84 -8.53
CA GLU A 167 -1.66 3.42 -7.18
C GLU A 167 -3.11 2.94 -7.12
N ASP A 168 -3.28 1.63 -7.12
CA ASP A 168 -4.62 1.04 -7.06
C ASP A 168 -4.65 -0.18 -6.15
N GLY A 169 -5.60 -1.06 -6.37
CA GLY A 169 -5.72 -2.25 -5.55
C GLY A 169 -7.01 -2.30 -4.76
N VAL A 170 -7.44 -3.51 -4.40
CA VAL A 170 -8.68 -3.68 -3.64
C VAL A 170 -8.38 -3.94 -2.17
N THR A 171 -9.40 -3.78 -1.33
CA THR A 171 -9.25 -3.99 0.11
C THR A 171 -10.03 -5.23 0.56
N LYS A 172 -9.29 -6.24 1.02
CA LYS A 172 -9.91 -7.47 1.49
C LYS A 172 -9.09 -8.10 2.61
N SER A 173 -9.57 -9.22 3.14
CA SER A 173 -8.88 -9.91 4.22
C SER A 173 -8.55 -8.96 5.36
N ASP A 174 -9.48 -8.07 5.67
CA ASP A 174 -9.30 -7.10 6.74
C ASP A 174 -9.30 -7.79 8.10
N CYS A 175 -10.02 -8.91 8.19
CA CYS A 175 -10.11 -9.66 9.43
C CYS A 175 -8.72 -9.94 10.01
N ASP A 176 -8.68 -10.36 11.26
CA ASP A 176 -7.41 -10.66 11.93
C ASP A 176 -7.39 -12.11 12.43
N CYS A 177 -7.64 -13.05 11.53
CA CYS A 177 -7.66 -14.46 11.88
C CYS A 177 -7.34 -15.32 10.67
N GLU A 178 -7.22 -16.63 10.90
CA GLU A 178 -6.92 -17.57 9.82
C GLU A 178 -7.87 -17.38 8.64
N HIS A 179 -7.39 -16.74 7.59
CA HIS A 179 -8.19 -16.49 6.40
C HIS A 179 -7.90 -17.51 5.32
N SER A 180 -6.72 -17.40 4.71
CA SER A 180 -6.32 -18.32 3.65
C SER A 180 -7.42 -18.49 2.62
N PRO A 181 -7.73 -17.41 1.89
CA PRO A 181 -8.77 -17.41 0.86
C PRO A 181 -8.38 -18.24 -0.35
N GLY A 182 -8.99 -19.42 -0.48
CA GLY A 182 -8.70 -20.29 -1.60
C GLY A 182 -8.81 -19.58 -2.93
N PRO A 183 -8.26 -20.21 -3.99
CA PRO A 183 -8.29 -19.65 -5.34
C PRO A 183 -9.68 -19.65 -5.95
N SER A 184 -9.98 -18.62 -6.74
CA SER A 184 -11.29 -18.49 -7.37
C SER A 184 -11.20 -18.79 -8.87
N GLU A 185 -10.01 -18.61 -9.43
CA GLU A 185 -9.79 -18.87 -10.85
C GLU A 185 -10.28 -20.26 -11.24
N MET A 1 -5.68 12.05 -0.89
CA MET A 1 -5.29 13.33 -1.48
C MET A 1 -3.77 13.45 -1.54
N ALA A 2 -3.20 13.12 -2.69
CA ALA A 2 -1.75 13.20 -2.88
C ALA A 2 -1.30 14.64 -3.06
N HIS A 3 -0.45 15.12 -2.16
CA HIS A 3 0.06 16.48 -2.23
C HIS A 3 1.36 16.62 -1.46
N GLU A 4 2.39 17.11 -2.14
CA GLU A 4 3.71 17.29 -1.52
C GLU A 4 3.64 18.32 -0.39
N GLU A 5 4.04 17.89 0.80
CA GLU A 5 4.02 18.77 1.97
C GLU A 5 5.16 18.43 2.93
N ASP A 6 5.35 19.27 3.93
CA ASP A 6 6.40 19.06 4.92
C ASP A 6 5.95 19.52 6.30
N GLY A 7 4.66 19.41 6.57
CA GLY A 7 4.12 19.82 7.85
C GLY A 7 2.82 20.59 7.71
N VAL A 8 1.76 19.90 7.30
CA VAL A 8 0.46 20.53 7.13
C VAL A 8 -0.66 19.53 7.37
N CYS A 9 -1.82 20.03 7.77
CA CYS A 9 -2.99 19.19 8.02
C CYS A 9 -3.95 19.21 6.84
N ASN A 10 -4.45 18.04 6.46
CA ASN A 10 -5.38 17.93 5.35
C ASN A 10 -6.81 18.22 5.80
N SER A 11 -7.20 17.63 6.92
CA SER A 11 -8.54 17.82 7.47
C SER A 11 -8.52 18.79 8.64
N ASN A 12 -7.68 19.82 8.53
CA ASN A 12 -7.57 20.82 9.59
C ASN A 12 -7.45 20.15 10.96
N ALA A 13 -6.81 18.99 10.99
CA ALA A 13 -6.63 18.26 12.24
C ALA A 13 -5.64 17.11 12.06
N PRO A 14 -5.17 16.55 13.18
CA PRO A 14 -4.22 15.44 13.18
C PRO A 14 -4.84 14.14 12.69
N CYS A 15 -5.59 14.23 11.60
CA CYS A 15 -6.24 13.06 11.02
C CYS A 15 -5.83 12.85 9.57
N TYR A 16 -4.53 12.75 9.34
CA TYR A 16 -4.00 12.55 8.00
C TYR A 16 -4.09 11.09 7.58
N HIS A 17 -4.36 10.86 6.30
CA HIS A 17 -4.47 9.50 5.77
C HIS A 17 -3.47 9.28 4.64
N CYS A 18 -3.49 8.07 4.09
CA CYS A 18 -2.57 7.73 3.00
C CYS A 18 -3.11 6.54 2.21
N ASP A 19 -2.21 5.85 1.50
CA ASP A 19 -2.59 4.71 0.69
C ASP A 19 -3.01 3.53 1.58
N ALA A 20 -2.03 2.73 2.00
CA ALA A 20 -2.30 1.58 2.84
C ALA A 20 -3.46 1.86 3.81
N ASN A 21 -3.38 2.99 4.51
CA ASN A 21 -4.41 3.37 5.46
C ASN A 21 -5.73 3.65 4.73
N GLY A 22 -5.65 4.39 3.63
CA GLY A 22 -6.83 4.72 2.87
C GLY A 22 -7.72 3.52 2.61
N GLU A 23 -7.09 2.39 2.32
CA GLU A 23 -7.83 1.15 2.04
C GLU A 23 -8.32 0.52 3.34
N ASN A 24 -7.54 0.67 4.41
CA ASN A 24 -7.89 0.12 5.70
C ASN A 24 -8.98 0.96 6.39
N CYS A 25 -8.98 2.25 6.09
CA CYS A 25 -9.96 3.16 6.67
C CYS A 25 -10.62 4.01 5.59
N SER A 26 -10.96 3.38 4.47
CA SER A 26 -11.59 4.07 3.36
C SER A 26 -11.51 5.59 3.54
N CYS A 27 -10.49 6.20 2.97
CA CYS A 27 -10.31 7.65 3.08
C CYS A 27 -9.64 8.21 1.82
N ASN A 28 -9.76 9.51 1.63
CA ASN A 28 -9.17 10.17 0.46
C ASN A 28 -8.08 11.15 0.89
N CYS A 29 -7.14 10.68 1.70
CA CYS A 29 -6.05 11.52 2.17
C CYS A 29 -4.71 10.81 2.01
N GLU A 30 -3.66 11.58 1.74
CA GLU A 30 -2.33 11.03 1.56
C GLU A 30 -1.27 11.97 2.12
N LEU A 31 -0.83 11.69 3.35
CA LEU A 31 0.18 12.51 4.01
C LEU A 31 1.11 11.64 4.85
N PHE A 32 2.13 12.28 5.44
CA PHE A 32 3.10 11.57 6.27
C PHE A 32 2.41 10.92 7.47
N ASP A 33 3.20 10.48 8.43
CA ASP A 33 2.67 9.84 9.63
C ASP A 33 1.36 10.50 10.06
N CYS A 34 0.91 10.17 11.27
CA CYS A 34 -0.32 10.72 11.79
C CYS A 34 -0.47 10.41 13.28
N GLU A 35 -1.59 10.85 13.87
CA GLU A 35 -1.84 10.61 15.28
C GLU A 35 -3.02 9.66 15.48
N ALA A 36 -2.83 8.67 16.34
CA ALA A 36 -3.89 7.69 16.61
C ALA A 36 -5.16 8.37 17.09
N LYS A 37 -6.29 7.67 16.98
CA LYS A 37 -7.57 8.21 17.40
C LYS A 37 -7.82 7.92 18.88
N LYS A 38 -9.00 8.31 19.36
CA LYS A 38 -9.37 8.08 20.75
C LYS A 38 -10.32 6.89 20.88
N PRO A 39 -10.50 6.42 22.13
CA PRO A 39 -11.38 5.28 22.42
C PRO A 39 -12.86 5.63 22.22
N ASP A 40 -13.16 6.92 22.20
CA ASP A 40 -14.53 7.38 22.02
C ASP A 40 -14.99 7.18 20.58
N GLY A 41 -14.24 6.37 19.84
CA GLY A 41 -14.60 6.10 18.46
C GLY A 41 -13.75 5.00 17.85
N SER A 42 -12.45 5.05 18.10
CA SER A 42 -11.52 4.05 17.57
C SER A 42 -10.08 4.38 17.95
N TYR A 43 -9.59 3.74 19.00
CA TYR A 43 -8.22 3.97 19.47
C TYR A 43 -7.20 3.46 18.45
N ALA A 44 -6.23 4.29 18.12
CA ALA A 44 -5.19 3.92 17.17
C ALA A 44 -5.59 4.31 15.75
N HIS A 45 -4.65 4.90 15.02
CA HIS A 45 -4.91 5.32 13.65
C HIS A 45 -3.67 5.12 12.78
N PRO A 46 -3.86 4.57 11.58
CA PRO A 46 -2.78 4.32 10.62
C PRO A 46 -2.19 5.60 10.05
N CYS A 47 -0.90 5.57 9.73
CA CYS A 47 -0.23 6.73 9.17
C CYS A 47 0.95 6.31 8.30
N ARG A 48 1.67 7.29 7.76
CA ARG A 48 2.83 7.02 6.92
C ARG A 48 3.92 6.30 7.71
N ARG A 49 5.15 6.81 7.59
CA ARG A 49 6.28 6.22 8.30
C ARG A 49 6.01 6.13 9.79
N CYS A 50 5.15 5.19 10.17
CA CYS A 50 4.80 5.00 11.57
C CYS A 50 4.29 3.59 11.81
N ASP A 51 3.66 3.37 12.97
CA ASP A 51 3.12 2.06 13.33
C ASP A 51 1.69 1.92 12.81
N ALA A 52 1.28 0.66 12.60
CA ALA A 52 -0.07 0.38 12.12
C ALA A 52 -1.09 0.45 13.24
N ASN A 53 -2.32 0.80 12.89
CA ASN A 53 -3.39 0.89 13.89
C ASN A 53 -4.74 0.55 13.25
N ASN A 54 -5.21 -0.66 13.52
CA ASN A 54 -6.50 -1.11 12.99
C ASN A 54 -7.54 -1.24 14.09
N ILE A 55 -8.43 -0.25 14.18
CA ILE A 55 -9.48 -0.25 15.20
C ILE A 55 -10.83 0.04 14.58
N CYS A 56 -11.77 -0.89 14.76
CA CYS A 56 -13.12 -0.73 14.22
C CYS A 56 -14.14 -0.59 15.34
N LYS A 57 -14.35 0.65 15.78
CA LYS A 57 -15.30 0.92 16.86
C LYS A 57 -15.72 -0.37 17.56
N CYS A 58 -14.76 -1.27 17.77
CA CYS A 58 -15.03 -2.53 18.42
C CYS A 58 -13.76 -3.10 19.06
N SER A 59 -12.72 -3.26 18.24
CA SER A 59 -11.45 -3.79 18.72
C SER A 59 -10.28 -3.05 18.08
N CYS A 60 -9.37 -2.57 18.92
CA CYS A 60 -8.20 -1.84 18.44
C CYS A 60 -6.94 -2.70 18.56
N THR A 61 -6.07 -2.61 17.56
CA THR A 61 -4.83 -3.37 17.57
C THR A 61 -3.62 -2.48 17.33
N ALA A 62 -2.48 -2.86 17.88
CA ALA A 62 -1.25 -2.09 17.71
C ALA A 62 -0.19 -2.89 16.96
N ILE A 63 0.06 -2.50 15.71
CA ILE A 63 1.05 -3.17 14.89
C ILE A 63 1.80 -2.19 14.01
N PRO A 64 2.86 -2.67 13.34
CA PRO A 64 3.67 -1.84 12.45
C PRO A 64 2.93 -1.45 11.18
N CYS A 65 3.03 -0.17 10.81
CA CYS A 65 2.36 0.32 9.61
C CYS A 65 2.58 -0.62 8.43
N ASN A 66 1.50 -0.92 7.72
CA ASN A 66 1.57 -1.82 6.57
C ASN A 66 2.63 -1.33 5.57
N GLU A 67 3.26 -0.21 5.88
CA GLU A 67 4.29 0.35 5.03
C GLU A 67 5.56 0.65 5.81
N ASP A 68 5.49 0.48 7.12
CA ASP A 68 6.64 0.73 7.99
C ASP A 68 7.57 -0.47 8.01
N HIS A 69 8.39 -0.61 6.97
CA HIS A 69 9.33 -1.72 6.87
C HIS A 69 10.77 -1.21 6.84
N PRO A 70 11.69 -2.06 6.37
CA PRO A 70 13.11 -1.73 6.28
C PRO A 70 13.39 -0.68 5.21
N CYS A 71 12.39 0.12 4.90
CA CYS A 71 12.52 1.17 3.88
C CYS A 71 11.75 2.43 4.29
N HIS A 72 11.97 3.50 3.55
CA HIS A 72 11.30 4.78 3.84
C HIS A 72 9.79 4.59 3.88
N HIS A 73 9.09 5.57 4.44
CA HIS A 73 7.64 5.51 4.55
C HIS A 73 7.03 4.85 3.32
N CYS A 74 5.78 4.43 3.45
CA CYS A 74 5.08 3.77 2.35
C CYS A 74 5.66 4.20 1.00
N HIS A 75 5.52 3.34 0.00
CA HIS A 75 6.03 3.64 -1.34
C HIS A 75 6.22 5.14 -1.51
N GLU A 76 7.42 5.63 -1.21
CA GLU A 76 7.72 7.05 -1.34
C GLU A 76 9.22 7.30 -1.12
N GLU A 77 9.97 7.29 -2.21
CA GLU A 77 11.42 7.51 -2.14
C GLU A 77 12.07 6.55 -1.16
N ASP A 78 12.66 5.49 -1.69
CA ASP A 78 13.33 4.48 -0.86
C ASP A 78 14.35 5.14 0.05
N ASP A 79 15.30 5.86 -0.53
CA ASP A 79 16.33 6.53 0.23
C ASP A 79 17.13 7.48 -0.66
N GLY A 80 18.18 8.09 -0.09
CA GLY A 80 19.00 9.00 -0.85
C GLY A 80 20.49 8.70 -0.71
N ASP A 81 20.84 7.43 -0.88
CA ASP A 81 22.24 7.01 -0.77
C ASP A 81 22.73 6.46 -2.10
N THR A 82 24.03 6.64 -2.36
CA THR A 82 24.63 6.15 -3.59
C THR A 82 24.36 4.67 -3.79
N HIS A 83 25.06 3.83 -3.04
CA HIS A 83 24.90 2.38 -3.13
C HIS A 83 23.42 2.00 -3.06
N CYS A 84 22.71 2.60 -2.11
CA CYS A 84 21.28 2.33 -1.93
C CYS A 84 20.52 2.54 -3.24
N HIS A 85 20.75 3.68 -3.87
CA HIS A 85 20.08 4.00 -5.12
C HIS A 85 20.55 3.07 -6.24
N CYS A 86 21.78 2.59 -6.13
CA CYS A 86 22.34 1.69 -7.13
C CYS A 86 21.77 0.28 -6.98
N SER A 87 21.41 -0.08 -5.75
CA SER A 87 20.86 -1.39 -5.47
C SER A 87 19.38 -1.46 -5.85
N CYS A 88 18.73 -0.30 -5.86
CA CYS A 88 17.31 -0.22 -6.20
C CYS A 88 17.12 -0.24 -7.72
N GLU A 89 18.00 0.48 -8.42
CA GLU A 89 17.91 0.56 -9.87
C GLU A 89 18.20 -0.80 -10.51
N HIS A 90 19.06 -1.58 -9.85
CA HIS A 90 19.42 -2.90 -10.35
C HIS A 90 18.47 -3.97 -9.81
N SER A 91 17.89 -3.70 -8.63
CA SER A 91 16.97 -4.63 -8.02
C SER A 91 15.64 -4.67 -8.77
N HIS A 92 15.18 -3.51 -9.21
CA HIS A 92 13.92 -3.42 -9.94
C HIS A 92 14.10 -3.90 -11.38
N ASP A 93 15.29 -3.68 -11.92
CA ASP A 93 15.59 -4.10 -13.29
C ASP A 93 15.53 -5.62 -13.42
N HIS A 94 15.79 -6.31 -12.31
CA HIS A 94 15.78 -7.77 -12.30
C HIS A 94 14.39 -8.30 -11.94
N HIS A 95 13.70 -7.59 -11.05
CA HIS A 95 12.36 -7.99 -10.63
C HIS A 95 11.30 -7.09 -11.27
N ASP A 96 11.53 -6.70 -12.51
CA ASP A 96 10.60 -5.83 -13.22
C ASP A 96 9.18 -6.37 -13.12
N ASP A 97 9.06 -7.67 -12.87
CA ASP A 97 7.74 -8.31 -12.75
C ASP A 97 7.00 -7.77 -11.54
N ASP A 98 7.68 -6.98 -10.72
CA ASP A 98 7.08 -6.39 -9.54
C ASP A 98 6.94 -4.88 -9.68
N THR A 99 6.27 -4.45 -10.75
CA THR A 99 6.08 -3.03 -11.01
C THR A 99 4.84 -2.50 -10.28
N HIS A 100 4.42 -3.22 -9.24
CA HIS A 100 3.26 -2.82 -8.46
C HIS A 100 3.08 -3.73 -7.25
N GLY A 101 2.00 -3.50 -6.49
CA GLY A 101 1.74 -4.31 -5.31
C GLY A 101 0.53 -5.20 -5.48
N GLU A 102 0.76 -6.51 -5.52
CA GLU A 102 -0.34 -7.47 -5.67
C GLU A 102 0.05 -8.83 -5.09
N CYS A 103 -0.96 -9.60 -4.70
CA CYS A 103 -0.73 -10.92 -4.13
C CYS A 103 -1.97 -11.79 -4.25
N THR A 104 -1.90 -12.80 -5.10
CA THR A 104 -3.02 -13.71 -5.32
C THR A 104 -2.57 -14.97 -6.07
N LYS A 105 -1.27 -15.20 -6.10
CA LYS A 105 -0.72 -16.36 -6.80
C LYS A 105 -0.21 -17.39 -5.79
N LYS A 106 0.27 -18.52 -6.30
CA LYS A 106 0.80 -19.58 -5.46
C LYS A 106 1.97 -19.09 -4.62
N ALA A 107 2.35 -17.83 -4.82
CA ALA A 107 3.47 -17.25 -4.10
C ALA A 107 2.98 -16.18 -3.12
N PRO A 108 3.91 -15.62 -2.33
CA PRO A 108 3.60 -14.59 -1.34
C PRO A 108 3.23 -13.26 -2.00
N CYS A 109 3.13 -12.22 -1.18
CA CYS A 109 2.78 -10.88 -1.68
C CYS A 109 4.02 -10.04 -1.92
N TRP A 110 3.99 -9.23 -2.97
CA TRP A 110 5.13 -8.37 -3.30
C TRP A 110 4.65 -6.96 -3.63
N ARG A 111 5.54 -5.99 -3.45
CA ARG A 111 5.22 -4.59 -3.72
C ARG A 111 6.34 -3.92 -4.52
N CYS A 112 5.95 -3.00 -5.39
CA CYS A 112 6.92 -2.29 -6.23
C CYS A 112 7.68 -1.25 -5.40
N GLU A 113 8.99 -1.23 -5.55
CA GLU A 113 9.83 -0.29 -4.82
C GLU A 113 9.87 1.07 -5.52
N TYR A 114 10.25 2.11 -4.78
CA TYR A 114 10.32 3.45 -5.33
C TYR A 114 11.75 3.81 -5.71
N ASN A 115 11.92 4.32 -6.92
CA ASN A 115 13.24 4.71 -7.42
C ASN A 115 13.12 5.77 -8.51
N ALA A 116 14.26 6.34 -8.90
CA ALA A 116 14.28 7.35 -9.94
C ALA A 116 13.65 6.84 -11.24
N ASP A 117 12.46 7.32 -11.54
CA ASP A 117 11.75 6.92 -12.75
C ASP A 117 11.07 8.11 -13.41
N LEU A 118 10.59 7.91 -14.64
CA LEU A 118 9.93 8.98 -15.38
C LEU A 118 8.46 9.07 -14.98
N LYS A 119 7.76 10.06 -15.53
CA LYS A 119 6.35 10.26 -15.25
C LYS A 119 5.60 8.94 -15.23
N HIS A 120 5.16 8.51 -14.05
CA HIS A 120 4.44 7.26 -13.90
C HIS A 120 3.31 7.40 -12.87
N ASP A 121 2.65 6.29 -12.57
CA ASP A 121 1.56 6.30 -11.61
C ASP A 121 1.98 5.57 -10.33
N VAL A 122 1.14 5.67 -9.30
CA VAL A 122 1.42 5.04 -8.01
C VAL A 122 1.59 3.54 -8.18
N CYS A 123 2.32 2.92 -7.25
CA CYS A 123 2.56 1.48 -7.29
C CYS A 123 2.68 0.91 -5.88
N GLY A 124 3.09 -0.36 -5.80
CA GLY A 124 3.24 -1.00 -4.51
C GLY A 124 2.07 -0.71 -3.57
N CYS A 125 2.37 -0.26 -2.36
CA CYS A 125 1.33 0.04 -1.39
C CYS A 125 0.87 1.49 -1.51
N GLU A 126 1.37 2.17 -2.53
CA GLU A 126 1.00 3.57 -2.76
C GLU A 126 -0.38 3.67 -3.41
N CYS A 127 -1.24 2.72 -3.08
CA CYS A 127 -2.59 2.70 -3.62
C CYS A 127 -3.59 3.28 -2.62
N SER A 128 -4.33 4.31 -3.07
CA SER A 128 -5.31 4.96 -2.21
C SER A 128 -6.43 3.99 -1.84
N LYS A 129 -7.51 4.54 -1.27
CA LYS A 129 -8.64 3.72 -0.86
C LYS A 129 -9.31 3.06 -2.07
N LEU A 130 -8.63 3.14 -3.21
CA LEU A 130 -9.16 2.56 -4.44
C LEU A 130 -9.27 1.04 -4.32
N PRO A 131 -10.02 0.42 -5.23
CA PRO A 131 -10.22 -1.04 -5.25
C PRO A 131 -8.95 -1.79 -5.63
N CYS A 132 -7.88 -1.55 -4.88
CA CYS A 132 -6.60 -2.21 -5.14
C CYS A 132 -5.97 -2.71 -3.84
N ASN A 133 -4.70 -2.37 -3.64
CA ASN A 133 -3.98 -2.78 -2.44
C ASN A 133 -4.94 -3.36 -1.41
N ASP A 134 -4.96 -4.68 -1.29
CA ASP A 134 -5.83 -5.35 -0.34
C ASP A 134 -5.12 -5.55 1.00
N GLU A 135 -4.50 -6.71 1.17
CA GLU A 135 -3.78 -7.02 2.40
C GLU A 135 -3.35 -8.49 2.43
N HIS A 136 -2.25 -8.79 1.74
CA HIS A 136 -1.74 -10.15 1.69
C HIS A 136 -0.36 -10.24 2.32
N PRO A 137 0.04 -11.45 2.74
CA PRO A 137 1.34 -11.69 3.36
C PRO A 137 2.49 -11.54 2.38
N CYS A 138 3.22 -10.44 2.49
CA CYS A 138 4.36 -10.18 1.61
C CYS A 138 5.57 -11.01 2.02
N TYR A 139 6.69 -10.79 1.35
CA TYR A 139 7.92 -11.52 1.64
C TYR A 139 8.21 -11.53 3.13
N ARG A 140 9.15 -12.38 3.54
CA ARG A 140 9.52 -12.49 4.94
C ARG A 140 10.57 -11.45 5.31
N LYS A 141 11.76 -11.59 4.76
CA LYS A 141 12.85 -10.67 5.03
C LYS A 141 12.52 -9.27 4.52
N GLU A 142 11.28 -9.08 4.09
CA GLU A 142 10.84 -7.79 3.58
C GLU A 142 9.44 -7.90 2.97
N GLY A 143 8.44 -7.41 3.71
CA GLY A 143 7.07 -7.46 3.22
C GLY A 143 6.06 -7.49 4.35
N GLY A 144 5.50 -8.66 4.61
CA GLY A 144 4.51 -8.79 5.67
C GLY A 144 3.11 -8.49 5.20
N VAL A 145 2.13 -8.65 6.09
CA VAL A 145 0.74 -8.39 5.75
C VAL A 145 0.51 -6.93 5.40
N VAL A 146 0.46 -6.63 4.11
CA VAL A 146 0.25 -5.27 3.64
C VAL A 146 -0.70 -5.24 2.45
N SER A 147 -1.42 -4.12 2.31
CA SER A 147 -2.38 -3.97 1.22
C SER A 147 -1.67 -3.96 -0.13
N CYS A 148 -2.12 -4.83 -1.04
CA CYS A 148 -1.52 -4.92 -2.36
C CYS A 148 -2.46 -5.63 -3.33
N ASP A 149 -3.04 -4.87 -4.25
CA ASP A 149 -3.96 -5.42 -5.24
C ASP A 149 -4.03 -4.54 -6.48
N CYS A 150 -3.00 -4.63 -7.32
CA CYS A 150 -2.93 -3.85 -8.54
C CYS A 150 -1.95 -4.45 -9.53
N LYS A 151 -2.00 -3.99 -10.78
CA LYS A 151 -1.12 -4.49 -11.82
C LYS A 151 -1.36 -5.97 -12.08
N THR A 152 -0.70 -6.82 -11.31
CA THR A 152 -0.85 -8.26 -11.45
C THR A 152 -2.20 -8.73 -10.91
N ILE A 153 -3.19 -7.85 -10.96
CA ILE A 153 -4.52 -8.18 -10.47
C ILE A 153 -4.95 -9.56 -10.94
N THR A 154 -5.90 -10.17 -10.22
CA THR A 154 -6.39 -11.49 -10.56
C THR A 154 -7.23 -11.45 -11.84
N CYS A 155 -7.37 -12.60 -12.48
CA CYS A 155 -8.15 -12.70 -13.71
C CYS A 155 -8.54 -14.15 -13.99
N ASN A 156 -9.58 -14.62 -13.29
CA ASN A 156 -10.05 -15.98 -13.46
C ASN A 156 -11.41 -16.18 -12.77
N GLU A 157 -12.08 -17.29 -13.09
CA GLU A 157 -13.37 -17.59 -12.50
C GLU A 157 -13.29 -17.58 -10.98
N ASP A 158 -13.36 -18.76 -10.38
CA ASP A 158 -13.29 -18.89 -8.93
C ASP A 158 -11.85 -19.05 -8.46
N HIS A 159 -10.92 -18.45 -9.19
CA HIS A 159 -9.51 -18.53 -8.85
C HIS A 159 -8.76 -17.30 -9.35
N PRO A 160 -7.84 -16.79 -8.52
CA PRO A 160 -7.03 -15.60 -8.85
C PRO A 160 -6.03 -15.88 -9.96
N CYS A 161 -5.79 -14.89 -10.81
CA CYS A 161 -4.85 -15.02 -11.92
C CYS A 161 -4.21 -13.67 -12.24
N TYR A 162 -2.89 -13.60 -12.06
CA TYR A 162 -2.15 -12.38 -12.34
C TYR A 162 -2.09 -12.10 -13.84
N HIS A 163 -2.54 -10.91 -14.24
CA HIS A 163 -2.54 -10.52 -15.64
C HIS A 163 -1.14 -10.65 -16.23
N SER A 164 -0.28 -9.70 -15.91
CA SER A 164 1.09 -9.70 -16.42
C SER A 164 1.98 -8.77 -15.61
N TYR A 165 3.12 -8.39 -16.17
CA TYR A 165 4.06 -7.51 -15.49
C TYR A 165 4.10 -6.14 -16.15
N GLU A 166 3.53 -5.15 -15.49
CA GLU A 166 3.50 -3.79 -16.02
C GLU A 166 2.77 -2.85 -15.05
N GLU A 167 3.53 -2.00 -14.38
CA GLU A 167 2.97 -1.05 -13.44
C GLU A 167 1.54 -0.66 -13.83
N ASP A 168 0.57 -1.43 -13.36
CA ASP A 168 -0.83 -1.18 -13.66
C ASP A 168 -1.68 -1.24 -12.39
N GLY A 169 -2.98 -1.02 -12.55
CA GLY A 169 -3.88 -1.04 -11.42
C GLY A 169 -5.24 -1.63 -11.76
N VAL A 170 -5.90 -2.21 -10.78
CA VAL A 170 -7.21 -2.81 -10.98
C VAL A 170 -8.20 -1.79 -11.53
N THR A 171 -8.55 -1.94 -12.80
CA THR A 171 -9.49 -1.03 -13.45
C THR A 171 -10.54 -1.79 -14.25
N LYS A 172 -11.62 -2.17 -13.58
CA LYS A 172 -12.70 -2.92 -14.23
C LYS A 172 -13.98 -2.83 -13.41
N SER A 173 -15.04 -3.46 -13.91
CA SER A 173 -16.32 -3.47 -13.23
C SER A 173 -16.91 -4.87 -13.18
N ASP A 174 -16.50 -5.64 -12.18
CA ASP A 174 -17.00 -7.00 -12.01
C ASP A 174 -18.52 -7.04 -12.03
N CYS A 175 -19.13 -6.31 -11.10
CA CYS A 175 -20.59 -6.26 -11.01
C CYS A 175 -21.03 -5.35 -9.87
N ASP A 176 -22.32 -5.39 -9.55
CA ASP A 176 -22.86 -4.58 -8.48
C ASP A 176 -23.50 -5.45 -7.39
N CYS A 177 -22.77 -6.48 -6.97
CA CYS A 177 -23.25 -7.39 -5.95
C CYS A 177 -22.29 -7.45 -4.77
N GLU A 178 -22.69 -8.17 -3.73
CA GLU A 178 -21.85 -8.30 -2.53
C GLU A 178 -20.45 -8.76 -2.90
N HIS A 179 -19.50 -7.82 -2.91
CA HIS A 179 -18.11 -8.13 -3.24
C HIS A 179 -17.29 -8.32 -1.98
N SER A 180 -17.71 -7.66 -0.90
CA SER A 180 -16.99 -7.75 0.37
C SER A 180 -15.50 -7.46 0.18
N PRO A 181 -15.18 -6.17 -0.03
CA PRO A 181 -13.79 -5.73 -0.23
C PRO A 181 -12.97 -5.83 1.04
N GLY A 182 -12.56 -7.06 1.39
CA GLY A 182 -11.77 -7.26 2.58
C GLY A 182 -10.47 -7.98 2.30
N PRO A 183 -9.60 -8.09 3.31
CA PRO A 183 -8.30 -8.76 3.19
C PRO A 183 -8.45 -10.28 3.03
N SER A 184 -8.54 -10.72 1.78
CA SER A 184 -8.67 -12.15 1.49
C SER A 184 -7.60 -12.96 2.22
N GLU A 185 -6.42 -12.37 2.36
CA GLU A 185 -5.32 -13.04 3.03
C GLU A 185 -5.02 -14.40 2.39
N MET A 1 -9.89 -0.92 4.54
CA MET A 1 -11.05 -1.14 5.40
C MET A 1 -10.62 -1.64 6.78
N ALA A 2 -10.29 -0.70 7.66
CA ALA A 2 -9.86 -1.05 9.01
C ALA A 2 -11.05 -1.51 9.86
N HIS A 3 -10.89 -2.66 10.51
CA HIS A 3 -11.94 -3.21 11.34
C HIS A 3 -11.35 -3.94 12.55
N GLU A 4 -11.62 -3.41 13.74
CA GLU A 4 -11.11 -4.00 14.97
C GLU A 4 -12.07 -3.75 16.14
N GLU A 5 -11.88 -4.49 17.22
CA GLU A 5 -12.73 -4.35 18.40
C GLU A 5 -12.38 -3.07 19.15
N ASP A 6 -13.20 -2.74 20.14
CA ASP A 6 -12.99 -1.54 20.94
C ASP A 6 -13.09 -0.28 20.09
N GLY A 7 -13.78 -0.39 18.96
CA GLY A 7 -13.94 0.74 18.07
C GLY A 7 -12.62 1.20 17.46
N VAL A 8 -12.45 0.96 16.17
CA VAL A 8 -11.23 1.35 15.47
C VAL A 8 -11.51 1.69 14.02
N CYS A 9 -11.72 2.96 13.74
CA CYS A 9 -12.00 3.42 12.38
C CYS A 9 -11.67 4.90 12.22
N ASN A 10 -11.84 5.41 11.00
CA ASN A 10 -11.55 6.80 10.71
C ASN A 10 -12.56 7.72 11.40
N SER A 11 -13.85 7.49 11.12
CA SER A 11 -14.91 8.29 11.70
C SER A 11 -15.69 7.49 12.74
N ASN A 12 -16.99 7.34 12.51
CA ASN A 12 -17.85 6.59 13.43
C ASN A 12 -18.90 5.80 12.66
N ALA A 13 -18.45 5.09 11.63
CA ALA A 13 -19.35 4.27 10.81
C ALA A 13 -18.59 3.57 9.70
N PRO A 14 -17.97 4.36 8.81
CA PRO A 14 -17.20 3.82 7.68
C PRO A 14 -15.90 3.15 8.13
N CYS A 15 -15.91 1.81 8.12
CA CYS A 15 -14.73 1.05 8.52
C CYS A 15 -13.61 1.20 7.51
N TYR A 16 -12.83 2.26 7.64
CA TYR A 16 -11.72 2.53 6.73
C TYR A 16 -10.63 3.34 7.43
N HIS A 17 -9.38 3.08 7.05
CA HIS A 17 -8.24 3.79 7.63
C HIS A 17 -7.56 4.67 6.59
N CYS A 18 -6.38 5.17 6.93
CA CYS A 18 -5.63 6.02 6.03
C CYS A 18 -4.56 5.22 5.29
N ASP A 19 -3.63 5.94 4.66
CA ASP A 19 -2.54 5.29 3.92
C ASP A 19 -1.65 4.48 4.85
N ALA A 20 -0.39 4.91 4.98
CA ALA A 20 0.56 4.23 5.84
C ALA A 20 -0.10 3.79 7.14
N ASN A 21 -0.61 4.75 7.90
CA ASN A 21 -1.26 4.45 9.17
C ASN A 21 -2.26 3.31 9.01
N GLY A 22 -2.98 3.31 7.89
CA GLY A 22 -3.96 2.27 7.64
C GLY A 22 -3.34 0.89 7.62
N GLU A 23 -2.22 0.75 6.91
CA GLU A 23 -1.54 -0.53 6.81
C GLU A 23 -0.65 -0.77 8.02
N ASN A 24 -0.40 0.29 8.78
CA ASN A 24 0.44 0.21 9.96
C ASN A 24 -0.36 -0.29 11.17
N CYS A 25 -1.66 -0.03 11.15
CA CYS A 25 -2.53 -0.44 12.24
C CYS A 25 -3.39 -1.64 11.83
N SER A 26 -3.82 -1.64 10.57
CA SER A 26 -4.65 -2.72 10.05
C SER A 26 -4.28 -3.04 8.61
N CYS A 27 -4.31 -4.33 8.27
CA CYS A 27 -3.97 -4.77 6.93
C CYS A 27 -5.09 -4.41 5.94
N ASN A 28 -5.78 -3.31 6.21
CA ASN A 28 -6.87 -2.87 5.35
C ASN A 28 -7.25 -1.42 5.67
N CYS A 29 -7.03 -0.52 4.71
CA CYS A 29 -7.35 0.88 4.90
C CYS A 29 -7.87 1.50 3.59
N GLU A 30 -8.52 2.64 3.70
CA GLU A 30 -9.07 3.33 2.53
C GLU A 30 -9.13 4.83 2.76
N LEU A 31 -7.96 5.46 2.85
CA LEU A 31 -7.89 6.91 3.06
C LEU A 31 -6.43 7.37 3.15
N PHE A 32 -6.24 8.65 3.38
CA PHE A 32 -4.91 9.22 3.49
C PHE A 32 -4.78 10.11 4.73
N ASP A 33 -3.66 9.96 5.43
CA ASP A 33 -3.41 10.74 6.64
C ASP A 33 -2.13 11.57 6.50
N CYS A 34 -1.95 12.51 7.42
CA CYS A 34 -0.76 13.36 7.41
C CYS A 34 -0.08 13.37 8.78
N GLU A 35 0.58 14.48 9.09
CA GLU A 35 1.27 14.62 10.37
C GLU A 35 0.47 13.98 11.49
N ALA A 36 1.16 13.60 12.56
CA ALA A 36 0.51 12.98 13.71
C ALA A 36 -0.66 13.83 14.21
N LYS A 37 -1.59 13.19 14.91
CA LYS A 37 -2.76 13.90 15.44
C LYS A 37 -3.38 13.11 16.59
N LYS A 38 -4.03 13.83 17.50
CA LYS A 38 -4.67 13.20 18.65
C LYS A 38 -6.16 13.56 18.71
N PRO A 39 -7.02 12.58 18.41
CA PRO A 39 -8.47 12.77 18.43
C PRO A 39 -9.02 12.95 19.83
N ASP A 40 -8.49 12.18 20.78
CA ASP A 40 -8.92 12.26 22.17
C ASP A 40 -8.13 11.30 23.04
N GLY A 41 -6.85 11.12 22.71
CA GLY A 41 -6.01 10.22 23.48
C GLY A 41 -4.53 10.55 23.33
N SER A 42 -3.98 10.29 22.16
CA SER A 42 -2.57 10.57 21.90
C SER A 42 -2.34 10.92 20.43
N TYR A 43 -1.21 11.55 20.14
CA TYR A 43 -0.87 11.94 18.79
C TYR A 43 -0.07 10.86 18.08
N ALA A 44 -0.47 10.52 16.86
CA ALA A 44 0.21 9.51 16.07
C ALA A 44 -0.48 9.28 14.74
N HIS A 45 0.08 9.86 13.68
CA HIS A 45 -0.50 9.71 12.34
C HIS A 45 0.56 9.96 11.28
N PRO A 46 1.03 8.88 10.63
CA PRO A 46 2.04 8.95 9.58
C PRO A 46 1.51 9.59 8.30
N CYS A 47 2.21 10.61 7.82
CA CYS A 47 1.81 11.30 6.60
C CYS A 47 2.49 10.70 5.38
N ARG A 48 1.72 10.53 4.31
CA ARG A 48 2.24 9.96 3.07
C ARG A 48 3.67 10.42 2.82
N ARG A 49 4.61 9.87 3.59
CA ARG A 49 6.02 10.22 3.46
C ARG A 49 6.85 9.56 4.54
N CYS A 50 7.96 8.96 4.14
CA CYS A 50 8.85 8.28 5.08
C CYS A 50 8.67 8.83 6.48
N ASP A 51 7.85 8.15 7.28
CA ASP A 51 7.60 8.59 8.65
C ASP A 51 6.53 7.72 9.30
N ALA A 52 6.71 7.40 10.58
CA ALA A 52 5.76 6.58 11.31
C ALA A 52 5.37 7.24 12.63
N ASN A 53 4.10 7.07 13.01
CA ASN A 53 3.60 7.66 14.26
C ASN A 53 2.60 6.72 14.93
N ASN A 54 3.04 6.10 16.02
CA ASN A 54 2.19 5.17 16.77
C ASN A 54 1.76 5.78 18.09
N ILE A 55 0.70 5.22 18.68
CA ILE A 55 0.19 5.71 19.95
C ILE A 55 0.72 4.87 21.11
N CYS A 56 1.82 5.31 21.71
CA CYS A 56 2.42 4.58 22.82
C CYS A 56 1.87 5.09 24.16
N LYS A 57 0.97 4.33 24.74
CA LYS A 57 0.36 4.70 26.02
C LYS A 57 0.70 6.14 26.38
N CYS A 58 -0.18 7.06 26.03
CA CYS A 58 0.02 8.48 26.32
C CYS A 58 1.41 8.92 25.87
N SER A 59 1.92 8.30 24.81
CA SER A 59 3.24 8.63 24.29
C SER A 59 3.24 8.62 22.76
N CYS A 60 3.39 9.80 22.17
CA CYS A 60 3.40 9.94 20.73
C CYS A 60 4.83 9.81 20.18
N THR A 61 4.99 9.00 19.14
CA THR A 61 6.30 8.79 18.53
C THR A 61 6.29 9.20 17.06
N ALA A 62 6.73 10.43 16.80
CA ALA A 62 6.77 10.94 15.44
C ALA A 62 8.18 10.88 14.88
N ILE A 63 8.40 9.98 13.92
CA ILE A 63 9.71 9.82 13.31
C ILE A 63 9.58 9.56 11.81
N PRO A 64 10.68 9.79 11.07
CA PRO A 64 10.71 9.58 9.62
C PRO A 64 10.66 8.10 9.25
N CYS A 65 11.04 7.79 8.01
CA CYS A 65 11.02 6.42 7.53
C CYS A 65 11.47 5.46 8.63
N ASN A 66 10.51 4.85 9.31
CA ASN A 66 10.80 3.91 10.38
C ASN A 66 11.81 2.85 9.93
N GLU A 67 11.81 2.58 8.63
CA GLU A 67 12.73 1.59 8.06
C GLU A 67 13.94 2.27 7.43
N ASP A 68 14.58 3.14 8.19
CA ASP A 68 15.76 3.87 7.69
C ASP A 68 16.13 3.39 6.29
N HIS A 69 15.34 3.79 5.30
CA HIS A 69 15.59 3.42 3.92
C HIS A 69 15.66 4.64 3.02
N PRO A 70 16.75 4.75 2.25
CA PRO A 70 16.96 5.89 1.33
C PRO A 70 16.00 5.84 0.14
N CYS A 71 14.74 6.20 0.39
CA CYS A 71 13.74 6.21 -0.67
C CYS A 71 12.83 7.43 -0.54
N HIS A 72 12.10 7.73 -1.61
CA HIS A 72 11.19 8.88 -1.62
C HIS A 72 10.18 8.76 -0.49
N HIS A 73 9.44 9.84 -0.25
CA HIS A 73 8.43 9.86 0.81
C HIS A 73 7.29 8.89 0.50
N CYS A 74 7.62 7.61 0.44
CA CYS A 74 6.62 6.57 0.15
C CYS A 74 7.20 5.18 0.36
N HIS A 75 6.37 4.17 0.15
CA HIS A 75 6.80 2.78 0.31
C HIS A 75 8.26 2.61 -0.13
N GLU A 76 8.86 1.50 0.27
CA GLU A 76 10.25 1.21 -0.09
C GLU A 76 10.40 1.04 -1.59
N GLU A 77 10.66 2.14 -2.29
CA GLU A 77 10.83 2.12 -3.73
C GLU A 77 12.04 1.27 -4.13
N ASP A 78 12.42 1.36 -5.40
CA ASP A 78 13.57 0.61 -5.90
C ASP A 78 14.87 1.34 -5.60
N ASP A 79 14.75 2.48 -4.94
CA ASP A 79 15.93 3.29 -4.59
C ASP A 79 16.70 2.65 -3.44
N GLY A 80 17.99 2.40 -3.67
CA GLY A 80 18.82 1.79 -2.64
C GLY A 80 19.90 0.89 -3.22
N ASP A 81 20.78 0.41 -2.35
CA ASP A 81 21.87 -0.46 -2.79
C ASP A 81 21.69 -1.87 -2.24
N THR A 82 22.74 -2.67 -2.32
CA THR A 82 22.71 -4.04 -1.83
C THR A 82 21.98 -4.13 -0.49
N HIS A 83 22.57 -3.54 0.54
CA HIS A 83 21.99 -3.55 1.87
C HIS A 83 20.48 -3.27 1.80
N CYS A 84 20.12 -2.21 1.09
CA CYS A 84 18.71 -1.84 0.95
C CYS A 84 17.88 -3.01 0.49
N HIS A 85 18.42 -3.79 -0.45
CA HIS A 85 17.73 -4.95 -0.99
C HIS A 85 17.53 -6.00 0.08
N CYS A 86 18.50 -6.12 0.99
CA CYS A 86 18.43 -7.08 2.07
C CYS A 86 17.40 -6.67 3.12
N SER A 87 17.26 -5.36 3.30
CA SER A 87 16.32 -4.82 4.28
C SER A 87 14.89 -4.89 3.76
N CYS A 88 14.75 -4.90 2.43
CA CYS A 88 13.44 -4.97 1.80
C CYS A 88 12.89 -6.39 1.83
N GLU A 89 13.76 -7.36 1.60
CA GLU A 89 13.36 -8.76 1.61
C GLU A 89 12.87 -9.18 2.99
N HIS A 90 13.48 -8.62 4.03
CA HIS A 90 13.11 -8.94 5.40
C HIS A 90 12.00 -8.01 5.89
N SER A 91 11.95 -6.80 5.33
CA SER A 91 10.94 -5.82 5.71
C SER A 91 9.61 -6.10 5.02
N HIS A 92 9.68 -6.65 3.81
CA HIS A 92 8.49 -6.98 3.04
C HIS A 92 7.78 -8.20 3.63
N ASP A 93 8.56 -9.08 4.25
CA ASP A 93 8.00 -10.29 4.85
C ASP A 93 7.36 -9.97 6.20
N HIS A 94 7.73 -8.84 6.78
CA HIS A 94 7.18 -8.42 8.06
C HIS A 94 5.89 -7.61 7.87
N HIS A 95 5.88 -6.77 6.84
CA HIS A 95 4.72 -5.94 6.55
C HIS A 95 3.70 -6.70 5.72
N ASP A 96 3.42 -7.94 6.13
CA ASP A 96 2.46 -8.78 5.42
C ASP A 96 1.21 -7.98 5.04
N ASP A 97 0.98 -6.88 5.73
CA ASP A 97 -0.17 -6.02 5.46
C ASP A 97 -0.05 -5.36 4.09
N ASP A 98 0.94 -5.80 3.33
CA ASP A 98 1.17 -5.24 2.00
C ASP A 98 -0.11 -5.30 1.16
N THR A 99 -1.05 -4.39 1.44
CA THR A 99 -2.31 -4.34 0.73
C THR A 99 -2.09 -4.34 -0.78
N HIS A 100 -0.86 -4.02 -1.20
CA HIS A 100 -0.52 -3.98 -2.61
C HIS A 100 0.87 -4.57 -2.84
N GLY A 101 0.92 -5.90 -3.02
CA GLY A 101 2.19 -6.56 -3.24
C GLY A 101 2.24 -7.95 -2.64
N GLU A 102 1.58 -8.89 -3.30
CA GLU A 102 1.54 -10.27 -2.82
C GLU A 102 1.29 -11.24 -3.97
N CYS A 103 1.26 -12.53 -3.65
CA CYS A 103 1.04 -13.57 -4.66
C CYS A 103 0.68 -14.89 -4.00
N THR A 104 -0.62 -15.17 -3.90
CA THR A 104 -1.10 -16.41 -3.29
C THR A 104 -2.28 -16.98 -4.07
N LYS A 105 -2.64 -16.32 -5.16
CA LYS A 105 -3.74 -16.76 -6.00
C LYS A 105 -3.24 -17.26 -7.35
N LYS A 106 -4.17 -17.62 -8.22
CA LYS A 106 -3.82 -18.11 -9.55
C LYS A 106 -3.26 -16.99 -10.42
N ALA A 107 -2.87 -15.89 -9.77
CA ALA A 107 -2.31 -14.75 -10.48
C ALA A 107 -0.80 -14.67 -10.28
N PRO A 108 -0.16 -13.73 -10.99
CA PRO A 108 1.30 -13.52 -10.91
C PRO A 108 1.72 -12.95 -9.57
N CYS A 109 2.87 -12.28 -9.55
CA CYS A 109 3.40 -11.68 -8.34
C CYS A 109 3.61 -10.18 -8.51
N TRP A 110 3.08 -9.40 -7.58
CA TRP A 110 3.21 -7.95 -7.64
C TRP A 110 3.64 -7.39 -6.28
N ARG A 111 4.18 -6.17 -6.29
CA ARG A 111 4.63 -5.52 -5.06
C ARG A 111 4.95 -4.06 -5.31
N CYS A 112 4.68 -3.23 -4.30
CA CYS A 112 4.95 -1.79 -4.41
C CYS A 112 6.38 -1.54 -4.83
N GLU A 113 6.57 -1.14 -6.10
CA GLU A 113 7.90 -0.87 -6.62
C GLU A 113 7.87 0.32 -7.58
N TYR A 114 8.97 1.06 -7.63
CA TYR A 114 9.07 2.22 -8.50
C TYR A 114 10.48 2.82 -8.46
N ASN A 115 10.87 3.50 -9.53
CA ASN A 115 12.18 4.12 -9.62
C ASN A 115 12.13 5.57 -9.17
N ALA A 116 13.31 6.19 -9.04
CA ALA A 116 13.39 7.57 -8.62
C ALA A 116 12.59 8.49 -9.54
N ASP A 117 11.43 8.94 -9.05
CA ASP A 117 10.57 9.82 -9.83
C ASP A 117 9.95 10.90 -8.95
N LEU A 118 9.27 11.85 -9.57
CA LEU A 118 8.64 12.94 -8.84
C LEU A 118 7.31 12.50 -8.25
N LYS A 119 6.65 13.39 -7.51
CA LYS A 119 5.37 13.09 -6.89
C LYS A 119 4.48 12.29 -7.84
N HIS A 120 4.26 11.02 -7.52
CA HIS A 120 3.43 10.15 -8.34
C HIS A 120 2.65 9.17 -7.47
N ASP A 121 2.09 8.15 -8.10
CA ASP A 121 1.32 7.13 -7.40
C ASP A 121 2.22 6.00 -6.92
N VAL A 122 2.05 5.60 -5.66
CA VAL A 122 2.84 4.53 -5.10
C VAL A 122 1.96 3.46 -4.46
N CYS A 123 2.51 2.26 -4.31
CA CYS A 123 1.76 1.15 -3.72
C CYS A 123 2.36 0.74 -2.38
N GLY A 124 1.92 -0.39 -1.86
CA GLY A 124 2.42 -0.88 -0.58
C GLY A 124 1.82 -0.13 0.60
N CYS A 125 2.58 0.79 1.17
CA CYS A 125 2.11 1.56 2.31
C CYS A 125 1.36 2.81 1.85
N GLU A 126 1.32 3.02 0.54
CA GLU A 126 0.64 4.18 -0.03
C GLU A 126 -0.50 3.74 -0.94
N CYS A 127 -1.15 2.63 -0.59
CA CYS A 127 -2.26 2.11 -1.37
C CYS A 127 -3.55 2.12 -0.56
N SER A 128 -4.65 2.45 -1.23
CA SER A 128 -5.95 2.51 -0.56
C SER A 128 -6.78 1.27 -0.90
N LYS A 129 -8.02 1.25 -0.41
CA LYS A 129 -8.93 0.13 -0.66
C LYS A 129 -10.17 0.58 -1.41
N LEU A 130 -9.96 1.22 -2.56
CA LEU A 130 -11.06 1.71 -3.37
C LEU A 130 -11.41 0.71 -4.47
N PRO A 131 -12.62 0.86 -5.05
CA PRO A 131 -13.11 -0.02 -6.11
C PRO A 131 -12.34 0.19 -7.42
N CYS A 132 -11.91 -0.92 -8.02
CA CYS A 132 -11.17 -0.85 -9.28
C CYS A 132 -11.65 -1.94 -10.24
N ASN A 133 -10.91 -2.12 -11.33
CA ASN A 133 -11.26 -3.12 -12.34
C ASN A 133 -10.20 -4.22 -12.39
N ASP A 134 -9.59 -4.37 -13.57
CA ASP A 134 -8.56 -5.39 -13.76
C ASP A 134 -7.22 -4.74 -14.09
N GLU A 135 -6.42 -5.43 -14.90
CA GLU A 135 -5.11 -4.92 -15.28
C GLU A 135 -4.16 -6.06 -15.65
N HIS A 136 -3.15 -5.75 -16.45
CA HIS A 136 -2.19 -6.75 -16.88
C HIS A 136 -1.40 -7.29 -15.69
N PRO A 137 -0.77 -8.46 -15.88
CA PRO A 137 0.04 -9.10 -14.83
C PRO A 137 1.32 -8.34 -14.54
N CYS A 138 1.93 -8.64 -13.39
CA CYS A 138 3.17 -7.99 -12.99
C CYS A 138 4.38 -8.77 -13.47
N TYR A 139 5.53 -8.51 -12.85
CA TYR A 139 6.76 -9.20 -13.22
C TYR A 139 7.83 -9.03 -12.14
N ARG A 140 9.08 -9.31 -12.49
CA ARG A 140 10.19 -9.19 -11.56
C ARG A 140 10.53 -7.72 -11.30
N LYS A 141 11.68 -7.30 -11.80
CA LYS A 141 12.11 -5.91 -11.64
C LYS A 141 11.30 -4.97 -12.52
N GLU A 142 10.09 -5.40 -12.89
CA GLU A 142 9.22 -4.60 -13.73
C GLU A 142 7.94 -5.35 -14.06
N GLY A 143 6.84 -4.96 -13.40
CA GLY A 143 5.57 -5.61 -13.64
C GLY A 143 4.92 -5.15 -14.93
N GLY A 144 4.14 -6.04 -15.54
CA GLY A 144 3.46 -5.70 -16.78
C GLY A 144 2.07 -5.15 -16.56
N VAL A 145 1.70 -4.98 -15.30
CA VAL A 145 0.38 -4.46 -14.95
C VAL A 145 0.09 -3.15 -15.66
N VAL A 146 -0.96 -3.14 -16.47
CA VAL A 146 -1.33 -1.93 -17.21
C VAL A 146 -2.85 -1.76 -17.24
N SER A 147 -3.40 -1.24 -16.14
CA SER A 147 -4.84 -1.03 -16.04
C SER A 147 -5.21 -0.59 -14.63
N CYS A 148 -6.50 -0.70 -14.31
CA CYS A 148 -7.00 -0.31 -12.99
C CYS A 148 -7.60 -1.50 -12.27
N ASP A 149 -6.90 -1.99 -11.24
CA ASP A 149 -7.37 -3.12 -10.47
C ASP A 149 -7.14 -2.91 -8.98
N CYS A 150 -7.68 -3.80 -8.16
CA CYS A 150 -7.53 -3.70 -6.71
C CYS A 150 -6.28 -4.43 -6.23
N LYS A 151 -5.37 -3.69 -5.61
CA LYS A 151 -4.13 -4.25 -5.10
C LYS A 151 -4.34 -5.70 -4.65
N THR A 152 -4.62 -5.88 -3.36
CA THR A 152 -4.84 -7.21 -2.81
C THR A 152 -6.16 -7.27 -2.05
N ILE A 153 -7.18 -6.59 -2.58
CA ILE A 153 -8.49 -6.56 -1.95
C ILE A 153 -8.81 -7.90 -1.29
N THR A 154 -9.03 -7.87 0.02
CA THR A 154 -9.35 -9.09 0.76
C THR A 154 -10.73 -9.61 0.41
N CYS A 155 -10.97 -10.88 0.71
CA CYS A 155 -12.26 -11.49 0.43
C CYS A 155 -13.14 -11.52 1.67
N ASN A 156 -14.37 -12.03 1.51
CA ASN A 156 -15.31 -12.10 2.62
C ASN A 156 -14.72 -12.91 3.77
N GLU A 157 -15.16 -12.61 5.00
CA GLU A 157 -14.68 -13.31 6.18
C GLU A 157 -14.65 -14.82 5.94
N ASP A 158 -15.55 -15.29 5.09
CA ASP A 158 -15.62 -16.71 4.77
C ASP A 158 -14.25 -17.26 4.40
N HIS A 159 -13.34 -16.36 4.03
CA HIS A 159 -11.99 -16.77 3.64
C HIS A 159 -11.21 -15.58 3.09
N PRO A 160 -10.10 -15.25 3.74
CA PRO A 160 -9.24 -14.13 3.33
C PRO A 160 -8.50 -14.41 2.02
N CYS A 161 -8.85 -13.66 0.99
CA CYS A 161 -8.23 -13.83 -0.33
C CYS A 161 -8.48 -12.61 -1.21
N TYR A 162 -8.08 -12.71 -2.47
CA TYR A 162 -8.25 -11.62 -3.42
C TYR A 162 -9.64 -11.67 -4.06
N HIS A 163 -10.44 -10.64 -3.79
CA HIS A 163 -11.79 -10.56 -4.33
C HIS A 163 -11.76 -10.10 -5.79
N SER A 164 -11.38 -8.85 -6.00
CA SER A 164 -11.32 -8.27 -7.34
C SER A 164 -10.06 -8.75 -8.06
N TYR A 165 -9.51 -7.89 -8.91
CA TYR A 165 -8.31 -8.21 -9.68
C TYR A 165 -7.06 -7.65 -9.00
N GLU A 166 -6.12 -8.52 -8.67
CA GLU A 166 -4.89 -8.11 -8.03
C GLU A 166 -3.89 -7.57 -9.04
N GLU A 167 -2.68 -7.26 -8.58
CA GLU A 167 -1.64 -6.73 -9.45
C GLU A 167 -1.94 -5.28 -9.82
N ASP A 168 -2.44 -4.52 -8.86
CA ASP A 168 -2.76 -3.11 -9.07
C ASP A 168 -1.50 -2.32 -9.43
N GLY A 169 -1.70 -1.12 -9.97
CA GLY A 169 -0.58 -0.28 -10.35
C GLY A 169 -0.75 0.33 -11.72
N VAL A 170 -1.54 1.40 -11.80
CA VAL A 170 -1.79 2.08 -13.06
C VAL A 170 -0.53 2.74 -13.59
N THR A 171 0.05 2.17 -14.65
CA THR A 171 1.26 2.71 -15.25
C THR A 171 1.13 2.81 -16.76
N LYS A 172 1.89 3.72 -17.36
CA LYS A 172 1.86 3.91 -18.80
C LYS A 172 3.24 4.30 -19.33
N SER A 173 4.00 3.32 -19.77
CA SER A 173 5.34 3.56 -20.30
C SER A 173 5.61 2.69 -21.52
N ASP A 174 4.55 2.30 -22.20
CA ASP A 174 4.67 1.46 -23.39
C ASP A 174 4.19 2.21 -24.63
N CYS A 175 3.38 3.24 -24.41
CA CYS A 175 2.85 4.03 -25.52
C CYS A 175 3.97 4.51 -26.44
N ASP A 176 3.59 5.08 -27.58
CA ASP A 176 4.57 5.58 -28.53
C ASP A 176 5.40 4.43 -29.10
N CYS A 177 4.87 3.22 -29.01
CA CYS A 177 5.58 2.04 -29.51
C CYS A 177 4.58 0.99 -30.00
N GLU A 178 5.11 -0.08 -30.57
CA GLU A 178 4.27 -1.18 -31.08
C GLU A 178 3.88 -2.13 -29.96
N HIS A 179 2.71 -1.90 -29.38
CA HIS A 179 2.22 -2.75 -28.29
C HIS A 179 0.69 -2.74 -28.25
N SER A 180 0.11 -3.93 -28.08
CA SER A 180 -1.34 -4.06 -28.02
C SER A 180 -1.74 -5.39 -27.38
N PRO A 181 -1.41 -5.54 -26.09
CA PRO A 181 -1.72 -6.75 -25.33
C PRO A 181 -3.22 -6.90 -25.05
N GLY A 182 -3.59 -8.00 -24.42
CA GLY A 182 -5.00 -8.24 -24.11
C GLY A 182 -5.35 -7.87 -22.69
N PRO A 183 -6.10 -6.77 -22.52
CA PRO A 183 -6.52 -6.28 -21.21
C PRO A 183 -7.55 -7.20 -20.55
N SER A 184 -7.56 -7.20 -19.22
CA SER A 184 -8.49 -8.03 -18.48
C SER A 184 -9.83 -7.33 -18.30
N GLU A 185 -9.79 -6.03 -18.05
CA GLU A 185 -11.00 -5.25 -17.86
C GLU A 185 -11.66 -4.95 -19.21
#